data_5DHD
# 
_entry.id   5DHD 
# 
_audit_conform.dict_name       mmcif_pdbx.dic 
_audit_conform.dict_version    5.380 
_audit_conform.dict_location   http://mmcif.pdb.org/dictionaries/ascii/mmcif_pdbx.dic 
# 
loop_
_database_2.database_id 
_database_2.database_code 
_database_2.pdbx_database_accession 
_database_2.pdbx_DOI 
PDB   5DHD         pdb_00005dhd 10.2210/pdb5dhd/pdb 
WWPDB D_1000211354 ?            ?                   
# 
_pdbx_database_related.content_type   unspecified 
_pdbx_database_related.db_id          5DHE 
_pdbx_database_related.db_name        PDB 
_pdbx_database_related.details        . 
# 
_pdbx_database_status.status_code                     REL 
_pdbx_database_status.status_code_sf                  REL 
_pdbx_database_status.status_code_mr                  ? 
_pdbx_database_status.entry_id                        5DHD 
_pdbx_database_status.recvd_initial_deposition_date   2015-08-30 
_pdbx_database_status.SG_entry                        N 
_pdbx_database_status.deposit_site                    RCSB 
_pdbx_database_status.process_site                    PDBJ 
_pdbx_database_status.status_code_cs                  ? 
_pdbx_database_status.methods_development_category    ? 
_pdbx_database_status.pdb_format_compatible           Y 
_pdbx_database_status.status_code_nmr_data            ? 
# 
loop_
_audit_author.name 
_audit_author.pdbx_ordinal 
'Hibi, M.'   1 
'Niwa, S.'   2 
'Takeda, K.' 3 
'Miki, K.'   4 
# 
_citation.abstract                  ? 
_citation.abstract_id_CAS           ? 
_citation.book_id_ISBN              ? 
_citation.book_publisher            ? 
_citation.book_publisher_city       ? 
_citation.book_title                ? 
_citation.coordinate_linkage        ? 
_citation.country                   NE 
_citation.database_id_Medline       ? 
_citation.details                   ? 
_citation.id                        primary 
_citation.journal_abbrev            'Febs Lett.' 
_citation.journal_id_ASTM           FEBLAL 
_citation.journal_id_CSD            0165 
_citation.journal_id_ISSN           0014-5793 
_citation.journal_full              ? 
_citation.journal_issue             ? 
_citation.journal_volume            590 
_citation.language                  ? 
_citation.page_first                298 
_citation.page_last                 304 
_citation.title                     'Crystal structures of chitin binding domains of chitinase from Thermococcus kodakarensis KOD1' 
_citation.year                      2016 
_citation.database_id_CSD           ? 
_citation.pdbx_database_id_DOI      10.1002/1873-3468.12055 
_citation.pdbx_database_id_PubMed   26823175 
_citation.unpublished_flag          ? 
# 
loop_
_citation_author.citation_id 
_citation_author.name 
_citation_author.ordinal 
_citation_author.identifier_ORCID 
primary 'Hanazono, Y.'  1 ? 
primary 'Takeda, K.'    2 ? 
primary 'Niwa, S.'      3 ? 
primary 'Hibi, M.'      4 ? 
primary 'Takahashi, N.' 5 ? 
primary 'Kanai, T.'     6 ? 
primary 'Atomi, H.'     7 ? 
primary 'Miki, K.'      8 ? 
# 
_cell.angle_alpha                  90.000 
_cell.angle_alpha_esd              ? 
_cell.angle_beta                   90.000 
_cell.angle_beta_esd               ? 
_cell.angle_gamma                  120.000 
_cell.angle_gamma_esd              ? 
_cell.entry_id                     5DHD 
_cell.details                      ? 
_cell.formula_units_Z              ? 
_cell.length_a                     60.245 
_cell.length_a_esd                 ? 
_cell.length_b                     60.245 
_cell.length_b_esd                 ? 
_cell.length_c                     68.845 
_cell.length_c_esd                 ? 
_cell.volume                       ? 
_cell.volume_esd                   ? 
_cell.Z_PDB                        6 
_cell.reciprocal_angle_alpha       ? 
_cell.reciprocal_angle_beta        ? 
_cell.reciprocal_angle_gamma       ? 
_cell.reciprocal_angle_alpha_esd   ? 
_cell.reciprocal_angle_beta_esd    ? 
_cell.reciprocal_angle_gamma_esd   ? 
_cell.reciprocal_length_a          ? 
_cell.reciprocal_length_b          ? 
_cell.reciprocal_length_c          ? 
_cell.reciprocal_length_a_esd      ? 
_cell.reciprocal_length_b_esd      ? 
_cell.reciprocal_length_c_esd      ? 
_cell.pdbx_unique_axis             ? 
# 
_symmetry.entry_id                         5DHD 
_symmetry.cell_setting                     ? 
_symmetry.Int_Tables_number                170 
_symmetry.space_group_name_Hall            ? 
_symmetry.space_group_name_H-M             'P 65' 
_symmetry.pdbx_full_space_group_name_H-M   ? 
# 
loop_
_entity.id 
_entity.type 
_entity.src_method 
_entity.pdbx_description 
_entity.formula_weight 
_entity.pdbx_number_of_molecules 
_entity.pdbx_ec 
_entity.pdbx_mutation 
_entity.pdbx_fragment 
_entity.details 
1 polymer     man Chitinase                                                               10931.009 1  3.2.1.14 ? 
'UNP residues 621-720' ? 
2 non-polymer syn 'SULFATE ION'                                                           96.063    2  ?        ? ? ? 
3 non-polymer syn 3,6,9,12,15,18,21,24,27,30,33,36,39-TRIDECAOXAHENTETRACONTANE-1,41-DIOL 634.751   6  ?        ? ? ? 
4 water       nat water                                                                   18.015    60 ?        ? ? ? 
# 
_entity_name_com.entity_id   1 
_entity_name_com.name        'Chitinase,containing dual catalytic domains' 
# 
_entity_poly.entity_id                      1 
_entity_poly.type                           'polypeptide(L)' 
_entity_poly.nstd_linkage                   no 
_entity_poly.nstd_monomer                   no 
_entity_poly.pdbx_seq_one_letter_code       
;GDFVKPGSLSVKVTDWGNTEYDVTLNLGGTYDWVVKVKLKDGSSVSSFWSANKAEEGGYVVFTPVSWNRGPTATFGFIAT
GSESVEAIYLYVDGQLWDAW
;
_entity_poly.pdbx_seq_one_letter_code_can   
;GDFVKPGSLSVKVTDWGNTEYDVTLNLGGTYDWVVKVKLKDGSSVSSFWSANKAEEGGYVVFTPVSWNRGPTATFGFIAT
GSESVEAIYLYVDGQLWDAW
;
_entity_poly.pdbx_strand_id                 A 
_entity_poly.pdbx_target_identifier         ? 
# 
loop_
_entity_poly_seq.entity_id 
_entity_poly_seq.num 
_entity_poly_seq.mon_id 
_entity_poly_seq.hetero 
1 1   GLY n 
1 2   ASP n 
1 3   PHE n 
1 4   VAL n 
1 5   LYS n 
1 6   PRO n 
1 7   GLY n 
1 8   SER n 
1 9   LEU n 
1 10  SER n 
1 11  VAL n 
1 12  LYS n 
1 13  VAL n 
1 14  THR n 
1 15  ASP n 
1 16  TRP n 
1 17  GLY n 
1 18  ASN n 
1 19  THR n 
1 20  GLU n 
1 21  TYR n 
1 22  ASP n 
1 23  VAL n 
1 24  THR n 
1 25  LEU n 
1 26  ASN n 
1 27  LEU n 
1 28  GLY n 
1 29  GLY n 
1 30  THR n 
1 31  TYR n 
1 32  ASP n 
1 33  TRP n 
1 34  VAL n 
1 35  VAL n 
1 36  LYS n 
1 37  VAL n 
1 38  LYS n 
1 39  LEU n 
1 40  LYS n 
1 41  ASP n 
1 42  GLY n 
1 43  SER n 
1 44  SER n 
1 45  VAL n 
1 46  SER n 
1 47  SER n 
1 48  PHE n 
1 49  TRP n 
1 50  SER n 
1 51  ALA n 
1 52  ASN n 
1 53  LYS n 
1 54  ALA n 
1 55  GLU n 
1 56  GLU n 
1 57  GLY n 
1 58  GLY n 
1 59  TYR n 
1 60  VAL n 
1 61  VAL n 
1 62  PHE n 
1 63  THR n 
1 64  PRO n 
1 65  VAL n 
1 66  SER n 
1 67  TRP n 
1 68  ASN n 
1 69  ARG n 
1 70  GLY n 
1 71  PRO n 
1 72  THR n 
1 73  ALA n 
1 74  THR n 
1 75  PHE n 
1 76  GLY n 
1 77  PHE n 
1 78  ILE n 
1 79  ALA n 
1 80  THR n 
1 81  GLY n 
1 82  SER n 
1 83  GLU n 
1 84  SER n 
1 85  VAL n 
1 86  GLU n 
1 87  ALA n 
1 88  ILE n 
1 89  TYR n 
1 90  LEU n 
1 91  TYR n 
1 92  VAL n 
1 93  ASP n 
1 94  GLY n 
1 95  GLN n 
1 96  LEU n 
1 97  TRP n 
1 98  ASP n 
1 99  ALA n 
1 100 TRP n 
# 
_entity_src_gen.entity_id                          1 
_entity_src_gen.pdbx_src_id                        1 
_entity_src_gen.pdbx_alt_source_flag               sample 
_entity_src_gen.pdbx_seq_type                      'Biological sequence' 
_entity_src_gen.pdbx_beg_seq_num                   1 
_entity_src_gen.pdbx_end_seq_num                   100 
_entity_src_gen.gene_src_common_name               ? 
_entity_src_gen.gene_src_genus                     ? 
_entity_src_gen.pdbx_gene_src_gene                 'Pk-chiA, TK1765' 
_entity_src_gen.gene_src_species                   ? 
_entity_src_gen.gene_src_strain                    KOD1 
_entity_src_gen.gene_src_tissue                    ? 
_entity_src_gen.gene_src_tissue_fraction           ? 
_entity_src_gen.gene_src_details                   ? 
_entity_src_gen.pdbx_gene_src_fragment             ? 
_entity_src_gen.pdbx_gene_src_scientific_name      'Thermococcus kodakarensis KOD1' 
_entity_src_gen.pdbx_gene_src_ncbi_taxonomy_id     69014 
_entity_src_gen.pdbx_gene_src_variant              ? 
_entity_src_gen.pdbx_gene_src_cell_line            ? 
_entity_src_gen.pdbx_gene_src_atcc                 ? 
_entity_src_gen.pdbx_gene_src_organ                ? 
_entity_src_gen.pdbx_gene_src_organelle            ? 
_entity_src_gen.pdbx_gene_src_cell                 ? 
_entity_src_gen.pdbx_gene_src_cellular_location    ? 
_entity_src_gen.host_org_common_name               ? 
_entity_src_gen.pdbx_host_org_scientific_name      'Escherichia coli' 
_entity_src_gen.pdbx_host_org_ncbi_taxonomy_id     562 
_entity_src_gen.host_org_genus                     ? 
_entity_src_gen.pdbx_host_org_gene                 ? 
_entity_src_gen.pdbx_host_org_organ                ? 
_entity_src_gen.host_org_species                   ? 
_entity_src_gen.pdbx_host_org_tissue               ? 
_entity_src_gen.pdbx_host_org_tissue_fraction      ? 
_entity_src_gen.pdbx_host_org_strain               ? 
_entity_src_gen.pdbx_host_org_variant              ? 
_entity_src_gen.pdbx_host_org_cell_line            ? 
_entity_src_gen.pdbx_host_org_atcc                 ? 
_entity_src_gen.pdbx_host_org_culture_collection   ? 
_entity_src_gen.pdbx_host_org_cell                 ? 
_entity_src_gen.pdbx_host_org_organelle            ? 
_entity_src_gen.pdbx_host_org_cellular_location    ? 
_entity_src_gen.pdbx_host_org_vector_type          plasmid 
_entity_src_gen.pdbx_host_org_vector               ? 
_entity_src_gen.host_org_details                   ? 
_entity_src_gen.expression_system_id               ? 
_entity_src_gen.plasmid_name                       ? 
_entity_src_gen.plasmid_details                    ? 
_entity_src_gen.pdbx_description                   ? 
# 
_struct_ref.id                         1 
_struct_ref.db_name                    UNP 
_struct_ref.db_code                    Q9UWR7_THEKO 
_struct_ref.pdbx_db_accession          Q9UWR7 
_struct_ref.pdbx_db_isoform            ? 
_struct_ref.entity_id                  1 
_struct_ref.pdbx_seq_one_letter_code   
;GDFVKPGSLSVKVTDWGNTEYDVTLNLGGTYDWVVKVKLKDGSSVSSFWSANKAEEGGYVVFTPVSWNRGPTATFGFIAT
GSESVEAIYLYVDGQLWDAW
;
_struct_ref.pdbx_align_begin           621 
# 
_struct_ref_seq.align_id                      1 
_struct_ref_seq.ref_id                        1 
_struct_ref_seq.pdbx_PDB_id_code              5DHD 
_struct_ref_seq.pdbx_strand_id                A 
_struct_ref_seq.seq_align_beg                 1 
_struct_ref_seq.pdbx_seq_align_beg_ins_code   ? 
_struct_ref_seq.seq_align_end                 100 
_struct_ref_seq.pdbx_seq_align_end_ins_code   ? 
_struct_ref_seq.pdbx_db_accession             Q9UWR7 
_struct_ref_seq.db_align_beg                  621 
_struct_ref_seq.pdbx_db_align_beg_ins_code    ? 
_struct_ref_seq.db_align_end                  720 
_struct_ref_seq.pdbx_db_align_end_ins_code    ? 
_struct_ref_seq.pdbx_auth_seq_align_beg       621 
_struct_ref_seq.pdbx_auth_seq_align_end       720 
# 
loop_
_chem_comp.id 
_chem_comp.type 
_chem_comp.mon_nstd_flag 
_chem_comp.name 
_chem_comp.pdbx_synonyms 
_chem_comp.formula 
_chem_comp.formula_weight 
ALA 'L-peptide linking' y ALANINE                                                                 ?                     
'C3 H7 N O2'     89.093  
ARG 'L-peptide linking' y ARGININE                                                                ?                     
'C6 H15 N4 O2 1' 175.209 
ASN 'L-peptide linking' y ASPARAGINE                                                              ?                     
'C4 H8 N2 O3'    132.118 
ASP 'L-peptide linking' y 'ASPARTIC ACID'                                                         ?                     
'C4 H7 N O4'     133.103 
GLN 'L-peptide linking' y GLUTAMINE                                                               ?                     
'C5 H10 N2 O3'   146.144 
GLU 'L-peptide linking' y 'GLUTAMIC ACID'                                                         ?                     
'C5 H9 N O4'     147.129 
GLY 'peptide linking'   y GLYCINE                                                                 ?                     
'C2 H5 N O2'     75.067  
HOH non-polymer         . WATER                                                                   ?                     'H2 O' 
18.015  
ILE 'L-peptide linking' y ISOLEUCINE                                                              ?                     
'C6 H13 N O2'    131.173 
LEU 'L-peptide linking' y LEUCINE                                                                 ?                     
'C6 H13 N O2'    131.173 
LYS 'L-peptide linking' y LYSINE                                                                  ?                     
'C6 H15 N2 O2 1' 147.195 
PE3 non-polymer         . 3,6,9,12,15,18,21,24,27,30,33,36,39-TRIDECAOXAHENTETRACONTANE-1,41-DIOL 'POLYETHYLENE GLYCOL' 
'C28 H58 O15'    634.751 
PHE 'L-peptide linking' y PHENYLALANINE                                                           ?                     
'C9 H11 N O2'    165.189 
PRO 'L-peptide linking' y PROLINE                                                                 ?                     
'C5 H9 N O2'     115.130 
SER 'L-peptide linking' y SERINE                                                                  ?                     
'C3 H7 N O3'     105.093 
SO4 non-polymer         . 'SULFATE ION'                                                           ?                     'O4 S -2' 
96.063  
THR 'L-peptide linking' y THREONINE                                                               ?                     
'C4 H9 N O3'     119.119 
TRP 'L-peptide linking' y TRYPTOPHAN                                                              ?                     
'C11 H12 N2 O2'  204.225 
TYR 'L-peptide linking' y TYROSINE                                                                ?                     
'C9 H11 N O3'    181.189 
VAL 'L-peptide linking' y VALINE                                                                  ?                     
'C5 H11 N O2'    117.146 
# 
_exptl.absorpt_coefficient_mu     ? 
_exptl.absorpt_correction_T_max   ? 
_exptl.absorpt_correction_T_min   ? 
_exptl.absorpt_correction_type    ? 
_exptl.absorpt_process_details    ? 
_exptl.entry_id                   5DHD 
_exptl.crystals_number            1 
_exptl.details                    ? 
_exptl.method                     'X-RAY DIFFRACTION' 
_exptl.method_details             ? 
# 
_exptl_crystal.colour                      ? 
_exptl_crystal.density_diffrn              ? 
_exptl_crystal.density_Matthews            3.30 
_exptl_crystal.density_method              ? 
_exptl_crystal.density_percent_sol         62.72 
_exptl_crystal.description                 ? 
_exptl_crystal.F_000                       ? 
_exptl_crystal.id                          1 
_exptl_crystal.preparation                 ? 
_exptl_crystal.size_max                    ? 
_exptl_crystal.size_mid                    ? 
_exptl_crystal.size_min                    ? 
_exptl_crystal.size_rad                    ? 
_exptl_crystal.colour_lustre               ? 
_exptl_crystal.colour_modifier             ? 
_exptl_crystal.colour_primary              ? 
_exptl_crystal.density_meas                ? 
_exptl_crystal.density_meas_esd            ? 
_exptl_crystal.density_meas_gt             ? 
_exptl_crystal.density_meas_lt             ? 
_exptl_crystal.density_meas_temp           ? 
_exptl_crystal.density_meas_temp_esd       ? 
_exptl_crystal.density_meas_temp_gt        ? 
_exptl_crystal.density_meas_temp_lt        ? 
_exptl_crystal.pdbx_crystal_image_url      ? 
_exptl_crystal.pdbx_crystal_image_format   ? 
_exptl_crystal.pdbx_mosaicity              ? 
_exptl_crystal.pdbx_mosaicity_esd          ? 
# 
_exptl_crystal_grow.apparatus       ? 
_exptl_crystal_grow.atmosphere      ? 
_exptl_crystal_grow.crystal_id      1 
_exptl_crystal_grow.details         ? 
_exptl_crystal_grow.method          'VAPOR DIFFUSION, SITTING DROP' 
_exptl_crystal_grow.method_ref      ? 
_exptl_crystal_grow.pH              6.5 
_exptl_crystal_grow.pressure        ? 
_exptl_crystal_grow.pressure_esd    ? 
_exptl_crystal_grow.seeding         ? 
_exptl_crystal_grow.seeding_ref     ? 
_exptl_crystal_grow.temp            298 
_exptl_crystal_grow.temp_details    ? 
_exptl_crystal_grow.temp_esd        ? 
_exptl_crystal_grow.time            ? 
_exptl_crystal_grow.pdbx_details    'PEGMME 5000, ammonium sulfate, MES' 
_exptl_crystal_grow.pdbx_pH_range   ? 
# 
_diffrn.ambient_environment    ? 
_diffrn.ambient_temp           100 
_diffrn.ambient_temp_details   ? 
_diffrn.ambient_temp_esd       ? 
_diffrn.crystal_id             1 
_diffrn.crystal_support        ? 
_diffrn.crystal_treatment      ? 
_diffrn.details                ? 
_diffrn.id                     1 
_diffrn.ambient_pressure       ? 
_diffrn.ambient_pressure_esd   ? 
_diffrn.ambient_pressure_gt    ? 
_diffrn.ambient_pressure_lt    ? 
_diffrn.ambient_temp_gt        ? 
_diffrn.ambient_temp_lt        ? 
# 
_diffrn_detector.details                      ? 
_diffrn_detector.detector                     CCD 
_diffrn_detector.diffrn_id                    1 
_diffrn_detector.type                         'MARMOSAIC 225 mm CCD' 
_diffrn_detector.area_resol_mean              ? 
_diffrn_detector.dtime                        ? 
_diffrn_detector.pdbx_frames_total            ? 
_diffrn_detector.pdbx_collection_time_total   ? 
_diffrn_detector.pdbx_collection_date         2013-12-09 
# 
_diffrn_radiation.collimation                      ? 
_diffrn_radiation.diffrn_id                        1 
_diffrn_radiation.filter_edge                      ? 
_diffrn_radiation.inhomogeneity                    ? 
_diffrn_radiation.monochromator                    ? 
_diffrn_radiation.polarisn_norm                    ? 
_diffrn_radiation.polarisn_ratio                   ? 
_diffrn_radiation.probe                            ? 
_diffrn_radiation.type                             ? 
_diffrn_radiation.xray_symbol                      ? 
_diffrn_radiation.wavelength_id                    1 
_diffrn_radiation.pdbx_monochromatic_or_laue_m_l   M 
_diffrn_radiation.pdbx_wavelength_list             ? 
_diffrn_radiation.pdbx_wavelength                  ? 
_diffrn_radiation.pdbx_diffrn_protocol             'SINGLE WAVELENGTH' 
_diffrn_radiation.pdbx_analyzer                    ? 
_diffrn_radiation.pdbx_scattering_type             x-ray 
# 
_diffrn_radiation_wavelength.id           1 
_diffrn_radiation_wavelength.wavelength   1.0 
_diffrn_radiation_wavelength.wt           1.0 
# 
_diffrn_source.current                     ? 
_diffrn_source.details                     ? 
_diffrn_source.diffrn_id                   1 
_diffrn_source.power                       ? 
_diffrn_source.size                        ? 
_diffrn_source.source                      SYNCHROTRON 
_diffrn_source.target                      ? 
_diffrn_source.type                        'SPRING-8 BEAMLINE BL26B2' 
_diffrn_source.voltage                     ? 
_diffrn_source.take-off_angle              ? 
_diffrn_source.pdbx_wavelength_list        1.0 
_diffrn_source.pdbx_wavelength             ? 
_diffrn_source.pdbx_synchrotron_beamline   BL26B2 
_diffrn_source.pdbx_synchrotron_site       SPring-8 
# 
_reflns.B_iso_Wilson_estimate            ? 
_reflns.entry_id                         5DHD 
_reflns.data_reduction_details           ? 
_reflns.data_reduction_method            ? 
_reflns.d_resolution_high                1.270 
_reflns.d_resolution_low                 50.000 
_reflns.details                          ? 
_reflns.limit_h_max                      ? 
_reflns.limit_h_min                      ? 
_reflns.limit_k_max                      ? 
_reflns.limit_k_min                      ? 
_reflns.limit_l_max                      ? 
_reflns.limit_l_min                      ? 
_reflns.number_all                       ? 
_reflns.number_obs                       36880 
_reflns.observed_criterion               ? 
_reflns.observed_criterion_F_max         ? 
_reflns.observed_criterion_F_min         ? 
_reflns.observed_criterion_I_max         ? 
_reflns.observed_criterion_I_min         ? 
_reflns.observed_criterion_sigma_F       ? 
_reflns.observed_criterion_sigma_I       ? 
_reflns.percent_possible_obs             98.900 
_reflns.R_free_details                   ? 
_reflns.Rmerge_F_all                     ? 
_reflns.Rmerge_F_obs                     ? 
_reflns.Friedel_coverage                 ? 
_reflns.number_gt                        ? 
_reflns.threshold_expression             ? 
_reflns.pdbx_redundancy                  7.200 
_reflns.pdbx_Rmerge_I_obs                0.062 
_reflns.pdbx_Rmerge_I_all                ? 
_reflns.pdbx_Rsym_value                  ? 
_reflns.pdbx_netI_over_av_sigmaI         39.200 
_reflns.pdbx_netI_over_sigmaI            14.100 
_reflns.pdbx_res_netI_over_av_sigmaI_2   ? 
_reflns.pdbx_res_netI_over_sigmaI_2      ? 
_reflns.pdbx_chi_squared                 1.637 
_reflns.pdbx_scaling_rejects             ? 
_reflns.pdbx_d_res_high_opt              ? 
_reflns.pdbx_d_res_low_opt               ? 
_reflns.pdbx_d_res_opt_method            ? 
_reflns.phase_calculation_details        ? 
_reflns.pdbx_Rrim_I_all                  ? 
_reflns.pdbx_Rpim_I_all                  ? 
_reflns.pdbx_d_opt                       ? 
_reflns.pdbx_number_measured_all         264688 
_reflns.pdbx_diffrn_id                   1 
_reflns.pdbx_ordinal                     1 
_reflns.pdbx_CC_half                     ? 
_reflns.pdbx_R_split                     ? 
# 
loop_
_reflns_shell.d_res_high 
_reflns_shell.d_res_low 
_reflns_shell.meanI_over_sigI_all 
_reflns_shell.meanI_over_sigI_obs 
_reflns_shell.number_measured_all 
_reflns_shell.number_measured_obs 
_reflns_shell.number_possible 
_reflns_shell.number_unique_all 
_reflns_shell.number_unique_obs 
_reflns_shell.percent_possible_all 
_reflns_shell.percent_possible_obs 
_reflns_shell.Rmerge_F_all 
_reflns_shell.Rmerge_F_obs 
_reflns_shell.Rmerge_I_all 
_reflns_shell.Rmerge_I_obs 
_reflns_shell.meanI_over_sigI_gt 
_reflns_shell.meanI_over_uI_all 
_reflns_shell.meanI_over_uI_gt 
_reflns_shell.number_measured_gt 
_reflns_shell.number_unique_gt 
_reflns_shell.percent_possible_gt 
_reflns_shell.Rmerge_F_gt 
_reflns_shell.Rmerge_I_gt 
_reflns_shell.pdbx_redundancy 
_reflns_shell.pdbx_Rsym_value 
_reflns_shell.pdbx_chi_squared 
_reflns_shell.pdbx_netI_over_sigmaI_all 
_reflns_shell.pdbx_netI_over_sigmaI_obs 
_reflns_shell.pdbx_Rrim_I_all 
_reflns_shell.pdbx_Rpim_I_all 
_reflns_shell.pdbx_rejects 
_reflns_shell.pdbx_ordinal 
_reflns_shell.pdbx_diffrn_id 
_reflns_shell.pdbx_CC_half 
_reflns_shell.pdbx_R_split 
1.270 1.290  ? ? ? ? ? 1580 ? 86.600  ? ? ? ? 0.377 ? ? ? ? ? ? ? ? 2.600  ? 1.056 ? ? ? ? 0 1  1 ? ? 
1.290 1.320  ? ? ? ? ? 1819 ? 97.100  ? ? ? ? 0.410 ? ? ? ? ? ? ? ? 3.600  ? 1.105 ? ? ? ? 0 2  1 ? ? 
1.320 1.340  ? ? ? ? ? 1845 ? 99.300  ? ? ? ? 0.404 ? ? ? ? ? ? ? ? 4.200  ? 1.120 ? ? ? ? 0 3  1 ? ? 
1.340 1.370  ? ? ? ? ? 1842 ? 99.100  ? ? ? ? 0.386 ? ? ? ? ? ? ? ? 4.700  ? 1.196 ? ? ? ? 0 4  1 ? ? 
1.370 1.400  ? ? ? ? ? 1840 ? 99.200  ? ? ? ? 0.383 ? ? ? ? ? ? ? ? 4.800  ? 1.235 ? ? ? ? 0 5  1 ? ? 
1.400 1.430  ? ? ? ? ? 1869 ? 99.600  ? ? ? ? 0.359 ? ? ? ? ? ? ? ? 5.200  ? 1.352 ? ? ? ? 0 6  1 ? ? 
1.430 1.470  ? ? ? ? ? 1838 ? 99.600  ? ? ? ? 0.342 ? ? ? ? ? ? ? ? 5.400  ? 1.462 ? ? ? ? 0 7  1 ? ? 
1.470 1.510  ? ? ? ? ? 1852 ? 99.500  ? ? ? ? 0.305 ? ? ? ? ? ? ? ? 5.800  ? 1.610 ? ? ? ? 0 8  1 ? ? 
1.510 1.550  ? ? ? ? ? 1842 ? 99.700  ? ? ? ? 0.266 ? ? ? ? ? ? ? ? 6.300  ? 1.708 ? ? ? ? 0 9  1 ? ? 
1.550 1.600  ? ? ? ? ? 1853 ? 99.500  ? ? ? ? 0.226 ? ? ? ? ? ? ? ? 6.800  ? 1.919 ? ? ? ? 0 10 1 ? ? 
1.600 1.660  ? ? ? ? ? 1855 ? 100.000 ? ? ? ? 0.210 ? ? ? ? ? ? ? ? 7.100  ? 1.823 ? ? ? ? 0 11 1 ? ? 
1.660 1.720  ? ? ? ? ? 1879 ? 99.700  ? ? ? ? 0.175 ? ? ? ? ? ? ? ? 7.500  ? 1.921 ? ? ? ? 0 12 1 ? ? 
1.720 1.800  ? ? ? ? ? 1839 ? 99.900  ? ? ? ? 0.143 ? ? ? ? ? ? ? ? 8.100  ? 1.838 ? ? ? ? 0 13 1 ? ? 
1.800 1.900  ? ? ? ? ? 1877 ? 99.900  ? ? ? ? 0.123 ? ? ? ? ? ? ? ? 8.700  ? 1.814 ? ? ? ? 0 14 1 ? ? 
1.900 2.020  ? ? ? ? ? 1855 ? 99.800  ? ? ? ? 0.121 ? ? ? ? ? ? ? ? 9.300  ? 1.665 ? ? ? ? 0 15 1 ? ? 
2.020 2.170  ? ? ? ? ? 1876 ? 99.900  ? ? ? ? 0.133 ? ? ? ? ? ? ? ? 9.800  ? 1.756 ? ? ? ? 0 16 1 ? ? 
2.170 2.390  ? ? ? ? ? 1865 ? 99.900  ? ? ? ? 0.138 ? ? ? ? ? ? ? ? 10.200 ? 1.766 ? ? ? ? 0 17 1 ? ? 
2.390 2.740  ? ? ? ? ? 1875 ? 99.900  ? ? ? ? 0.103 ? ? ? ? ? ? ? ? 10.400 ? 1.656 ? ? ? ? 0 18 1 ? ? 
2.740 3.450  ? ? ? ? ? 1877 ? 99.800  ? ? ? ? 0.045 ? ? ? ? ? ? ? ? 10.900 ? 1.473 ? ? ? ? 0 19 1 ? ? 
3.450 50.000 ? ? ? ? ? 1902 ? 99.100  ? ? ? ? 0.030 ? ? ? ? ? ? ? ? 11.000 ? 1.669 ? ? ? ? 0 20 1 ? ? 
# 
_refine.aniso_B[1][1]                            1.1190 
_refine.aniso_B[1][2]                            0.0000 
_refine.aniso_B[1][3]                            0.0000 
_refine.aniso_B[2][2]                            1.1190 
_refine.aniso_B[2][3]                            0.0000 
_refine.aniso_B[3][3]                            -2.2370 
_refine.B_iso_max                                70.000 
_refine.B_iso_mean                               21.7732 
_refine.B_iso_min                                7.280 
_refine.correlation_coeff_Fo_to_Fc               ? 
_refine.correlation_coeff_Fo_to_Fc_free          ? 
_refine.details                                  ? 
_refine.diff_density_max                         ? 
_refine.diff_density_max_esd                     ? 
_refine.diff_density_min                         ? 
_refine.diff_density_min_esd                     ? 
_refine.diff_density_rms                         ? 
_refine.diff_density_rms_esd                     ? 
_refine.entry_id                                 5DHD 
_refine.pdbx_refine_id                           'X-RAY DIFFRACTION' 
_refine.ls_abs_structure_details                 ? 
_refine.ls_abs_structure_Flack                   ? 
_refine.ls_abs_structure_Flack_esd               ? 
_refine.ls_abs_structure_Rogers                  ? 
_refine.ls_abs_structure_Rogers_esd              ? 
_refine.ls_d_res_high                            1.2700 
_refine.ls_d_res_low                             50.0000 
_refine.ls_extinction_coef                       ? 
_refine.ls_extinction_coef_esd                   ? 
_refine.ls_extinction_expression                 ? 
_refine.ls_extinction_method                     ? 
_refine.ls_goodness_of_fit_all                   ? 
_refine.ls_goodness_of_fit_all_esd               ? 
_refine.ls_goodness_of_fit_obs                   ? 
_refine.ls_goodness_of_fit_obs_esd               ? 
_refine.ls_hydrogen_treatment                    ? 
_refine.ls_matrix_type                           ? 
_refine.ls_number_constraints                    ? 
_refine.ls_number_parameters                     ? 
_refine.ls_number_reflns_all                     ? 
_refine.ls_number_reflns_obs                     36857 
_refine.ls_number_reflns_R_free                  1827 
_refine.ls_number_reflns_R_work                  35030 
_refine.ls_number_restraints                     ? 
_refine.ls_percent_reflns_obs                    98.6000 
_refine.ls_percent_reflns_R_free                 4.9000 
_refine.ls_R_factor_all                          ? 
_refine.ls_R_factor_obs                          ? 
_refine.ls_R_factor_R_free                       0.1946 
_refine.ls_R_factor_R_free_error                 ? 
_refine.ls_R_factor_R_free_error_details         ? 
_refine.ls_R_factor_R_work                       0.1954 
_refine.ls_R_Fsqd_factor_obs                     ? 
_refine.ls_R_I_factor_obs                        ? 
_refine.ls_redundancy_reflns_all                 ? 
_refine.ls_redundancy_reflns_obs                 ? 
_refine.ls_restrained_S_all                      ? 
_refine.ls_restrained_S_obs                      ? 
_refine.ls_shift_over_esd_max                    ? 
_refine.ls_shift_over_esd_mean                   ? 
_refine.ls_structure_factor_coef                 ? 
_refine.ls_weighting_details                     ? 
_refine.ls_weighting_scheme                      ? 
_refine.ls_wR_factor_all                         ? 
_refine.ls_wR_factor_obs                         ? 
_refine.ls_wR_factor_R_free                      ? 
_refine.ls_wR_factor_R_work                      ? 
_refine.occupancy_max                            ? 
_refine.occupancy_min                            ? 
_refine.solvent_model_details                    ? 
_refine.solvent_model_param_bsol                 62.8652 
_refine.solvent_model_param_ksol                 ? 
_refine.ls_R_factor_gt                           ? 
_refine.ls_goodness_of_fit_gt                    ? 
_refine.ls_goodness_of_fit_ref                   ? 
_refine.ls_shift_over_su_max                     ? 
_refine.ls_shift_over_su_max_lt                  ? 
_refine.ls_shift_over_su_mean                    ? 
_refine.ls_shift_over_su_mean_lt                 ? 
_refine.pdbx_ls_sigma_I                          ? 
_refine.pdbx_ls_sigma_F                          0.000 
_refine.pdbx_ls_sigma_Fsqd                       ? 
_refine.pdbx_data_cutoff_high_absF               ? 
_refine.pdbx_data_cutoff_high_rms_absF           ? 
_refine.pdbx_data_cutoff_low_absF                ? 
_refine.pdbx_isotropic_thermal_model             ? 
_refine.pdbx_ls_cross_valid_method               'FREE R-VALUE' 
_refine.pdbx_method_to_determine_struct          'MOLECULAR REPLACEMENT' 
_refine.pdbx_starting_model                      5DHE 
_refine.pdbx_stereochemistry_target_values       ? 
_refine.pdbx_R_Free_selection_details            ? 
_refine.pdbx_stereochem_target_val_spec_case     ? 
_refine.pdbx_overall_ESU_R                       ? 
_refine.pdbx_overall_ESU_R_Free                  ? 
_refine.pdbx_solvent_vdw_probe_radii             ? 
_refine.pdbx_solvent_ion_probe_radii             ? 
_refine.pdbx_solvent_shrinkage_radii             ? 
_refine.pdbx_real_space_R                        ? 
_refine.pdbx_density_correlation                 ? 
_refine.pdbx_pd_number_of_powder_patterns        ? 
_refine.pdbx_pd_number_of_points                 ? 
_refine.pdbx_pd_meas_number_of_points            ? 
_refine.pdbx_pd_proc_ls_prof_R_factor            ? 
_refine.pdbx_pd_proc_ls_prof_wR_factor           ? 
_refine.pdbx_pd_Marquardt_correlation_coeff      ? 
_refine.pdbx_pd_Fsqrd_R_factor                   ? 
_refine.pdbx_pd_ls_matrix_band_width             ? 
_refine.pdbx_overall_phase_error                 ? 
_refine.pdbx_overall_SU_R_free_Cruickshank_DPI   ? 
_refine.pdbx_overall_SU_R_free_Blow_DPI          ? 
_refine.pdbx_overall_SU_R_Blow_DPI               ? 
_refine.pdbx_TLS_residual_ADP_flag               ? 
_refine.pdbx_diffrn_id                           1 
_refine.overall_SU_B                             ? 
_refine.overall_SU_ML                            ? 
_refine.overall_SU_R_Cruickshank_DPI             ? 
_refine.overall_SU_R_free                        ? 
_refine.overall_FOM_free_R_set                   ? 
_refine.overall_FOM_work_R_set                   0.8546 
_refine.pdbx_average_fsc_overall                 ? 
_refine.pdbx_average_fsc_work                    ? 
_refine.pdbx_average_fsc_free                    ? 
# 
_refine_hist.cycle_id                         final 
_refine_hist.pdbx_refine_id                   'X-RAY DIFFRACTION' 
_refine_hist.d_res_high                       1.2700 
_refine_hist.d_res_low                        50.0000 
_refine_hist.pdbx_number_atoms_ligand         104 
_refine_hist.number_atoms_solvent             60 
_refine_hist.number_atoms_total               929 
_refine_hist.pdbx_number_residues_total       98 
_refine_hist.pdbx_B_iso_mean_ligand           46.61 
_refine_hist.pdbx_B_iso_mean_solvent          32.47 
_refine_hist.pdbx_number_atoms_protein        765 
_refine_hist.pdbx_number_atoms_nucleic_acid   0 
# 
loop_
_refine_ls_restr.pdbx_refine_id 
_refine_ls_restr.criterion 
_refine_ls_restr.dev_ideal 
_refine_ls_restr.dev_ideal_target 
_refine_ls_restr.number 
_refine_ls_restr.rejects 
_refine_ls_restr.type 
_refine_ls_restr.weight 
_refine_ls_restr.pdbx_restraint_function 
'X-RAY DIFFRACTION' ? 2.095 1.500 ? ? c_mcbond_it  ? ? 
'X-RAY DIFFRACTION' ? 2.534 2.000 ? ? c_scbond_it  ? ? 
'X-RAY DIFFRACTION' ? 3.514 2.000 ? ? c_mcangle_it ? ? 
'X-RAY DIFFRACTION' ? 3.912 2.500 ? ? c_scangle_it ? ? 
# 
_refine_ls_shell.R_factor_R_free                  0.4048 
_refine_ls_shell.R_factor_R_free_error            ? 
_refine_ls_shell.R_factor_R_work                  0.3710 
_refine_ls_shell.R_factor_all                     ? 
_refine_ls_shell.R_factor_obs                     ? 
_refine_ls_shell.d_res_high                       1.27 
_refine_ls_shell.d_res_low                        1.28 
_refine_ls_shell.number_reflns_R_free             ? 
_refine_ls_shell.number_reflns_R_work             ? 
_refine_ls_shell.number_reflns_all                ? 
_refine_ls_shell.number_reflns_obs                ? 
_refine_ls_shell.pdbx_fsc_free                    ? 
_refine_ls_shell.pdbx_fsc_work                    ? 
_refine_ls_shell.pdbx_phase_error                 ? 
_refine_ls_shell.pdbx_refine_id                   'X-RAY DIFFRACTION' 
_refine_ls_shell.pdbx_total_number_of_bins_used   ? 
_refine_ls_shell.percent_reflns_R_free            ? 
_refine_ls_shell.percent_reflns_obs               ? 
_refine_ls_shell.redundancy_reflns_all            ? 
_refine_ls_shell.redundancy_reflns_obs            ? 
_refine_ls_shell.wR_factor_R_free                 ? 
_refine_ls_shell.wR_factor_R_work                 ? 
_refine_ls_shell.wR_factor_all                    ? 
_refine_ls_shell.wR_factor_obs                    ? 
# 
loop_
_pdbx_xplor_file.pdbx_refine_id 
_pdbx_xplor_file.serial_no 
_pdbx_xplor_file.param_file 
_pdbx_xplor_file.topol_file 
'X-RAY DIFFRACTION' 1 CNS_TOPPAR:protein_rep.param ? 
'X-RAY DIFFRACTION' 2 CNS_TOPPAR:water_rep.param   ? 
'X-RAY DIFFRACTION' 3 so4.param                    ? 
'X-RAY DIFFRACTION' 4 pe3.param                    ? 
# 
_struct.entry_id                     5DHD 
_struct.title                        'Crystal structure of ChBD2 from Thermococcus kodakarensis KOD1' 
_struct.pdbx_model_details           ? 
_struct.pdbx_formula_weight          ? 
_struct.pdbx_formula_weight_method   ? 
_struct.pdbx_model_type_details      ? 
_struct.pdbx_CASP_flag               ? 
# 
_struct_keywords.entry_id        5DHD 
_struct_keywords.text            'chitin, chitinase, chitin binding domain, HYDROLASE' 
_struct_keywords.pdbx_keywords   HYDROLASE 
# 
loop_
_struct_asym.id 
_struct_asym.pdbx_blank_PDB_chainid_flag 
_struct_asym.pdbx_modified 
_struct_asym.entity_id 
_struct_asym.details 
A N N 1 ? 
B N N 2 ? 
C N N 2 ? 
D N N 3 ? 
E N N 3 ? 
F N N 3 ? 
G N N 3 ? 
H N N 3 ? 
I N N 3 ? 
J N N 4 ? 
# 
_struct_mon_prot_cis.pdbx_id                1 
_struct_mon_prot_cis.label_comp_id          GLY 
_struct_mon_prot_cis.label_seq_id           70 
_struct_mon_prot_cis.label_asym_id          A 
_struct_mon_prot_cis.label_alt_id           . 
_struct_mon_prot_cis.pdbx_PDB_ins_code      ? 
_struct_mon_prot_cis.auth_comp_id           GLY 
_struct_mon_prot_cis.auth_seq_id            690 
_struct_mon_prot_cis.auth_asym_id           A 
_struct_mon_prot_cis.pdbx_label_comp_id_2   PRO 
_struct_mon_prot_cis.pdbx_label_seq_id_2    71 
_struct_mon_prot_cis.pdbx_label_asym_id_2   A 
_struct_mon_prot_cis.pdbx_PDB_ins_code_2    ? 
_struct_mon_prot_cis.pdbx_auth_comp_id_2    PRO 
_struct_mon_prot_cis.pdbx_auth_seq_id_2     691 
_struct_mon_prot_cis.pdbx_auth_asym_id_2    A 
_struct_mon_prot_cis.pdbx_PDB_model_num     1 
_struct_mon_prot_cis.pdbx_omega_angle       -0.02 
# 
loop_
_struct_sheet.id 
_struct_sheet.type 
_struct_sheet.number_strands 
_struct_sheet.details 
AA1 ? 4 ? 
AA2 ? 5 ? 
# 
loop_
_struct_sheet_order.sheet_id 
_struct_sheet_order.range_id_1 
_struct_sheet_order.range_id_2 
_struct_sheet_order.offset 
_struct_sheet_order.sense 
AA1 1 2 ? anti-parallel 
AA1 2 3 ? anti-parallel 
AA1 3 4 ? anti-parallel 
AA2 1 2 ? anti-parallel 
AA2 2 3 ? anti-parallel 
AA2 3 4 ? anti-parallel 
AA2 4 5 ? anti-parallel 
# 
loop_
_struct_sheet_range.sheet_id 
_struct_sheet_range.id 
_struct_sheet_range.beg_label_comp_id 
_struct_sheet_range.beg_label_asym_id 
_struct_sheet_range.beg_label_seq_id 
_struct_sheet_range.pdbx_beg_PDB_ins_code 
_struct_sheet_range.end_label_comp_id 
_struct_sheet_range.end_label_asym_id 
_struct_sheet_range.end_label_seq_id 
_struct_sheet_range.pdbx_end_PDB_ins_code 
_struct_sheet_range.beg_auth_comp_id 
_struct_sheet_range.beg_auth_asym_id 
_struct_sheet_range.beg_auth_seq_id 
_struct_sheet_range.end_auth_comp_id 
_struct_sheet_range.end_auth_asym_id 
_struct_sheet_range.end_auth_seq_id 
AA1 1 LEU A 9  ? ASP A 15  ? LEU A 629 ASP A 635 
AA1 2 THR A 19 ? ASN A 26  ? THR A 639 ASN A 646 
AA1 3 THR A 72 ? ALA A 79  ? THR A 692 ALA A 699 
AA1 4 VAL A 45 ? TRP A 49  ? VAL A 665 TRP A 669 
AA2 1 ALA A 51 ? GLU A 56  ? ALA A 671 GLU A 676 
AA2 2 TYR A 59 ? PRO A 64  ? TYR A 679 PRO A 684 
AA2 3 VAL A 34 ? LEU A 39  ? VAL A 654 LEU A 659 
AA2 4 VAL A 85 ? VAL A 92  ? VAL A 705 VAL A 712 
AA2 5 GLN A 95 ? TRP A 100 ? GLN A 715 TRP A 720 
# 
loop_
_pdbx_struct_sheet_hbond.sheet_id 
_pdbx_struct_sheet_hbond.range_id_1 
_pdbx_struct_sheet_hbond.range_id_2 
_pdbx_struct_sheet_hbond.range_1_label_atom_id 
_pdbx_struct_sheet_hbond.range_1_label_comp_id 
_pdbx_struct_sheet_hbond.range_1_label_asym_id 
_pdbx_struct_sheet_hbond.range_1_label_seq_id 
_pdbx_struct_sheet_hbond.range_1_PDB_ins_code 
_pdbx_struct_sheet_hbond.range_1_auth_atom_id 
_pdbx_struct_sheet_hbond.range_1_auth_comp_id 
_pdbx_struct_sheet_hbond.range_1_auth_asym_id 
_pdbx_struct_sheet_hbond.range_1_auth_seq_id 
_pdbx_struct_sheet_hbond.range_2_label_atom_id 
_pdbx_struct_sheet_hbond.range_2_label_comp_id 
_pdbx_struct_sheet_hbond.range_2_label_asym_id 
_pdbx_struct_sheet_hbond.range_2_label_seq_id 
_pdbx_struct_sheet_hbond.range_2_PDB_ins_code 
_pdbx_struct_sheet_hbond.range_2_auth_atom_id 
_pdbx_struct_sheet_hbond.range_2_auth_comp_id 
_pdbx_struct_sheet_hbond.range_2_auth_asym_id 
_pdbx_struct_sheet_hbond.range_2_auth_seq_id 
AA1 1 2 N THR A 14 ? N THR A 634 O GLU A 20  ? O GLU A 640 
AA1 2 3 N LEU A 25 ? N LEU A 645 O ALA A 73  ? O ALA A 693 
AA1 3 4 O ILE A 78 ? O ILE A 698 N SER A 47  ? N SER A 667 
AA2 1 2 N ALA A 54 ? N ALA A 674 O VAL A 61  ? O VAL A 681 
AA2 2 3 O PHE A 62 ? O PHE A 682 N VAL A 35  ? N VAL A 655 
AA2 3 4 N VAL A 34 ? N VAL A 654 O TYR A 91  ? O TYR A 711 
AA2 4 5 N ILE A 88 ? N ILE A 708 O TRP A 100 ? O TRP A 720 
# 
loop_
_struct_site.id 
_struct_site.pdbx_evidence_code 
_struct_site.pdbx_auth_asym_id 
_struct_site.pdbx_auth_comp_id 
_struct_site.pdbx_auth_seq_id 
_struct_site.pdbx_auth_ins_code 
_struct_site.pdbx_num_residues 
_struct_site.details 
AC1 Software A SO4 801 ? 8 'binding site for residue SO4 A 801' 
AC2 Software A SO4 802 ? 5 'binding site for residue SO4 A 802' 
AC3 Software A PE3 803 ? 6 'binding site for residue PE3 A 803' 
AC4 Software A PE3 804 ? 6 'binding site for residue PE3 A 804' 
AC5 Software A PE3 805 ? 2 'binding site for residue PE3 A 805' 
AC6 Software A PE3 806 ? 3 'binding site for residue PE3 A 806' 
AC7 Software A PE3 807 ? 6 'binding site for residue PE3 A 807' 
AC8 Software A PE3 808 ? 3 'binding site for residue PE3 A 808' 
# 
loop_
_struct_site_gen.id 
_struct_site_gen.site_id 
_struct_site_gen.pdbx_num_res 
_struct_site_gen.label_comp_id 
_struct_site_gen.label_asym_id 
_struct_site_gen.label_seq_id 
_struct_site_gen.pdbx_auth_ins_code 
_struct_site_gen.auth_comp_id 
_struct_site_gen.auth_asym_id 
_struct_site_gen.auth_seq_id 
_struct_site_gen.label_atom_id 
_struct_site_gen.label_alt_id 
_struct_site_gen.symmetry 
_struct_site_gen.details 
1  AC1 8 THR A 30  ? THR A 650 . ? 2_654 ? 
2  AC1 8 GLU A 56  ? GLU A 676 . ? 1_555 ? 
3  AC1 8 GLY A 57  ? GLY A 677 . ? 1_555 ? 
4  AC1 8 GLY A 58  ? GLY A 678 . ? 1_555 ? 
5  AC1 8 ARG A 69  ? ARG A 689 . ? 2_654 ? 
6  AC1 8 HOH J .   ? HOH A 933 . ? 1_555 ? 
7  AC1 8 HOH J .   ? HOH A 938 . ? 1_555 ? 
8  AC1 8 HOH J .   ? HOH A 945 . ? 1_555 ? 
9  AC2 5 LYS A 53  ? LYS A 673 . ? 1_555 ? 
10 AC2 5 ALA A 54  ? ALA A 674 . ? 1_555 ? 
11 AC2 5 GLU A 55  ? GLU A 675 . ? 1_555 ? 
12 AC2 5 GLU A 83  ? GLU A 703 . ? 6_654 ? 
13 AC2 5 PE3 H .   ? PE3 A 807 . ? 6_654 ? 
14 AC3 6 SER A 10  ? SER A 630 . ? 1_555 ? 
15 AC3 6 LYS A 12  ? LYS A 632 . ? 1_555 ? 
16 AC3 6 THR A 14  ? THR A 634 . ? 1_555 ? 
17 AC3 6 ASP A 22  ? ASP A 642 . ? 1_555 ? 
18 AC3 6 THR A 24  ? THR A 644 . ? 1_555 ? 
19 AC3 6 TRP A 49  ? TRP A 669 . ? 5_565 ? 
20 AC4 6 TYR A 31  ? TYR A 651 . ? 2_654 ? 
21 AC4 6 LYS A 36  ? LYS A 656 . ? 1_555 ? 
22 AC4 6 GLU A 56  ? GLU A 676 . ? 1_555 ? 
23 AC4 6 TYR A 59  ? TYR A 679 . ? 1_555 ? 
24 AC4 6 TYR A 89  ? TYR A 709 . ? 1_555 ? 
25 AC4 6 TYR A 91  ? TYR A 711 . ? 1_555 ? 
26 AC5 2 TYR A 89  ? TYR A 709 . ? 1_555 ? 
27 AC5 2 HOH J .   ? HOH A 940 . ? 1_555 ? 
28 AC6 3 LYS A 5   ? LYS A 625 . ? 1_555 ? 
29 AC6 3 PRO A 6   ? PRO A 626 . ? 1_555 ? 
30 AC6 3 ASN A 26  ? ASN A 646 . ? 1_555 ? 
31 AC7 6 ASN A 52  ? ASN A 672 . ? 5_565 ? 
32 AC7 6 VAL A 85  ? VAL A 705 . ? 1_555 ? 
33 AC7 6 GLU A 86  ? GLU A 706 . ? 1_555 ? 
34 AC7 6 TRP A 100 ? TRP A 720 . ? 1_555 ? 
35 AC7 6 SO4 C .   ? SO4 A 802 . ? 5_565 ? 
36 AC7 6 HOH J .   ? HOH A 940 . ? 1_555 ? 
37 AC8 3 GLY A 7   ? GLY A 627 . ? 1_555 ? 
38 AC8 3 SER A 10  ? SER A 630 . ? 1_555 ? 
39 AC8 3 ASN A 26  ? ASN A 646 . ? 1_555 ? 
# 
_atom_sites.entry_id                    5DHD 
_atom_sites.fract_transf_matrix[1][1]   0.00368487 
_atom_sites.fract_transf_matrix[1][2]   0.00512208 
_atom_sites.fract_transf_matrix[1][3]   -0.01809825 
_atom_sites.fract_transf_matrix[2][1]   -0.01424050 
_atom_sites.fract_transf_matrix[2][2]   0.00088245 
_atom_sites.fract_transf_matrix[2][3]   -0.01279857 
_atom_sites.fract_transf_matrix[3][1]   -0.00226373 
_atom_sites.fract_transf_matrix[3][2]   0.01391945 
_atom_sites.fract_transf_matrix[3][3]   0.00347851 
_atom_sites.fract_transf_vector[1]      0.726995 
_atom_sites.fract_transf_vector[2]      0.604737 
_atom_sites.fract_transf_vector[3]      0.165828 
# 
loop_
_atom_type.symbol 
C 
N 
O 
S 
# 
loop_
_atom_site.group_PDB 
_atom_site.id 
_atom_site.type_symbol 
_atom_site.label_atom_id 
_atom_site.label_alt_id 
_atom_site.label_comp_id 
_atom_site.label_asym_id 
_atom_site.label_entity_id 
_atom_site.label_seq_id 
_atom_site.pdbx_PDB_ins_code 
_atom_site.Cartn_x 
_atom_site.Cartn_y 
_atom_site.Cartn_z 
_atom_site.occupancy 
_atom_site.B_iso_or_equiv 
_atom_site.pdbx_formal_charge 
_atom_site.auth_seq_id 
_atom_site.auth_comp_id 
_atom_site.auth_asym_id 
_atom_site.auth_atom_id 
_atom_site.pdbx_PDB_model_num 
ATOM   1   N N   . PHE A 1 3   ? -0.075  8.212   14.538  1.00 35.02 ? 623 PHE A N   1 
ATOM   2   C CA  . PHE A 1 3   ? 0.460   8.381   13.155  1.00 26.41 ? 623 PHE A CA  1 
ATOM   3   C C   . PHE A 1 3   ? 1.174   9.723   13.046  1.00 26.50 ? 623 PHE A C   1 
ATOM   4   O O   . PHE A 1 3   ? 0.661   10.747  13.493  1.00 28.63 ? 623 PHE A O   1 
ATOM   5   C CB  . PHE A 1 3   ? -0.685  8.282   12.135  1.00 22.70 ? 623 PHE A CB  1 
ATOM   6   C CG  . PHE A 1 3   ? -1.489  7.010   12.249  1.00 22.53 ? 623 PHE A CG  1 
ATOM   7   C CD1 . PHE A 1 3   ? -2.854  7.011   11.972  1.00 27.54 ? 623 PHE A CD1 1 
ATOM   8   C CD2 . PHE A 1 3   ? -0.890  5.816   12.636  1.00 23.94 ? 623 PHE A CD2 1 
ATOM   9   C CE1 . PHE A 1 3   ? -3.607  5.843   12.079  1.00 26.34 ? 623 PHE A CE1 1 
ATOM   10  C CE2 . PHE A 1 3   ? -1.635  4.644   12.748  1.00 31.24 ? 623 PHE A CE2 1 
ATOM   11  C CZ  . PHE A 1 3   ? -2.999  4.658   12.467  1.00 26.95 ? 623 PHE A CZ  1 
ATOM   12  N N   . VAL A 1 4   ? 2.359   9.710   12.444  1.00 24.78 ? 624 VAL A N   1 
ATOM   13  C CA  . VAL A 1 4   ? 3.157   10.922  12.285  1.00 24.80 ? 624 VAL A CA  1 
ATOM   14  C C   . VAL A 1 4   ? 2.572   11.916  11.287  1.00 25.98 ? 624 VAL A C   1 
ATOM   15  O O   . VAL A 1 4   ? 2.598   13.124  11.516  1.00 25.77 ? 624 VAL A O   1 
ATOM   16  C CB  . VAL A 1 4   ? 4.597   10.562  11.832  1.00 29.28 ? 624 VAL A CB  1 
ATOM   17  C CG1 . VAL A 1 4   ? 5.414   11.827  11.574  1.00 37.23 ? 624 VAL A CG1 1 
ATOM   18  C CG2 . VAL A 1 4   ? 5.265   9.707   12.893  1.00 34.71 ? 624 VAL A CG2 1 
ATOM   19  N N   . LYS A 1 5   ? 2.022   11.398  10.187  1.00 21.13 ? 625 LYS A N   1 
ATOM   20  C CA  . LYS A 1 5   ? 1.452   12.247  9.156   1.00 18.54 ? 625 LYS A CA  1 
ATOM   21  C C   . LYS A 1 5   ? 0.087   11.779  8.648   1.00 20.59 ? 625 LYS A C   1 
ATOM   22  O O   . LYS A 1 5   ? -0.032  11.320  7.498   1.00 18.08 ? 625 LYS A O   1 
ATOM   23  C CB  . LYS A 1 5   ? 2.415   12.341  7.964   1.00 22.58 ? 625 LYS A CB  1 
ATOM   24  C CG  . LYS A 1 5   ? 3.779   12.935  8.295   1.00 32.99 ? 625 LYS A CG  1 
ATOM   25  C CD  . LYS A 1 5   ? 3.730   14.452  8.359   1.00 40.34 ? 625 LYS A CD  1 
ATOM   26  C CE  . LYS A 1 5   ? 3.527   15.050  6.975   1.00 42.45 ? 625 LYS A CE  1 
ATOM   27  N NZ  . LYS A 1 5   ? 3.420   16.536  7.010   1.00 50.72 ? 625 LYS A NZ  1 
ATOM   28  N N   A PRO A 1 6   ? -0.956  11.866  9.492   0.50 19.87 ? 626 PRO A N   1 
ATOM   29  N N   B PRO A 1 6   ? -0.964  11.890  9.484   0.50 20.43 ? 626 PRO A N   1 
ATOM   30  C CA  A PRO A 1 6   ? -2.277  11.425  9.028   0.50 18.46 ? 626 PRO A CA  1 
ATOM   31  C CA  B PRO A 1 6   ? -2.300  11.463  9.056   0.50 19.41 ? 626 PRO A CA  1 
ATOM   32  C C   A PRO A 1 6   ? -2.678  12.194  7.780   0.50 17.87 ? 626 PRO A C   1 
ATOM   33  C C   B PRO A 1 6   ? -2.674  12.199  7.775   0.50 18.21 ? 626 PRO A C   1 
ATOM   34  O O   A PRO A 1 6   ? -2.558  13.411  7.707   0.50 20.26 ? 626 PRO A O   1 
ATOM   35  O O   B PRO A 1 6   ? -2.547  13.416  7.688   0.50 20.18 ? 626 PRO A O   1 
ATOM   36  C CB  A PRO A 1 6   ? -3.193  11.663  10.235  0.50 17.35 ? 626 PRO A CB  1 
ATOM   37  C CB  B PRO A 1 6   ? -3.206  11.882  10.218  0.50 23.63 ? 626 PRO A CB  1 
ATOM   38  C CG  A PRO A 1 6   ? -2.453  12.681  11.057  0.50 15.18 ? 626 PRO A CG  1 
ATOM   39  C CG  B PRO A 1 6   ? -2.285  11.967  11.388  0.50 21.51 ? 626 PRO A CG  1 
ATOM   40  C CD  A PRO A 1 6   ? -1.004  12.334  10.892  0.50 17.24 ? 626 PRO A CD  1 
ATOM   41  C CD  B PRO A 1 6   ? -1.012  12.524  10.816  0.50 20.78 ? 626 PRO A CD  1 
ATOM   42  N N   . GLY A 1 7   ? -3.135  11.456  6.774   1.00 16.05 ? 627 GLY A N   1 
ATOM   43  C CA  . GLY A 1 7   ? -3.496  12.081  5.516   1.00 16.29 ? 627 GLY A CA  1 
ATOM   44  C C   . GLY A 1 7   ? -2.541  11.699  4.399   1.00 16.09 ? 627 GLY A C   1 
ATOM   45  O O   . GLY A 1 7   ? -2.776  12.024  3.236   1.00 19.90 ? 627 GLY A O   1 
ATOM   46  N N   . SER A 1 8   ? -1.460  11.005  4.742   1.00 15.03 ? 628 SER A N   1 
ATOM   47  C CA  . SER A 1 8   ? -0.495  10.592  3.731   1.00 14.01 ? 628 SER A CA  1 
ATOM   48  C C   . SER A 1 8   ? -0.882  9.288   3.030   1.00 14.34 ? 628 SER A C   1 
ATOM   49  O O   . SER A 1 8   ? -0.316  8.960   1.991   1.00 15.05 ? 628 SER A O   1 
ATOM   50  C CB  . SER A 1 8   ? 0.915   10.488  4.348   1.00 15.39 ? 628 SER A CB  1 
ATOM   51  O OG  . SER A 1 8   ? 0.930   9.746   5.556   1.00 15.77 ? 628 SER A OG  1 
ATOM   52  N N   . LEU A 1 9   ? -1.848  8.556   3.584   1.00 13.56 ? 629 LEU A N   1 
ATOM   53  C CA  . LEU A 1 9   ? -2.298  7.293   2.984   1.00 13.61 ? 629 LEU A CA  1 
ATOM   54  C C   . LEU A 1 9   ? -3.785  7.323   2.614   1.00 14.32 ? 629 LEU A C   1 
ATOM   55  O O   . LEU A 1 9   ? -4.636  7.552   3.474   1.00 14.78 ? 629 LEU A O   1 
ATOM   56  C CB  . LEU A 1 9   ? -2.088  6.122   3.948   1.00 14.76 ? 629 LEU A CB  1 
ATOM   57  C CG  . LEU A 1 9   ? -2.576  4.726   3.516   1.00 13.82 ? 629 LEU A CG  1 
ATOM   58  C CD1 . LEU A 1 9   ? -1.792  4.235   2.263   1.00 14.17 ? 629 LEU A CD1 1 
ATOM   59  C CD2 . LEU A 1 9   ? -2.352  3.749   4.670   1.00 15.66 ? 629 LEU A CD2 1 
ATOM   60  N N   A SER A 1 10  ? -4.094  7.084   1.340   0.50 12.80 ? 630 SER A N   1 
ATOM   61  N N   B SER A 1 10  ? -4.089  7.081   1.340   0.50 13.09 ? 630 SER A N   1 
ATOM   62  C CA  A SER A 1 10  ? -5.484  7.052   0.863   0.50 12.15 ? 630 SER A CA  1 
ATOM   63  C CA  B SER A 1 10  ? -5.474  7.064   0.846   0.50 13.03 ? 630 SER A CA  1 
ATOM   64  C C   A SER A 1 10  ? -5.706  5.739   0.118   0.50 14.74 ? 630 SER A C   1 
ATOM   65  C C   B SER A 1 10  ? -5.703  5.738   0.119   0.50 15.13 ? 630 SER A C   1 
ATOM   66  O O   A SER A 1 10  ? -4.886  5.321   -0.682  0.50 15.44 ? 630 SER A O   1 
ATOM   67  O O   B SER A 1 10  ? -4.884  5.313   -0.682  0.50 15.80 ? 630 SER A O   1 
ATOM   68  C CB  A SER A 1 10  ? -5.766  8.249   -0.044  0.50 20.85 ? 630 SER A CB  1 
ATOM   69  C CB  B SER A 1 10  ? -5.703  8.235   -0.112  0.50 16.11 ? 630 SER A CB  1 
ATOM   70  O OG  A SER A 1 10  ? -5.722  9.445   0.717   0.50 22.42 ? 630 SER A OG  1 
ATOM   71  O OG  B SER A 1 10  ? -7.048  8.278   -0.542  0.50 17.67 ? 630 SER A OG  1 
ATOM   72  N N   . VAL A 1 11  ? -6.835  5.103   0.403   1.00 12.86 ? 631 VAL A N   1 
ATOM   73  C CA  . VAL A 1 11  ? -7.130  3.798   -0.172  1.00 13.47 ? 631 VAL A CA  1 
ATOM   74  C C   . VAL A 1 11  ? -8.528  3.636   -0.760  1.00 13.54 ? 631 VAL A C   1 
ATOM   75  O O   . VAL A 1 11  ? -9.529  3.987   -0.123  1.00 14.46 ? 631 VAL A O   1 
ATOM   76  C CB  . VAL A 1 11  ? -6.971  2.703   0.915   1.00 13.27 ? 631 VAL A CB  1 
ATOM   77  C CG1 . VAL A 1 11  ? -7.126  1.300   0.318   1.00 17.77 ? 631 VAL A CG1 1 
ATOM   78  C CG2 . VAL A 1 11  ? -5.608  2.844   1.619   1.00 14.83 ? 631 VAL A CG2 1 
ATOM   79  N N   A LYS A 1 12  ? -8.586  3.130   -1.990  0.50 12.02 ? 632 LYS A N   1 
ATOM   80  N N   B LYS A 1 12  ? -8.585  3.134   -1.989  0.50 11.76 ? 632 LYS A N   1 
ATOM   81  C CA  A LYS A 1 12  ? -9.862  2.849   -2.657  0.50 12.55 ? 632 LYS A CA  1 
ATOM   82  C CA  B LYS A 1 12  ? -9.862  2.855   -2.649  0.50 12.30 ? 632 LYS A CA  1 
ATOM   83  C C   A LYS A 1 12  ? -9.928  1.333   -2.822  0.50 13.53 ? 632 LYS A C   1 
ATOM   84  C C   B LYS A 1 12  ? -9.928  1.336   -2.820  0.50 13.18 ? 632 LYS A C   1 
ATOM   85  O O   A LYS A 1 12  ? -8.971  0.715   -3.290  0.50 13.63 ? 632 LYS A O   1 
ATOM   86  O O   B LYS A 1 12  ? -8.965  0.721   -3.272  0.50 12.88 ? 632 LYS A O   1 
ATOM   87  C CB  A LYS A 1 12  ? -9.935  3.508   -4.030  0.50 23.57 ? 632 LYS A CB  1 
ATOM   88  C CB  B LYS A 1 12  ? -9.941  3.541   -4.001  0.50 10.04 ? 632 LYS A CB  1 
ATOM   89  C CG  A LYS A 1 12  ? -10.987 2.870   -4.925  0.50 31.01 ? 632 LYS A CG  1 
ATOM   90  C CG  B LYS A 1 12  ? -11.217 3.221   -4.767  0.50 7.28  ? 632 LYS A CG  1 
ATOM   91  C CD  A LYS A 1 12  ? -10.774 3.255   -6.379  0.50 28.97 ? 632 LYS A CD  1 
ATOM   92  C CD  B LYS A 1 12  ? -11.242 4.127   -5.969  0.50 15.09 ? 632 LYS A CD  1 
ATOM   93  C CE  A LYS A 1 12  ? -11.392 4.589   -6.624  0.50 32.36 ? 632 LYS A CE  1 
ATOM   94  C CE  B LYS A 1 12  ? -12.278 3.825   -6.959  0.50 24.89 ? 632 LYS A CE  1 
ATOM   95  N NZ  A LYS A 1 12  ? -11.144 5.200   -7.970  0.50 22.79 ? 632 LYS A NZ  1 
ATOM   96  N NZ  B LYS A 1 12  ? -11.926 4.712   -8.138  0.50 28.81 ? 632 LYS A NZ  1 
ATOM   97  N N   . VAL A 1 13  ? -11.065 0.756   -2.439  1.00 11.66 ? 633 VAL A N   1 
ATOM   98  C CA  . VAL A 1 13  ? -11.274 -0.686  -2.501  1.00 11.70 ? 633 VAL A CA  1 
ATOM   99  C C   . VAL A 1 13  ? -12.390 -1.065  -3.471  1.00 14.31 ? 633 VAL A C   1 
ATOM   100 O O   . VAL A 1 13  ? -13.481 -0.498  -3.418  1.00 14.55 ? 633 VAL A O   1 
ATOM   101 C CB  . VAL A 1 13  ? -11.646 -1.197  -1.073  1.00 12.44 ? 633 VAL A CB  1 
ATOM   102 C CG1 . VAL A 1 13  ? -11.759 -2.711  -1.029  1.00 15.59 ? 633 VAL A CG1 1 
ATOM   103 C CG2 . VAL A 1 13  ? -10.601 -0.723  -0.047  1.00 12.92 ? 633 VAL A CG2 1 
ATOM   104 N N   . THR A 1 14  ? -12.119 -2.024  -4.351  1.00 12.56 ? 634 THR A N   1 
ATOM   105 C CA  . THR A 1 14  ? -13.118 -2.468  -5.329  1.00 12.38 ? 634 THR A CA  1 
ATOM   106 C C   . THR A 1 14  ? -13.122 -3.991  -5.337  1.00 14.55 ? 634 THR A C   1 
ATOM   107 O O   . THR A 1 14  ? -12.118 -4.623  -5.659  1.00 15.06 ? 634 THR A O   1 
ATOM   108 C CB  . THR A 1 14  ? -12.797 -1.897  -6.720  1.00 15.65 ? 634 THR A CB  1 
ATOM   109 O OG1 . THR A 1 14  ? -12.775 -0.468  -6.630  1.00 15.54 ? 634 THR A OG1 1 
ATOM   110 C CG2 . THR A 1 14  ? -13.865 -2.325  -7.748  1.00 18.81 ? 634 THR A CG2 1 
ATOM   111 N N   . ASP A 1 15  ? -14.274 -4.571  -5.020  1.00 16.79 ? 635 ASP A N   1 
ATOM   112 C CA  . ASP A 1 15  ? -14.422 -6.016  -4.876  1.00 18.58 ? 635 ASP A CA  1 
ATOM   113 C C   . ASP A 1 15  ? -15.379 -6.646  -5.889  1.00 22.59 ? 635 ASP A C   1 
ATOM   114 O O   . ASP A 1 15  ? -16.542 -6.248  -6.003  1.00 22.04 ? 635 ASP A O   1 
ATOM   115 C CB  . ASP A 1 15  ? -14.896 -6.268  -3.436  1.00 20.51 ? 635 ASP A CB  1 
ATOM   116 C CG  . ASP A 1 15  ? -15.204 -7.731  -3.128  1.00 25.80 ? 635 ASP A CG  1 
ATOM   117 O OD1 . ASP A 1 15  ? -14.937 -8.625  -3.950  1.00 25.18 ? 635 ASP A OD1 1 
ATOM   118 O OD2 . ASP A 1 15  ? -15.714 -7.966  -2.016  1.00 29.03 ? 635 ASP A OD2 1 
ATOM   119 N N   . TRP A 1 16  ? -14.879 -7.632  -6.627  1.00 23.27 ? 636 TRP A N   1 
ATOM   120 C CA  . TRP A 1 16  ? -15.705 -8.356  -7.611  1.00 23.81 ? 636 TRP A CA  1 
ATOM   121 C C   . TRP A 1 16  ? -15.498 -9.864  -7.474  1.00 26.80 ? 636 TRP A C   1 
ATOM   122 O O   . TRP A 1 16  ? -15.889 -10.630 -8.364  1.00 30.07 ? 636 TRP A O   1 
ATOM   123 C CB  . TRP A 1 16  ? -15.318 -7.930  -9.023  1.00 25.05 ? 636 TRP A CB  1 
ATOM   124 C CG  . TRP A 1 16  ? -13.903 -8.288  -9.382  1.00 27.91 ? 636 TRP A CG  1 
ATOM   125 C CD1 . TRP A 1 16  ? -13.431 -9.515  -9.760  1.00 28.00 ? 636 TRP A CD1 1 
ATOM   126 C CD2 . TRP A 1 16  ? -12.782 -7.400  -9.408  1.00 28.65 ? 636 TRP A CD2 1 
ATOM   127 N NE1 . TRP A 1 16  ? -12.082 -9.444  -10.026 1.00 29.07 ? 636 TRP A NE1 1 
ATOM   128 C CE2 . TRP A 1 16  ? -11.657 -8.156  -9.818  1.00 28.66 ? 636 TRP A CE2 1 
ATOM   129 C CE3 . TRP A 1 16  ? -12.616 -6.035  -9.123  1.00 31.72 ? 636 TRP A CE3 1 
ATOM   130 C CZ2 . TRP A 1 16  ? -10.384 -7.594  -9.951  1.00 30.38 ? 636 TRP A CZ2 1 
ATOM   131 C CZ3 . TRP A 1 16  ? -11.346 -5.470  -9.254  1.00 30.57 ? 636 TRP A CZ3 1 
ATOM   132 C CH2 . TRP A 1 16  ? -10.247 -6.252  -9.665  1.00 32.11 ? 636 TRP A CH2 1 
ATOM   133 N N   . GLY A 1 17  ? -14.920 -10.297 -6.356  1.00 25.43 ? 637 GLY A N   1 
ATOM   134 C CA  . GLY A 1 17  ? -14.621 -11.716 -6.174  1.00 26.06 ? 637 GLY A CA  1 
ATOM   135 C C   . GLY A 1 17  ? -13.185 -11.706 -5.689  1.00 22.56 ? 637 GLY A C   1 
ATOM   136 O O   . GLY A 1 17  ? -12.802 -12.429 -4.761  1.00 23.88 ? 637 GLY A O   1 
ATOM   137 N N   . ASN A 1 18  ? -12.387 -10.895 -6.376  1.00 21.72 ? 638 ASN A N   1 
ATOM   138 C CA  . ASN A 1 18  ? -11.007 -10.613 -5.965  1.00 19.13 ? 638 ASN A CA  1 
ATOM   139 C C   . ASN A 1 18  ? -11.112 -9.114  -5.737  1.00 17.93 ? 638 ASN A C   1 
ATOM   140 O O   . ASN A 1 18  ? -12.034 -8.467  -6.260  1.00 18.78 ? 638 ASN A O   1 
ATOM   141 C CB  . ASN A 1 18  ? -9.982  -10.951 -7.045  1.00 19.10 ? 638 ASN A CB  1 
ATOM   142 C CG  . ASN A 1 18  ? -9.845  -12.442 -7.219  1.00 22.87 ? 638 ASN A CG  1 
ATOM   143 O OD1 . ASN A 1 18  ? -9.849  -13.181 -6.236  1.00 20.96 ? 638 ASN A OD1 1 
ATOM   144 N ND2 . ASN A 1 18  ? -9.735  -12.896 -8.465  1.00 28.98 ? 638 ASN A ND2 1 
ATOM   145 N N   . THR A 1 19  ? -10.180 -8.547  -4.987  1.00 14.33 ? 639 THR A N   1 
ATOM   146 C CA  . THR A 1 19  ? -10.288 -7.147  -4.630  1.00 14.86 ? 639 THR A CA  1 
ATOM   147 C C   . THR A 1 19  ? -9.106  -6.278  -4.997  1.00 12.00 ? 639 THR A C   1 
ATOM   148 O O   . THR A 1 19  ? -7.957  -6.600  -4.698  1.00 13.52 ? 639 THR A O   1 
ATOM   149 C CB  . THR A 1 19  ? -10.535 -7.060  -3.118  1.00 15.34 ? 639 THR A CB  1 
ATOM   150 O OG1 . THR A 1 19  ? -11.662 -7.885  -2.780  1.00 14.92 ? 639 THR A OG1 1 
ATOM   151 C CG2 . THR A 1 19  ? -10.851 -5.647  -2.686  1.00 14.57 ? 639 THR A CG2 1 
ATOM   152 N N   . GLU A 1 20  ? -9.412  -5.157  -5.638  1.00 12.27 ? 640 GLU A N   1 
ATOM   153 C CA  . GLU A 1 20  ? -8.400  -4.201  -6.053  1.00 10.90 ? 640 GLU A CA  1 
ATOM   154 C C   . GLU A 1 20  ? -8.247  -3.093  -5.025  1.00 12.52 ? 640 GLU A C   1 
ATOM   155 O O   . GLU A 1 20  ? -9.238  -2.545  -4.527  1.00 13.38 ? 640 GLU A O   1 
ATOM   156 C CB  . GLU A 1 20  ? -8.763  -3.566  -7.397  1.00 13.09 ? 640 GLU A CB  1 
ATOM   157 C CG  . GLU A 1 20  ? -7.787  -2.479  -7.872  1.00 13.77 ? 640 GLU A CG  1 
ATOM   158 C CD  . GLU A 1 20  ? -8.003  -2.079  -9.334  1.00 19.39 ? 640 GLU A CD  1 
ATOM   159 O OE1 . GLU A 1 20  ? -8.342  -2.952  -10.152 1.00 21.68 ? 640 GLU A OE1 1 
ATOM   160 O OE2 . GLU A 1 20  ? -7.806  -0.898  -9.678  1.00 20.82 ? 640 GLU A OE2 1 
ATOM   161 N N   . TYR A 1 21  ? -6.997  -2.778  -4.711  1.00 11.32 ? 641 TYR A N   1 
ATOM   162 C CA  . TYR A 1 21  ? -6.676  -1.717  -3.772  1.00 9.23  ? 641 TYR A CA  1 
ATOM   163 C C   . TYR A 1 21  ? -5.852  -0.685  -4.518  1.00 11.33 ? 641 TYR A C   1 
ATOM   164 O O   . TYR A 1 21  ? -4.730  -0.961  -4.964  1.00 12.30 ? 641 TYR A O   1 
ATOM   165 C CB  . TYR A 1 21  ? -5.884  -2.266  -2.574  1.00 11.44 ? 641 TYR A CB  1 
ATOM   166 C CG  . TYR A 1 21  ? -6.701  -3.210  -1.728  1.00 12.18 ? 641 TYR A CG  1 
ATOM   167 C CD1 . TYR A 1 21  ? -6.868  -4.536  -2.104  1.00 12.74 ? 641 TYR A CD1 1 
ATOM   168 C CD2 . TYR A 1 21  ? -7.368  -2.752  -0.583  1.00 12.31 ? 641 TYR A CD2 1 
ATOM   169 C CE1 . TYR A 1 21  ? -7.685  -5.394  -1.370  1.00 14.44 ? 641 TYR A CE1 1 
ATOM   170 C CE2 . TYR A 1 21  ? -8.187  -3.601  0.159   1.00 12.91 ? 641 TYR A CE2 1 
ATOM   171 C CZ  . TYR A 1 21  ? -8.337  -4.922  -0.246  1.00 13.73 ? 641 TYR A CZ  1 
ATOM   172 O OH  . TYR A 1 21  ? -9.134  -5.787  0.481   1.00 15.25 ? 641 TYR A OH  1 
ATOM   173 N N   . ASP A 1 22  ? -6.434  0.494   -4.686  1.00 10.67 ? 642 ASP A N   1 
ATOM   174 C CA  . ASP A 1 22  ? -5.762  1.585   -5.369  1.00 12.25 ? 642 ASP A CA  1 
ATOM   175 C C   . ASP A 1 22  ? -5.309  2.521   -4.272  1.00 12.40 ? 642 ASP A C   1 
ATOM   176 O O   . ASP A 1 22  ? -6.117  3.068   -3.525  1.00 13.84 ? 642 ASP A O   1 
ATOM   177 C CB  . ASP A 1 22  ? -6.721  2.274   -6.336  1.00 12.91 ? 642 ASP A CB  1 
ATOM   178 C CG  . ASP A 1 22  ? -7.126  1.356   -7.468  1.00 16.67 ? 642 ASP A CG  1 
ATOM   179 O OD1 . ASP A 1 22  ? -6.230  0.950   -8.222  1.00 18.72 ? 642 ASP A OD1 1 
ATOM   180 O OD2 . ASP A 1 22  ? -8.315  1.043   -7.600  1.00 20.54 ? 642 ASP A OD2 1 
ATOM   181 N N   . VAL A 1 23  ? -3.998  2.683   -4.173  1.00 12.74 ? 643 VAL A N   1 
ATOM   182 C CA  . VAL A 1 23  ? -3.399  3.477   -3.115  1.00 13.77 ? 643 VAL A CA  1 
ATOM   183 C C   . VAL A 1 23  ? -2.742  4.759   -3.589  1.00 11.74 ? 643 VAL A C   1 
ATOM   184 O O   . VAL A 1 23  ? -1.991  4.753   -4.563  1.00 14.51 ? 643 VAL A O   1 
ATOM   185 C CB  . VAL A 1 23  ? -2.323  2.617   -2.401  1.00 14.36 ? 643 VAL A CB  1 
ATOM   186 C CG1 . VAL A 1 23  ? -1.653  3.424   -1.277  1.00 14.93 ? 643 VAL A CG1 1 
ATOM   187 C CG2 . VAL A 1 23  ? -2.938  1.335   -1.865  1.00 16.46 ? 643 VAL A CG2 1 
ATOM   188 N N   . THR A 1 24  ? -3.030  5.859   -2.902  1.00 13.71 ? 644 THR A N   1 
ATOM   189 C CA  . THR A 1 24  ? -2.388  7.124   -3.225  1.00 12.79 ? 644 THR A CA  1 
ATOM   190 C C   . THR A 1 24  ? -1.693  7.611   -1.977  1.00 13.35 ? 644 THR A C   1 
ATOM   191 O O   . THR A 1 24  ? -2.282  7.649   -0.889  1.00 13.76 ? 644 THR A O   1 
ATOM   192 C CB  . THR A 1 24  ? -3.412  8.200   -3.644  1.00 18.50 ? 644 THR A CB  1 
ATOM   193 O OG1 . THR A 1 24  ? -3.996  7.820   -4.891  1.00 24.97 ? 644 THR A OG1 1 
ATOM   194 C CG2 . THR A 1 24  ? -2.737  9.561   -3.825  1.00 18.22 ? 644 THR A CG2 1 
ATOM   195 N N   . LEU A 1 25  ? -0.423  7.952   -2.143  1.00 14.10 ? 645 LEU A N   1 
ATOM   196 C CA  . LEU A 1 25  ? 0.380   8.456   -1.049  1.00 12.44 ? 645 LEU A CA  1 
ATOM   197 C C   . LEU A 1 25  ? 0.614   9.945   -1.251  1.00 15.31 ? 645 LEU A C   1 
ATOM   198 O O   . LEU A 1 25  ? 1.069   10.377  -2.305  1.00 18.54 ? 645 LEU A O   1 
ATOM   199 C CB  . LEU A 1 25  ? 1.734   7.739   -0.972  1.00 14.12 ? 645 LEU A CB  1 
ATOM   200 C CG  . LEU A 1 25  ? 1.701   6.212   -0.974  1.00 12.84 ? 645 LEU A CG  1 
ATOM   201 C CD1 . LEU A 1 25  ? 3.142   5.678   -0.911  1.00 15.75 ? 645 LEU A CD1 1 
ATOM   202 C CD2 . LEU A 1 25  ? 0.876   5.672   0.220   1.00 15.06 ? 645 LEU A CD2 1 
ATOM   203 N N   A ASN A 1 26  ? 0.282   10.714  -0.228  0.50 14.11 ? 646 ASN A N   1 
ATOM   204 N N   B ASN A 1 26  ? 0.282   10.721  -0.229  0.50 14.19 ? 646 ASN A N   1 
ATOM   205 C CA  A ASN A 1 26  ? 0.447   12.153  -0.252  0.50 15.29 ? 646 ASN A CA  1 
ATOM   206 C CA  B ASN A 1 26  ? 0.464   12.161  -0.260  0.50 15.45 ? 646 ASN A CA  1 
ATOM   207 C C   A ASN A 1 26  ? 1.593   12.425  0.723   0.50 15.96 ? 646 ASN A C   1 
ATOM   208 C C   B ASN A 1 26  ? 1.598   12.427  0.723   0.50 16.11 ? 646 ASN A C   1 
ATOM   209 O O   A ASN A 1 26  ? 1.360   12.616  1.901   0.50 15.63 ? 646 ASN A O   1 
ATOM   210 O O   B ASN A 1 26  ? 1.363   12.625  1.904   0.50 16.25 ? 646 ASN A O   1 
ATOM   211 C CB  A ASN A 1 26  ? -0.867  12.784  0.213   0.50 13.59 ? 646 ASN A CB  1 
ATOM   212 C CB  B ASN A 1 26  ? -0.830  12.848  0.183   0.50 26.08 ? 646 ASN A CB  1 
ATOM   213 C CG  A ASN A 1 26  ? -0.735  14.250  0.510   0.50 18.17 ? 646 ASN A CG  1 
ATOM   214 C CG  B ASN A 1 26  ? -1.982  12.572  -0.765  0.50 24.33 ? 646 ASN A CG  1 
ATOM   215 O OD1 A ASN A 1 26  ? -0.047  14.970  -0.198  0.50 21.76 ? 646 ASN A OD1 1 
ATOM   216 O OD1 B ASN A 1 26  ? -1.941  12.947  -1.934  0.50 31.92 ? 646 ASN A OD1 1 
ATOM   217 N ND2 A ASN A 1 26  ? -1.416  14.704  1.559   0.50 25.06 ? 646 ASN A ND2 1 
ATOM   218 N ND2 B ASN A 1 26  ? -3.012  11.904  -0.266  0.50 33.47 ? 646 ASN A ND2 1 
ATOM   219 N N   . LEU A 1 27  ? 2.825   12.408  0.207   1.00 16.97 ? 647 LEU A N   1 
ATOM   220 C CA  . LEU A 1 27  ? 4.010   12.591  1.036   1.00 15.24 ? 647 LEU A CA  1 
ATOM   221 C C   . LEU A 1 27  ? 4.597   13.989  1.143   1.00 16.35 ? 647 LEU A C   1 
ATOM   222 O O   . LEU A 1 27  ? 5.320   14.276  2.097   1.00 19.28 ? 647 LEU A O   1 
ATOM   223 C CB  . LEU A 1 27  ? 5.086   11.618  0.542   1.00 17.81 ? 647 LEU A CB  1 
ATOM   224 C CG  . LEU A 1 27  ? 4.577   10.186  0.309   1.00 17.17 ? 647 LEU A CG  1 
ATOM   225 C CD1 . LEU A 1 27  ? 5.738   9.345   -0.238  1.00 18.20 ? 647 LEU A CD1 1 
ATOM   226 C CD2 . LEU A 1 27  ? 4.017   9.570   1.613   1.00 16.95 ? 647 LEU A CD2 1 
ATOM   227 N N   . GLY A 1 28  ? 4.303   14.848  0.171   1.00 17.20 ? 648 GLY A N   1 
ATOM   228 C CA  . GLY A 1 28  ? 4.833   16.201  0.203   1.00 19.22 ? 648 GLY A CA  1 
ATOM   229 C C   . GLY A 1 28  ? 6.279   16.293  -0.257  1.00 22.10 ? 648 GLY A C   1 
ATOM   230 O O   . GLY A 1 28  ? 6.873   17.372  -0.249  1.00 23.86 ? 648 GLY A O   1 
ATOM   231 N N   . GLY A 1 29  ? 6.844   15.155  -0.654  1.00 18.35 ? 649 GLY A N   1 
ATOM   232 C CA  . GLY A 1 29  ? 8.219   15.114  -1.121  1.00 17.51 ? 649 GLY A CA  1 
ATOM   233 C C   . GLY A 1 29  ? 8.548   13.719  -1.614  1.00 17.30 ? 649 GLY A C   1 
ATOM   234 O O   . GLY A 1 29  ? 7.688   12.839  -1.580  1.00 17.40 ? 649 GLY A O   1 
ATOM   235 N N   . THR A 1 30  ? 9.781   13.506  -2.069  1.00 15.24 ? 650 THR A N   1 
ATOM   236 C CA  . THR A 1 30  ? 10.192  12.195  -2.563  1.00 15.11 ? 650 THR A CA  1 
ATOM   237 C C   . THR A 1 30  ? 10.864  11.386  -1.456  1.00 18.14 ? 650 THR A C   1 
ATOM   238 O O   . THR A 1 30  ? 11.825  11.840  -0.823  1.00 18.14 ? 650 THR A O   1 
ATOM   239 C CB  . THR A 1 30  ? 11.140  12.311  -3.766  1.00 17.32 ? 650 THR A CB  1 
ATOM   240 O OG1 . THR A 1 30  ? 12.238  13.175  -3.413  1.00 19.83 ? 650 THR A OG1 1 
ATOM   241 C CG2 . THR A 1 30  ? 10.410  12.895  -4.977  1.00 18.53 ? 650 THR A CG2 1 
ATOM   242 N N   . TYR A 1 31  ? 10.352  10.179  -1.231  1.00 15.67 ? 651 TYR A N   1 
ATOM   243 C CA  . TYR A 1 31  ? 10.860  9.303   -0.182  1.00 14.57 ? 651 TYR A CA  1 
ATOM   244 C C   . TYR A 1 31  ? 10.911  7.852   -0.622  1.00 17.77 ? 651 TYR A C   1 
ATOM   245 O O   . TYR A 1 31  ? 10.225  7.446   -1.561  1.00 16.90 ? 651 TYR A O   1 
ATOM   246 C CB  . TYR A 1 31  ? 9.916   9.342   1.028   1.00 17.83 ? 651 TYR A CB  1 
ATOM   247 C CG  . TYR A 1 31  ? 9.801   10.673  1.715   1.00 16.25 ? 651 TYR A CG  1 
ATOM   248 C CD1 . TYR A 1 31  ? 10.664  11.006  2.763   1.00 17.72 ? 651 TYR A CD1 1 
ATOM   249 C CD2 . TYR A 1 31  ? 8.835   11.608  1.329   1.00 18.98 ? 651 TYR A CD2 1 
ATOM   250 C CE1 . TYR A 1 31  ? 10.570  12.231  3.410   1.00 17.20 ? 651 TYR A CE1 1 
ATOM   251 C CE2 . TYR A 1 31  ? 8.735   12.846  1.975   1.00 16.30 ? 651 TYR A CE2 1 
ATOM   252 C CZ  . TYR A 1 31  ? 9.615   13.141  3.018   1.00 17.50 ? 651 TYR A CZ  1 
ATOM   253 O OH  . TYR A 1 31  ? 9.541   14.363  3.668   1.00 20.04 ? 651 TYR A OH  1 
ATOM   254 N N   . ASP A 1 32  ? 11.724  7.067   0.075   1.00 18.92 ? 652 ASP A N   1 
ATOM   255 C CA  . ASP A 1 32  ? 11.794  5.645   -0.201  1.00 18.85 ? 652 ASP A CA  1 
ATOM   256 C C   . ASP A 1 32  ? 10.753  5.056   0.744   1.00 20.95 ? 652 ASP A C   1 
ATOM   257 O O   . ASP A 1 32  ? 11.076  4.432   1.755   1.00 21.37 ? 652 ASP A O   1 
ATOM   258 C CB  . ASP A 1 32  ? 13.192  5.105   0.115   1.00 24.69 ? 652 ASP A CB  1 
ATOM   259 C CG  . ASP A 1 32  ? 14.235  5.629   -0.863  1.00 23.85 ? 652 ASP A CG  1 
ATOM   260 O OD1 . ASP A 1 32  ? 13.978  5.549   -2.070  1.00 26.93 ? 652 ASP A OD1 1 
ATOM   261 O OD2 . ASP A 1 32  ? 15.296  6.110   -0.429  1.00 37.00 ? 652 ASP A OD2 1 
ATOM   262 N N   . TRP A 1 33  ? 9.488   5.290   0.416   1.00 15.31 ? 653 TRP A N   1 
ATOM   263 C CA  . TRP A 1 33  ? 8.399   4.803   1.246   1.00 14.58 ? 653 TRP A CA  1 
ATOM   264 C C   . TRP A 1 33  ? 8.279   3.291   1.256   1.00 12.93 ? 653 TRP A C   1 
ATOM   265 O O   . TRP A 1 33  ? 8.768   2.599   0.358   1.00 13.97 ? 653 TRP A O   1 
ATOM   266 C CB  . TRP A 1 33  ? 7.076   5.440   0.797   1.00 14.27 ? 653 TRP A CB  1 
ATOM   267 C CG  . TRP A 1 33  ? 6.763   5.346   -0.686  1.00 13.45 ? 653 TRP A CG  1 
ATOM   268 C CD1 . TRP A 1 33  ? 6.943   6.322   -1.620  1.00 13.27 ? 653 TRP A CD1 1 
ATOM   269 C CD2 . TRP A 1 33  ? 6.129   4.247   -1.358  1.00 13.02 ? 653 TRP A CD2 1 
ATOM   270 N NE1 . TRP A 1 33  ? 6.442   5.904   -2.841  1.00 12.81 ? 653 TRP A NE1 1 
ATOM   271 C CE2 . TRP A 1 33  ? 5.943   4.633   -2.701  1.00 11.51 ? 653 TRP A CE2 1 
ATOM   272 C CE3 . TRP A 1 33  ? 5.692   2.975   -0.948  1.00 13.57 ? 653 TRP A CE3 1 
ATOM   273 C CZ2 . TRP A 1 33  ? 5.338   3.789   -3.652  1.00 13.84 ? 653 TRP A CZ2 1 
ATOM   274 C CZ3 . TRP A 1 33  ? 5.088   2.132   -1.889  1.00 13.39 ? 653 TRP A CZ3 1 
ATOM   275 C CH2 . TRP A 1 33  ? 4.920   2.545   -3.223  1.00 12.76 ? 653 TRP A CH2 1 
ATOM   276 N N   . VAL A 1 34  ? 7.628   2.787   2.300   1.00 14.57 ? 654 VAL A N   1 
ATOM   277 C CA  . VAL A 1 34  ? 7.410   1.362   2.462   1.00 15.34 ? 654 VAL A CA  1 
ATOM   278 C C   . VAL A 1 34  ? 5.974   1.155   2.908   1.00 16.33 ? 654 VAL A C   1 
ATOM   279 O O   . VAL A 1 34  ? 5.563   1.662   3.949   1.00 16.46 ? 654 VAL A O   1 
ATOM   280 C CB  . VAL A 1 34  ? 8.347   0.776   3.552   1.00 17.06 ? 654 VAL A CB  1 
ATOM   281 C CG1 . VAL A 1 34  ? 8.062   -0.708  3.759   1.00 19.87 ? 654 VAL A CG1 1 
ATOM   282 C CG2 . VAL A 1 34  ? 9.800   0.967   3.133   1.00 18.29 ? 654 VAL A CG2 1 
ATOM   283 N N   . VAL A 1 35  ? 5.202   0.432   2.106   1.00 13.31 ? 655 VAL A N   1 
ATOM   284 C CA  . VAL A 1 35  ? 3.820   0.149   2.463   1.00 13.49 ? 655 VAL A CA  1 
ATOM   285 C C   . VAL A 1 35  ? 3.718   -1.336  2.790   1.00 13.88 ? 655 VAL A C   1 
ATOM   286 O O   . VAL A 1 35  ? 4.002   -2.188  1.948   1.00 15.43 ? 655 VAL A O   1 
ATOM   287 C CB  . VAL A 1 35  ? 2.857   0.522   1.338   1.00 12.78 ? 655 VAL A CB  1 
ATOM   288 C CG1 . VAL A 1 35  ? 1.459   -0.030  1.618   1.00 14.75 ? 655 VAL A CG1 1 
ATOM   289 C CG2 . VAL A 1 35  ? 2.785   2.035   1.229   1.00 15.38 ? 655 VAL A CG2 1 
ATOM   290 N N   . LYS A 1 36  ? 3.331   -1.639  4.025   1.00 13.50 ? 656 LYS A N   1 
ATOM   291 C CA  . LYS A 1 36  ? 3.194   -3.016  4.481   1.00 12.57 ? 656 LYS A CA  1 
ATOM   292 C C   . LYS A 1 36  ? 1.730   -3.394  4.549   1.00 12.55 ? 656 LYS A C   1 
ATOM   293 O O   . LYS A 1 36  ? 0.934   -2.723  5.212   1.00 15.01 ? 656 LYS A O   1 
ATOM   294 C CB  . LYS A 1 36  ? 3.838   -3.208  5.855   1.00 17.51 ? 656 LYS A CB  1 
ATOM   295 C CG  . LYS A 1 36  ? 5.331   -2.973  5.878   1.00 21.36 ? 656 LYS A CG  1 
ATOM   296 C CD  . LYS A 1 36  ? 5.878   -3.504  7.188   1.00 25.76 ? 656 LYS A CD  1 
ATOM   297 C CE  . LYS A 1 36  ? 7.367   -3.598  7.137   1.00 41.95 ? 656 LYS A CE  1 
ATOM   298 N NZ  . LYS A 1 36  ? 7.940   -4.065  8.423   1.00 35.53 ? 656 LYS A NZ  1 
ATOM   299 N N   . VAL A 1 37  ? 1.389   -4.489  3.882   1.00 13.03 ? 657 VAL A N   1 
ATOM   300 C CA  . VAL A 1 37  ? 0.015   -4.960  3.814   1.00 12.57 ? 657 VAL A CA  1 
ATOM   301 C C   . VAL A 1 37  ? -0.158  -6.325  4.466   1.00 16.16 ? 657 VAL A C   1 
ATOM   302 O O   . VAL A 1 37  ? 0.614   -7.249  4.207   1.00 15.08 ? 657 VAL A O   1 
ATOM   303 C CB  . VAL A 1 37  ? -0.421  -5.054  2.341   1.00 12.16 ? 657 VAL A CB  1 
ATOM   304 C CG1 . VAL A 1 37  ? -1.856  -5.554  2.244   1.00 13.60 ? 657 VAL A CG1 1 
ATOM   305 C CG2 . VAL A 1 37  ? -0.244  -3.695  1.655   1.00 13.72 ? 657 VAL A CG2 1 
ATOM   306 N N   . LYS A 1 38  ? -1.175  -6.438  5.315   1.00 14.98 ? 658 LYS A N   1 
ATOM   307 C CA  . LYS A 1 38  ? -1.490  -7.692  5.989   1.00 15.44 ? 658 LYS A CA  1 
ATOM   308 C C   . LYS A 1 38  ? -2.741  -8.271  5.340   1.00 16.06 ? 658 LYS A C   1 
ATOM   309 O O   . LYS A 1 38  ? -3.780  -7.611  5.287   1.00 15.91 ? 658 LYS A O   1 
ATOM   310 C CB  . LYS A 1 38  ? -1.763  -7.458  7.478   1.00 19.49 ? 658 LYS A CB  1 
ATOM   311 C CG  . LYS A 1 38  ? -2.195  -8.723  8.253   1.00 20.27 ? 658 LYS A CG  1 
ATOM   312 C CD  . LYS A 1 38  ? -1.060  -9.731  8.367   1.00 23.79 ? 658 LYS A CD  1 
ATOM   313 C CE  . LYS A 1 38  ? -1.461  -10.935 9.228   1.00 35.55 ? 658 LYS A CE  1 
ATOM   314 N NZ  . LYS A 1 38  ? -2.664  -11.656 8.696   1.00 47.89 ? 658 LYS A NZ  1 
ATOM   315 N N   . LEU A 1 39  ? -2.639  -9.497  4.843   1.00 16.02 ? 659 LEU A N   1 
ATOM   316 C CA  . LEU A 1 39  ? -3.767  -10.160 4.199   1.00 15.55 ? 659 LEU A CA  1 
ATOM   317 C C   . LEU A 1 39  ? -4.330  -11.260 5.087   1.00 19.51 ? 659 LEU A C   1 
ATOM   318 O O   . LEU A 1 39  ? -3.622  -11.807 5.931   1.00 21.86 ? 659 LEU A O   1 
ATOM   319 C CB  . LEU A 1 39  ? -3.317  -10.833 2.897   1.00 17.26 ? 659 LEU A CB  1 
ATOM   320 C CG  . LEU A 1 39  ? -2.651  -9.983  1.818   1.00 18.20 ? 659 LEU A CG  1 
ATOM   321 C CD1 . LEU A 1 39  ? -2.291  -10.862 0.627   1.00 18.40 ? 659 LEU A CD1 1 
ATOM   322 C CD2 . LEU A 1 39  ? -3.595  -8.867  1.403   1.00 18.72 ? 659 LEU A CD2 1 
ATOM   323 N N   . LYS A 1 40  ? -5.604  -11.586 4.893   1.00 20.19 ? 660 LYS A N   1 
ATOM   324 C CA  . LYS A 1 40  ? -6.216  -12.671 5.650   1.00 21.40 ? 660 LYS A CA  1 
ATOM   325 C C   . LYS A 1 40  ? -5.540  -13.957 5.187   1.00 22.50 ? 660 LYS A C   1 
ATOM   326 O O   . LYS A 1 40  ? -5.098  -14.050 4.043   1.00 21.83 ? 660 LYS A O   1 
ATOM   327 C CB  . LYS A 1 40  ? -7.707  -12.737 5.331   1.00 27.13 ? 660 LYS A CB  1 
ATOM   328 C CG  . LYS A 1 40  ? -8.566  -11.782 6.132   1.00 44.05 ? 660 LYS A CG  1 
ATOM   329 C CD  . LYS A 1 40  ? -10.047 -12.069 5.906   1.00 55.15 ? 660 LYS A CD  1 
ATOM   330 C CE  . LYS A 1 40  ? -10.693 -11.007 5.036   1.00 63.35 ? 660 LYS A CE  1 
ATOM   331 N NZ  . LYS A 1 40  ? -12.098 -11.357 4.679   1.00 69.99 ? 660 LYS A NZ  1 
ATOM   332 N N   . ASP A 1 41  ? -5.462  -14.953 6.065   1.00 25.59 ? 661 ASP A N   1 
ATOM   333 C CA  . ASP A 1 41  ? -4.826  -16.213 5.700   1.00 28.95 ? 661 ASP A CA  1 
ATOM   334 C C   . ASP A 1 41  ? -5.494  -16.820 4.476   1.00 24.24 ? 661 ASP A C   1 
ATOM   335 O O   . ASP A 1 41  ? -6.721  -16.814 4.359   1.00 27.55 ? 661 ASP A O   1 
ATOM   336 C CB  . ASP A 1 41  ? -4.889  -17.206 6.867   1.00 33.15 ? 661 ASP A CB  1 
ATOM   337 C CG  . ASP A 1 41  ? -4.171  -16.698 8.096   1.00 45.64 ? 661 ASP A CG  1 
ATOM   338 O OD1 . ASP A 1 41  ? -3.022  -16.221 7.958   1.00 47.28 ? 661 ASP A OD1 1 
ATOM   339 O OD2 . ASP A 1 41  ? -4.751  -16.781 9.200   1.00 54.54 ? 661 ASP A OD2 1 
ATOM   340 N N   . GLY A 1 42  ? -4.682  -17.334 3.559   1.00 23.55 ? 662 GLY A N   1 
ATOM   341 C CA  . GLY A 1 42  ? -5.222  -17.940 2.358   1.00 23.38 ? 662 GLY A CA  1 
ATOM   342 C C   . GLY A 1 42  ? -5.288  -16.998 1.171   1.00 24.80 ? 662 GLY A C   1 
ATOM   343 O O   . GLY A 1 42  ? -5.515  -17.432 0.043   1.00 28.86 ? 662 GLY A O   1 
ATOM   344 N N   . SER A 1 43  ? -5.103  -15.706 1.416   1.00 19.88 ? 663 SER A N   1 
ATOM   345 C CA  . SER A 1 43  ? -5.141  -14.727 0.338   1.00 18.93 ? 663 SER A CA  1 
ATOM   346 C C   . SER A 1 43  ? -3.729  -14.372 -0.110  1.00 17.95 ? 663 SER A C   1 
ATOM   347 O O   . SER A 1 43  ? -2.770  -14.514 0.645   1.00 21.29 ? 663 SER A O   1 
ATOM   348 C CB  . SER A 1 43  ? -5.878  -13.442 0.774   1.00 17.91 ? 663 SER A CB  1 
ATOM   349 O OG  . SER A 1 43  ? -5.893  -12.444 -0.254  1.00 19.21 ? 663 SER A OG  1 
ATOM   350 N N   . SER A 1 44  ? -3.610  -13.917 -1.351  1.00 16.73 ? 664 SER A N   1 
ATOM   351 C CA  . SER A 1 44  ? -2.320  -13.516 -1.883  1.00 15.85 ? 664 SER A CA  1 
ATOM   352 C C   . SER A 1 44  ? -2.532  -12.420 -2.915  1.00 15.64 ? 664 SER A C   1 
ATOM   353 O O   . SER A 1 44  ? -3.636  -12.244 -3.433  1.00 16.67 ? 664 SER A O   1 
ATOM   354 C CB  . SER A 1 44  ? -1.572  -14.690 -2.546  1.00 21.71 ? 664 SER A CB  1 
ATOM   355 O OG  . SER A 1 44  ? -2.271  -15.204 -3.657  1.00 28.18 ? 664 SER A OG  1 
ATOM   356 N N   . VAL A 1 45  ? -1.477  -11.666 -3.191  1.00 15.48 ? 665 VAL A N   1 
ATOM   357 C CA  . VAL A 1 45  ? -1.554  -10.608 -4.184  1.00 15.12 ? 665 VAL A CA  1 
ATOM   358 C C   . VAL A 1 45  ? -1.365  -11.261 -5.543  1.00 16.57 ? 665 VAL A C   1 
ATOM   359 O O   . VAL A 1 45  ? -0.359  -11.938 -5.782  1.00 23.09 ? 665 VAL A O   1 
ATOM   360 C CB  . VAL A 1 45  ? -0.468  -9.538  -3.931  1.00 19.41 ? 665 VAL A CB  1 
ATOM   361 C CG1 . VAL A 1 45  ? -0.356  -8.595  -5.121  1.00 18.18 ? 665 VAL A CG1 1 
ATOM   362 C CG2 . VAL A 1 45  ? -0.822  -8.765  -2.692  1.00 20.56 ? 665 VAL A CG2 1 
ATOM   363 N N   . SER A 1 46  ? -2.337  -11.075 -6.427  1.00 14.76 ? 666 SER A N   1 
ATOM   364 C CA  . SER A 1 46  ? -2.270  -11.663 -7.760  1.00 17.60 ? 666 SER A CA  1 
ATOM   365 C C   . SER A 1 46  ? -1.813  -10.678 -8.829  1.00 17.97 ? 666 SER A C   1 
ATOM   366 O O   . SER A 1 46  ? -1.375  -11.084 -9.908  1.00 19.68 ? 666 SER A O   1 
ATOM   367 C CB  . SER A 1 46  ? -3.618  -12.275 -8.138  1.00 21.43 ? 666 SER A CB  1 
ATOM   368 O OG  . SER A 1 46  ? -4.655  -11.334 -8.015  1.00 21.66 ? 666 SER A OG  1 
ATOM   369 N N   . SER A 1 47  ? -1.918  -9.386  -8.537  1.00 14.05 ? 667 SER A N   1 
ATOM   370 C CA  . SER A 1 47  ? -1.502  -8.368  -9.492  1.00 12.38 ? 667 SER A CA  1 
ATOM   371 C C   . SER A 1 47  ? -1.072  -7.088  -8.779  1.00 12.40 ? 667 SER A C   1 
ATOM   372 O O   . SER A 1 47  ? -1.573  -6.771  -7.702  1.00 12.32 ? 667 SER A O   1 
ATOM   373 C CB  . SER A 1 47  ? -2.661  -8.022  -10.442 1.00 16.69 ? 667 SER A CB  1 
ATOM   374 O OG  . SER A 1 47  ? -2.272  -7.095  -11.443 1.00 20.64 ? 667 SER A OG  1 
ATOM   375 N N   . PHE A 1 48  ? -0.116  -6.375  -9.363  1.00 11.63 ? 668 PHE A N   1 
ATOM   376 C CA  . PHE A 1 48  ? 0.327   -5.104  -8.801  1.00 12.13 ? 668 PHE A CA  1 
ATOM   377 C C   . PHE A 1 48  ? 0.992   -4.268  -9.880  1.00 11.37 ? 668 PHE A C   1 
ATOM   378 O O   . PHE A 1 48  ? 1.439   -4.794  -10.906 1.00 12.08 ? 668 PHE A O   1 
ATOM   379 C CB  . PHE A 1 48  ? 1.268   -5.284  -7.589  1.00 11.79 ? 668 PHE A CB  1 
ATOM   380 C CG  . PHE A 1 48  ? 2.594   -5.919  -7.924  1.00 11.90 ? 668 PHE A CG  1 
ATOM   381 C CD1 . PHE A 1 48  ? 2.714   -7.294  -8.006  1.00 12.78 ? 668 PHE A CD1 1 
ATOM   382 C CD2 . PHE A 1 48  ? 3.717   -5.127  -8.163  1.00 12.79 ? 668 PHE A CD2 1 
ATOM   383 C CE1 . PHE A 1 48  ? 3.957   -7.882  -8.328  1.00 13.36 ? 668 PHE A CE1 1 
ATOM   384 C CE2 . PHE A 1 48  ? 4.962   -5.702  -8.482  1.00 13.43 ? 668 PHE A CE2 1 
ATOM   385 C CZ  . PHE A 1 48  ? 5.071   -7.071  -8.562  1.00 13.92 ? 668 PHE A CZ  1 
ATOM   386 N N   . TRP A 1 49  ? 1.038   -2.961  -9.652  1.00 12.17 ? 669 TRP A N   1 
ATOM   387 C CA  . TRP A 1 49  ? 1.619   -2.047  -10.621 1.00 10.95 ? 669 TRP A CA  1 
ATOM   388 C C   . TRP A 1 49  ? 2.141   -0.782  -9.957  1.00 14.26 ? 669 TRP A C   1 
ATOM   389 O O   . TRP A 1 49  ? 1.676   -0.397  -8.883  1.00 12.66 ? 669 TRP A O   1 
ATOM   390 C CB  . TRP A 1 49  ? 0.565   -1.675  -11.693 1.00 13.33 ? 669 TRP A CB  1 
ATOM   391 C CG  . TRP A 1 49  ? -0.761  -1.188  -11.116 1.00 14.16 ? 669 TRP A CG  1 
ATOM   392 C CD1 . TRP A 1 49  ? -1.107  0.106   -10.807 1.00 15.24 ? 669 TRP A CD1 1 
ATOM   393 C CD2 . TRP A 1 49  ? -1.873  -2.003  -10.724 1.00 12.07 ? 669 TRP A CD2 1 
ATOM   394 N NE1 . TRP A 1 49  ? -2.368  0.139   -10.244 1.00 14.49 ? 669 TRP A NE1 1 
ATOM   395 C CE2 . TRP A 1 49  ? -2.857  -1.139  -10.176 1.00 13.98 ? 669 TRP A CE2 1 
ATOM   396 C CE3 . TRP A 1 49  ? -2.137  -3.384  -10.780 1.00 14.18 ? 669 TRP A CE3 1 
ATOM   397 C CZ2 . TRP A 1 49  ? -4.082  -1.615  -9.680  1.00 13.94 ? 669 TRP A CZ2 1 
ATOM   398 C CZ3 . TRP A 1 49  ? -3.368  -3.858  -10.277 1.00 15.30 ? 669 TRP A CZ3 1 
ATOM   399 C CH2 . TRP A 1 49  ? -4.314  -2.971  -9.737  1.00 14.52 ? 669 TRP A CH2 1 
ATOM   400 N N   . SER A 1 50  ? 3.122   -0.159  -10.613 1.00 12.86 ? 670 SER A N   1 
ATOM   401 C CA  . SER A 1 50  ? 3.736   1.087   -10.169 1.00 13.27 ? 670 SER A CA  1 
ATOM   402 C C   . SER A 1 50  ? 4.491   0.977   -8.853  1.00 14.01 ? 670 SER A C   1 
ATOM   403 O O   . SER A 1 50  ? 4.698   1.973   -8.154  1.00 15.14 ? 670 SER A O   1 
ATOM   404 C CB  . SER A 1 50  ? 2.679   2.188   -10.097 1.00 13.10 ? 670 SER A CB  1 
ATOM   405 O OG  . SER A 1 50  ? 1.981   2.257   -11.338 1.00 15.46 ? 670 SER A OG  1 
ATOM   406 N N   . ALA A 1 51  ? 4.918   -0.234  -8.530  1.00 12.76 ? 671 ALA A N   1 
ATOM   407 C CA  . ALA A 1 51  ? 5.656   -0.479  -7.304  1.00 12.64 ? 671 ALA A CA  1 
ATOM   408 C C   . ALA A 1 51  ? 6.337   -1.829  -7.393  1.00 14.51 ? 671 ALA A C   1 
ATOM   409 O O   . ALA A 1 51  ? 6.045   -2.626  -8.289  1.00 15.47 ? 671 ALA A O   1 
ATOM   410 C CB  . ALA A 1 51  ? 4.700   -0.513  -6.090  1.00 15.92 ? 671 ALA A CB  1 
ATOM   411 N N   . ASN A 1 52  ? 7.270   -2.062  -6.476  1.00 14.86 ? 672 ASN A N   1 
ATOM   412 C CA  . ASN A 1 52  ? 7.961   -3.338  -6.390  1.00 15.48 ? 672 ASN A CA  1 
ATOM   413 C C   . ASN A 1 52  ? 7.247   -4.075  -5.261  1.00 13.76 ? 672 ASN A C   1 
ATOM   414 O O   . ASN A 1 52  ? 6.772   -3.443  -4.313  1.00 15.94 ? 672 ASN A O   1 
ATOM   415 C CB  . ASN A 1 52  ? 9.453   -3.145  -6.097  1.00 17.49 ? 672 ASN A CB  1 
ATOM   416 C CG  . ASN A 1 52  ? 10.202  -2.475  -7.273  1.00 20.78 ? 672 ASN A CG  1 
ATOM   417 O OD1 . ASN A 1 52  ? 10.234  -3.006  -8.376  1.00 37.71 ? 672 ASN A OD1 1 
ATOM   418 N ND2 . ASN A 1 52  ? 10.776  -1.324  -7.022  1.00 33.99 ? 672 ASN A ND2 1 
ATOM   419 N N   . LYS A 1 53  ? 7.163   -5.396  -5.365  1.00 13.86 ? 673 LYS A N   1 
ATOM   420 C CA  . LYS A 1 53  ? 6.507   -6.196  -4.342  1.00 13.73 ? 673 LYS A CA  1 
ATOM   421 C C   . LYS A 1 53  ? 7.428   -7.261  -3.765  1.00 18.29 ? 673 LYS A C   1 
ATOM   422 O O   . LYS A 1 53  ? 8.186   -7.908  -4.493  1.00 18.81 ? 673 LYS A O   1 
ATOM   423 C CB  . LYS A 1 53  ? 5.287   -6.917  -4.913  1.00 14.96 ? 673 LYS A CB  1 
ATOM   424 C CG  . LYS A 1 53  ? 4.582   -7.778  -3.860  1.00 18.49 ? 673 LYS A CG  1 
ATOM   425 C CD  . LYS A 1 53  ? 3.314   -8.439  -4.414  1.00 23.14 ? 673 LYS A CD  1 
ATOM   426 C CE  . LYS A 1 53  ? 3.642   -9.628  -5.295  1.00 24.97 ? 673 LYS A CE  1 
ATOM   427 N NZ  . LYS A 1 53  ? 4.171   -10.818 -4.541  1.00 23.62 ? 673 LYS A NZ  1 
ATOM   428 N N   . ALA A 1 54  ? 7.352   -7.431  -2.451  1.00 15.06 ? 674 ALA A N   1 
ATOM   429 C CA  . ALA A 1 54  ? 8.131   -8.437  -1.750  1.00 17.65 ? 674 ALA A CA  1 
ATOM   430 C C   . ALA A 1 54  ? 7.237   -9.029  -0.666  1.00 19.29 ? 674 ALA A C   1 
ATOM   431 O O   . ALA A 1 54  ? 6.431   -8.322  -0.068  1.00 20.51 ? 674 ALA A O   1 
ATOM   432 C CB  . ALA A 1 54  ? 9.383   -7.825  -1.109  1.00 18.84 ? 674 ALA A CB  1 
ATOM   433 N N   . GLU A 1 55  ? 7.355   -10.330 -0.439  1.00 18.67 ? 675 GLU A N   1 
ATOM   434 C CA  . GLU A 1 55  ? 6.575   -10.992 0.598   1.00 20.43 ? 675 GLU A CA  1 
ATOM   435 C C   . GLU A 1 55  ? 7.560   -11.306 1.708   1.00 19.73 ? 675 GLU A C   1 
ATOM   436 O O   . GLU A 1 55  ? 8.396   -12.197 1.567   1.00 24.29 ? 675 GLU A O   1 
ATOM   437 C CB  . GLU A 1 55  ? 5.939   -12.260 0.033   1.00 24.85 ? 675 GLU A CB  1 
ATOM   438 C CG  . GLU A 1 55  ? 4.475   -12.058 -0.334  1.00 38.74 ? 675 GLU A CG  1 
ATOM   439 C CD  . GLU A 1 55  ? 4.082   -12.741 -1.615  1.00 46.21 ? 675 GLU A CD  1 
ATOM   440 O OE1 . GLU A 1 55  ? 4.447   -13.922 -1.791  1.00 52.64 ? 675 GLU A OE1 1 
ATOM   441 O OE2 . GLU A 1 55  ? 3.397   -12.100 -2.443  1.00 43.78 ? 675 GLU A OE2 1 
ATOM   442 N N   . GLU A 1 56  ? 7.473   -10.560 2.804   1.00 19.07 ? 676 GLU A N   1 
ATOM   443 C CA  . GLU A 1 56  ? 8.402   -10.749 3.910   1.00 20.62 ? 676 GLU A CA  1 
ATOM   444 C C   . GLU A 1 56  ? 7.745   -10.722 5.278   1.00 18.33 ? 676 GLU A C   1 
ATOM   445 O O   . GLU A 1 56  ? 6.934   -9.843  5.578   1.00 18.70 ? 676 GLU A O   1 
ATOM   446 C CB  . GLU A 1 56  ? 9.458   -9.645  3.870   1.00 27.42 ? 676 GLU A CB  1 
ATOM   447 C CG  . GLU A 1 56  ? 10.272  -9.616  2.592   1.00 43.12 ? 676 GLU A CG  1 
ATOM   448 C CD  . GLU A 1 56  ? 11.329  -8.524  2.598   1.00 55.07 ? 676 GLU A CD  1 
ATOM   449 O OE1 . GLU A 1 56  ? 11.288  -7.659  3.502   1.00 56.32 ? 676 GLU A OE1 1 
ATOM   450 O OE2 . GLU A 1 56  ? 12.197  -8.525  1.693   1.00 53.17 ? 676 GLU A OE2 1 
ATOM   451 N N   . GLY A 1 57  ? 8.113   -11.695 6.104   1.00 16.80 ? 677 GLY A N   1 
ATOM   452 C CA  . GLY A 1 57  ? 7.601   -11.777 7.459   1.00 17.44 ? 677 GLY A CA  1 
ATOM   453 C C   . GLY A 1 57  ? 6.101   -11.845 7.654   1.00 13.68 ? 677 GLY A C   1 
ATOM   454 O O   . GLY A 1 57  ? 5.610   -11.475 8.713   1.00 17.84 ? 677 GLY A O   1 
ATOM   455 N N   . GLY A 1 58  ? 5.371   -12.320 6.651   1.00 16.87 ? 678 GLY A N   1 
ATOM   456 C CA  . GLY A 1 58  ? 3.927   -12.413 6.786   1.00 17.03 ? 678 GLY A CA  1 
ATOM   457 C C   . GLY A 1 58  ? 3.188   -11.209 6.229   1.00 16.75 ? 678 GLY A C   1 
ATOM   458 O O   . GLY A 1 58  ? 1.962   -11.133 6.307   1.00 18.59 ? 678 GLY A O   1 
ATOM   459 N N   . TYR A 1 59  ? 3.936   -10.260 5.678   1.00 16.61 ? 679 TYR A N   1 
ATOM   460 C CA  . TYR A 1 59  ? 3.341   -9.063  5.092   1.00 17.28 ? 679 TYR A CA  1 
ATOM   461 C C   . TYR A 1 59  ? 3.723   -8.939  3.629   1.00 16.88 ? 679 TYR A C   1 
ATOM   462 O O   . TYR A 1 59  ? 4.695   -9.536  3.180   1.00 17.36 ? 679 TYR A O   1 
ATOM   463 C CB  . TYR A 1 59  ? 3.837   -7.797  5.817   1.00 18.48 ? 679 TYR A CB  1 
ATOM   464 C CG  . TYR A 1 59  ? 3.260   -7.591  7.194   1.00 17.79 ? 679 TYR A CG  1 
ATOM   465 C CD1 . TYR A 1 59  ? 3.674   -8.365  8.274   1.00 28.40 ? 679 TYR A CD1 1 
ATOM   466 C CD2 . TYR A 1 59  ? 2.239   -6.670  7.399   1.00 19.31 ? 679 TYR A CD2 1 
ATOM   467 C CE1 . TYR A 1 59  ? 3.068   -8.225  9.530   1.00 30.41 ? 679 TYR A CE1 1 
ATOM   468 C CE2 . TYR A 1 59  ? 1.632   -6.519  8.638   1.00 27.54 ? 679 TYR A CE2 1 
ATOM   469 C CZ  . TYR A 1 59  ? 2.049   -7.300  9.697   1.00 28.73 ? 679 TYR A CZ  1 
ATOM   470 O OH  . TYR A 1 59  ? 1.440   -7.147  10.922  1.00 39.33 ? 679 TYR A OH  1 
ATOM   471 N N   . VAL A 1 60  ? 2.933   -8.181  2.879   1.00 13.55 ? 680 VAL A N   1 
ATOM   472 C CA  . VAL A 1 60  ? 3.248   -7.927  1.484   1.00 14.44 ? 680 VAL A CA  1 
ATOM   473 C C   . VAL A 1 60  ? 3.820   -6.517  1.558   1.00 15.72 ? 680 VAL A C   1 
ATOM   474 O O   . VAL A 1 60  ? 3.156   -5.593  2.033   1.00 16.65 ? 680 VAL A O   1 
ATOM   475 C CB  . VAL A 1 60  ? 1.996   -7.994  0.568   1.00 14.72 ? 680 VAL A CB  1 
ATOM   476 C CG1 . VAL A 1 60  ? 2.411   -7.707  -0.880  1.00 17.56 ? 680 VAL A CG1 1 
ATOM   477 C CG2 . VAL A 1 60  ? 1.376   -9.392  0.648   1.00 17.20 ? 680 VAL A CG2 1 
ATOM   478 N N   . VAL A 1 61  ? 5.062   -6.364  1.112   1.00 15.03 ? 681 VAL A N   1 
ATOM   479 C CA  . VAL A 1 61  ? 5.747   -5.084  1.180   1.00 13.64 ? 681 VAL A CA  1 
ATOM   480 C C   . VAL A 1 61  ? 5.909   -4.422  -0.178  1.00 13.64 ? 681 VAL A C   1 
ATOM   481 O O   . VAL A 1 61  ? 6.508   -4.989  -1.097  1.00 15.24 ? 681 VAL A O   1 
ATOM   482 C CB  . VAL A 1 61  ? 7.141   -5.262  1.851   1.00 17.19 ? 681 VAL A CB  1 
ATOM   483 C CG1 . VAL A 1 61  ? 7.832   -3.924  1.993   1.00 17.74 ? 681 VAL A CG1 1 
ATOM   484 C CG2 . VAL A 1 61  ? 6.985   -5.920  3.237   1.00 20.45 ? 681 VAL A CG2 1 
ATOM   485 N N   . PHE A 1 62  ? 5.370   -3.213  -0.295  1.00 12.70 ? 682 PHE A N   1 
ATOM   486 C CA  . PHE A 1 62  ? 5.456   -2.459  -1.533  1.00 13.25 ? 682 PHE A CA  1 
ATOM   487 C C   . PHE A 1 62  ? 6.413   -1.291  -1.365  1.00 13.57 ? 682 PHE A C   1 
ATOM   488 O O   . PHE A 1 62  ? 6.410   -0.609  -0.336  1.00 13.46 ? 682 PHE A O   1 
ATOM   489 C CB  . PHE A 1 62  ? 4.079   -1.921  -1.954  1.00 13.92 ? 682 PHE A CB  1 
ATOM   490 C CG  . PHE A 1 62  ? 3.122   -2.992  -2.383  1.00 11.88 ? 682 PHE A CG  1 
ATOM   491 C CD1 . PHE A 1 62  ? 3.223   -3.585  -3.631  1.00 13.75 ? 682 PHE A CD1 1 
ATOM   492 C CD2 . PHE A 1 62  ? 2.109   -3.404  -1.519  1.00 13.75 ? 682 PHE A CD2 1 
ATOM   493 C CE1 . PHE A 1 62  ? 2.320   -4.577  -4.023  1.00 14.74 ? 682 PHE A CE1 1 
ATOM   494 C CE2 . PHE A 1 62  ? 1.197   -4.402  -1.910  1.00 14.13 ? 682 PHE A CE2 1 
ATOM   495 C CZ  . PHE A 1 62  ? 1.306   -4.978  -3.152  1.00 13.30 ? 682 PHE A CZ  1 
ATOM   496 N N   . THR A 1 63  ? 7.236   -1.080  -2.385  1.00 12.25 ? 683 THR A N   1 
ATOM   497 C CA  . THR A 1 63  ? 8.195   0.013   -2.394  1.00 12.26 ? 683 THR A CA  1 
ATOM   498 C C   . THR A 1 63  ? 8.111   0.691   -3.760  1.00 13.34 ? 683 THR A C   1 
ATOM   499 O O   . THR A 1 63  ? 7.673   0.084   -4.741  1.00 13.44 ? 683 THR A O   1 
ATOM   500 C CB  . THR A 1 63  ? 9.634   -0.483  -2.088  1.00 16.04 ? 683 THR A CB  1 
ATOM   501 O OG1 . THR A 1 63  ? 9.952   -1.604  -2.926  1.00 16.25 ? 683 THR A OG1 1 
ATOM   502 C CG2 . THR A 1 63  ? 9.745   -0.905  -0.624  1.00 15.68 ? 683 THR A CG2 1 
ATOM   503 N N   . PRO A 1 64  ? 8.555   1.948   -3.845  1.00 13.08 ? 684 PRO A N   1 
ATOM   504 C CA  . PRO A 1 64  ? 8.484   2.662   -5.121  1.00 12.38 ? 684 PRO A CA  1 
ATOM   505 C C   . PRO A 1 64  ? 9.418   2.251   -6.236  1.00 14.14 ? 684 PRO A C   1 
ATOM   506 O O   . PRO A 1 64  ? 10.542  1.808   -5.998  1.00 15.34 ? 684 PRO A O   1 
ATOM   507 C CB  . PRO A 1 64  ? 8.748   4.124   -4.731  1.00 13.06 ? 684 PRO A CB  1 
ATOM   508 C CG  . PRO A 1 64  ? 9.680   3.992   -3.538  1.00 15.34 ? 684 PRO A CG  1 
ATOM   509 C CD  . PRO A 1 64  ? 9.123   2.794   -2.770  1.00 14.68 ? 684 PRO A CD  1 
ATOM   510 N N   . VAL A 1 65  ? 8.919   2.382   -7.462  1.00 14.86 ? 685 VAL A N   1 
ATOM   511 C CA  . VAL A 1 65  ? 9.759   2.154   -8.626  1.00 14.60 ? 685 VAL A CA  1 
ATOM   512 C C   . VAL A 1 65  ? 10.461  3.509   -8.772  1.00 16.97 ? 685 VAL A C   1 
ATOM   513 O O   . VAL A 1 65  ? 10.129  4.460   -8.059  1.00 16.49 ? 685 VAL A O   1 
ATOM   514 C CB  . VAL A 1 65  ? 8.932   1.771   -9.892  1.00 16.22 ? 685 VAL A CB  1 
ATOM   515 C CG1 . VAL A 1 65  ? 8.371   0.363   -9.699  1.00 15.96 ? 685 VAL A CG1 1 
ATOM   516 C CG2 . VAL A 1 65  ? 7.809   2.781   -10.169 1.00 14.47 ? 685 VAL A CG2 1 
ATOM   517 N N   . SER A 1 66  ? 11.421  3.603   -9.681  1.00 17.08 ? 686 SER A N   1 
ATOM   518 C CA  . SER A 1 66  ? 12.204  4.827   -9.854  1.00 16.61 ? 686 SER A CA  1 
ATOM   519 C C   . SER A 1 66  ? 11.471  6.158   -9.863  1.00 17.05 ? 686 SER A C   1 
ATOM   520 O O   . SER A 1 66  ? 11.918  7.136   -9.245  1.00 20.85 ? 686 SER A O   1 
ATOM   521 C CB  . SER A 1 66  ? 13.029  4.732   -11.145 1.00 18.62 ? 686 SER A CB  1 
ATOM   522 O OG  . SER A 1 66  ? 12.203  4.824   -12.293 1.00 20.05 ? 686 SER A OG  1 
ATOM   523 N N   . TRP A 1 67  ? 10.341  6.202   -10.548 1.00 16.61 ? 687 TRP A N   1 
ATOM   524 C CA  . TRP A 1 67  ? 9.586   7.427   -10.717 1.00 17.30 ? 687 TRP A CA  1 
ATOM   525 C C   . TRP A 1 67  ? 8.428   7.682   -9.769  1.00 16.25 ? 687 TRP A C   1 
ATOM   526 O O   . TRP A 1 67  ? 7.744   8.700   -9.898  1.00 16.98 ? 687 TRP A O   1 
ATOM   527 C CB  . TRP A 1 67  ? 9.020   7.459   -12.136 1.00 16.68 ? 687 TRP A CB  1 
ATOM   528 C CG  . TRP A 1 67  ? 8.255   6.185   -12.514 1.00 14.96 ? 687 TRP A CG  1 
ATOM   529 C CD1 . TRP A 1 67  ? 8.743   5.115   -13.209 1.00 16.86 ? 687 TRP A CD1 1 
ATOM   530 C CD2 . TRP A 1 67  ? 6.868   5.902   -12.262 1.00 15.89 ? 687 TRP A CD2 1 
ATOM   531 N NE1 . TRP A 1 67  ? 7.743   4.186   -13.417 1.00 18.20 ? 687 TRP A NE1 1 
ATOM   532 C CE2 . TRP A 1 67  ? 6.582   4.645   -12.844 1.00 15.57 ? 687 TRP A CE2 1 
ATOM   533 C CE3 . TRP A 1 67  ? 5.836   6.598   -11.604 1.00 19.26 ? 687 TRP A CE3 1 
ATOM   534 C CZ2 . TRP A 1 67  ? 5.305   4.065   -12.790 1.00 17.64 ? 687 TRP A CZ2 1 
ATOM   535 C CZ3 . TRP A 1 67  ? 4.577   6.023   -11.553 1.00 19.06 ? 687 TRP A CZ3 1 
ATOM   536 C CH2 . TRP A 1 67  ? 4.320   4.770   -12.144 1.00 19.91 ? 687 TRP A CH2 1 
ATOM   537 N N   . ASN A 1 68  ? 8.223   6.784   -8.809  1.00 15.52 ? 688 ASN A N   1 
ATOM   538 C CA  . ASN A 1 68  ? 7.061   6.885   -7.932  1.00 15.96 ? 688 ASN A CA  1 
ATOM   539 C C   . ASN A 1 68  ? 7.375   7.120   -6.463  1.00 17.45 ? 688 ASN A C   1 
ATOM   540 O O   . ASN A 1 68  ? 6.662   6.619   -5.589  1.00 15.11 ? 688 ASN A O   1 
ATOM   541 C CB  . ASN A 1 68  ? 6.222   5.601   -8.124  1.00 14.50 ? 688 ASN A CB  1 
ATOM   542 C CG  . ASN A 1 68  ? 4.738   5.830   -7.959  1.00 17.55 ? 688 ASN A CG  1 
ATOM   543 O OD1 . ASN A 1 68  ? 4.256   6.963   -7.977  1.00 17.48 ? 688 ASN A OD1 1 
ATOM   544 N ND2 . ASN A 1 68  ? 3.992   4.733   -7.810  1.00 16.32 ? 688 ASN A ND2 1 
ATOM   545 N N   . ARG A 1 69  ? 8.416   7.904   -6.190  1.00 16.04 ? 689 ARG A N   1 
ATOM   546 C CA  . ARG A 1 69  ? 8.815   8.193   -4.810  1.00 14.84 ? 689 ARG A CA  1 
ATOM   547 C C   . ARG A 1 69  ? 8.060   9.367   -4.191  1.00 14.26 ? 689 ARG A C   1 
ATOM   548 O O   . ARG A 1 69  ? 8.181   9.619   -2.992  1.00 15.45 ? 689 ARG A O   1 
ATOM   549 C CB  . ARG A 1 69  ? 10.319  8.468   -4.730  1.00 14.56 ? 689 ARG A CB  1 
ATOM   550 C CG  . ARG A 1 69  ? 11.157  7.267   -5.141  1.00 18.10 ? 689 ARG A CG  1 
ATOM   551 C CD  . ARG A 1 69  ? 12.679  7.548   -5.093  1.00 19.91 ? 689 ARG A CD  1 
ATOM   552 N NE  . ARG A 1 69  ? 13.189  7.668   -3.732  1.00 22.06 ? 689 ARG A NE  1 
ATOM   553 C CZ  . ARG A 1 69  ? 13.672  8.793   -3.200  1.00 19.50 ? 689 ARG A CZ  1 
ATOM   554 N NH1 . ARG A 1 69  ? 13.722  9.903   -3.927  1.00 21.23 ? 689 ARG A NH1 1 
ATOM   555 N NH2 . ARG A 1 69  ? 14.054  8.812   -1.929  1.00 21.07 ? 689 ARG A NH2 1 
ATOM   556 N N   . GLY A 1 70  ? 7.276   10.073  -4.999  1.00 15.60 ? 690 GLY A N   1 
ATOM   557 C CA  . GLY A 1 70  ? 6.519   11.209  -4.496  1.00 17.09 ? 690 GLY A CA  1 
ATOM   558 C C   . GLY A 1 70  ? 6.669   12.433  -5.386  1.00 14.80 ? 690 GLY A C   1 
ATOM   559 O O   . GLY A 1 70  ? 7.289   12.337  -6.446  1.00 18.00 ? 690 GLY A O   1 
ATOM   560 N N   . PRO A 1 71  ? 6.142   13.602  -4.980  1.00 16.33 ? 691 PRO A N   1 
ATOM   561 C CA  . PRO A 1 71  ? 5.406   13.883  -3.740  1.00 18.13 ? 691 PRO A CA  1 
ATOM   562 C C   . PRO A 1 71  ? 4.088   13.131  -3.589  1.00 17.82 ? 691 PRO A C   1 
ATOM   563 O O   . PRO A 1 71  ? 3.673   12.818  -2.471  1.00 21.12 ? 691 PRO A O   1 
ATOM   564 C CB  . PRO A 1 71  ? 5.225   15.399  -3.765  1.00 19.77 ? 691 PRO A CB  1 
ATOM   565 C CG  . PRO A 1 71  ? 5.166   15.711  -5.231  1.00 25.22 ? 691 PRO A CG  1 
ATOM   566 C CD  . PRO A 1 71  ? 6.253   14.824  -5.806  1.00 20.75 ? 691 PRO A CD  1 
ATOM   567 N N   . THR A 1 72  ? 3.426   12.865  -4.711  1.00 17.34 ? 692 THR A N   1 
ATOM   568 C CA  . THR A 1 72  ? 2.170   12.125  -4.701  1.00 16.59 ? 692 THR A CA  1 
ATOM   569 C C   . THR A 1 72  ? 2.405   10.856  -5.509  1.00 20.65 ? 692 THR A C   1 
ATOM   570 O O   . THR A 1 72  ? 2.642   10.909  -6.717  1.00 22.52 ? 692 THR A O   1 
ATOM   571 C CB  . THR A 1 72  ? 1.015   12.928  -5.335  1.00 23.17 ? 692 THR A CB  1 
ATOM   572 O OG1 . THR A 1 72  ? 0.860   14.175  -4.631  1.00 27.40 ? 692 THR A OG1 1 
ATOM   573 C CG2 . THR A 1 72  ? -0.293  12.159  -5.215  1.00 30.15 ? 692 THR A CG2 1 
ATOM   574 N N   . ALA A 1 73  ? 2.358   9.715   -4.829  1.00 15.22 ? 693 ALA A N   1 
ATOM   575 C CA  . ALA A 1 73  ? 2.588   8.434   -5.479  1.00 14.94 ? 693 ALA A CA  1 
ATOM   576 C C   . ALA A 1 73  ? 1.312   7.613   -5.529  1.00 15.80 ? 693 ALA A C   1 
ATOM   577 O O   . ALA A 1 73  ? 0.566   7.548   -4.557  1.00 19.97 ? 693 ALA A O   1 
ATOM   578 C CB  . ALA A 1 73  ? 3.649   7.670   -4.719  1.00 16.30 ? 693 ALA A CB  1 
ATOM   579 N N   . THR A 1 74  ? 1.060   6.992   -6.671  1.00 15.68 ? 694 THR A N   1 
ATOM   580 C CA  . THR A 1 74  ? -0.117  6.158   -6.828  1.00 17.72 ? 694 THR A CA  1 
ATOM   581 C C   . THR A 1 74  ? 0.298   4.792   -7.347  1.00 14.30 ? 694 THR A C   1 
ATOM   582 O O   . THR A 1 74  ? 1.088   4.685   -8.282  1.00 15.26 ? 694 THR A O   1 
ATOM   583 C CB  . THR A 1 74  ? -1.151  6.772   -7.810  1.00 20.84 ? 694 THR A CB  1 
ATOM   584 O OG1 . THR A 1 74  ? -1.671  7.994   -7.258  1.00 27.43 ? 694 THR A OG1 1 
ATOM   585 C CG2 . THR A 1 74  ? -2.326  5.822   -8.023  1.00 30.02 ? 694 THR A CG2 1 
ATOM   586 N N   . PHE A 1 75  ? -0.209  3.747   -6.702  1.00 13.42 ? 695 PHE A N   1 
ATOM   587 C CA  . PHE A 1 75  ? 0.072   2.383   -7.131  1.00 11.95 ? 695 PHE A CA  1 
ATOM   588 C C   . PHE A 1 75  ? -1.126  1.538   -6.754  1.00 11.83 ? 695 PHE A C   1 
ATOM   589 O O   . PHE A 1 75  ? -2.080  2.038   -6.158  1.00 12.30 ? 695 PHE A O   1 
ATOM   590 C CB  . PHE A 1 75  ? 1.371   1.815   -6.498  1.00 12.38 ? 695 PHE A CB  1 
ATOM   591 C CG  . PHE A 1 75  ? 1.281   1.496   -5.023  1.00 13.25 ? 695 PHE A CG  1 
ATOM   592 C CD1 . PHE A 1 75  ? 1.416   2.511   -4.067  1.00 14.54 ? 695 PHE A CD1 1 
ATOM   593 C CD2 . PHE A 1 75  ? 1.067   0.184   -4.583  1.00 14.24 ? 695 PHE A CD2 1 
ATOM   594 C CE1 . PHE A 1 75  ? 1.344   2.218   -2.712  1.00 14.57 ? 695 PHE A CE1 1 
ATOM   595 C CE2 . PHE A 1 75  ? 0.992   -0.098  -3.223  1.00 15.78 ? 695 PHE A CE2 1 
ATOM   596 C CZ  . PHE A 1 75  ? 1.135   0.928   -2.290  1.00 14.05 ? 695 PHE A CZ  1 
ATOM   597 N N   . GLY A 1 76  ? -1.112  0.267   -7.125  1.00 10.34 ? 696 GLY A N   1 
ATOM   598 C CA  . GLY A 1 76  ? -2.246  -0.559  -6.771  1.00 11.39 ? 696 GLY A CA  1 
ATOM   599 C C   . GLY A 1 76  ? -1.928  -2.026  -6.837  1.00 11.04 ? 696 GLY A C   1 
ATOM   600 O O   . GLY A 1 76  ? -0.879  -2.433  -7.348  1.00 11.89 ? 696 GLY A O   1 
ATOM   601 N N   . PHE A 1 77  ? -2.840  -2.830  -6.308  1.00 11.09 ? 697 PHE A N   1 
ATOM   602 C CA  . PHE A 1 77  ? -2.668  -4.267  -6.337  1.00 10.62 ? 697 PHE A CA  1 
ATOM   603 C C   . PHE A 1 77  ? -4.020  -4.942  -6.218  1.00 10.71 ? 697 PHE A C   1 
ATOM   604 O O   . PHE A 1 77  ? -5.015  -4.319  -5.835  1.00 11.71 ? 697 PHE A O   1 
ATOM   605 C CB  . PHE A 1 77  ? -1.750  -4.770  -5.200  1.00 11.76 ? 697 PHE A CB  1 
ATOM   606 C CG  . PHE A 1 77  ? -2.234  -4.436  -3.815  1.00 11.89 ? 697 PHE A CG  1 
ATOM   607 C CD1 . PHE A 1 77  ? -1.908  -3.228  -3.216  1.00 12.36 ? 697 PHE A CD1 1 
ATOM   608 C CD2 . PHE A 1 77  ? -2.990  -5.363  -3.102  1.00 13.15 ? 697 PHE A CD2 1 
ATOM   609 C CE1 . PHE A 1 77  ? -2.337  -2.939  -1.905  1.00 12.75 ? 697 PHE A CE1 1 
ATOM   610 C CE2 . PHE A 1 77  ? -3.417  -5.089  -1.789  1.00 12.51 ? 697 PHE A CE2 1 
ATOM   611 C CZ  . PHE A 1 77  ? -3.093  -3.881  -1.196  1.00 11.57 ? 697 PHE A CZ  1 
ATOM   612 N N   . ILE A 1 78  ? -4.054  -6.216  -6.579  1.00 12.03 ? 698 ILE A N   1 
ATOM   613 C CA  . ILE A 1 78  ? -5.270  -7.001  -6.476  1.00 13.45 ? 698 ILE A CA  1 
ATOM   614 C C   . ILE A 1 78  ? -4.938  -8.191  -5.595  1.00 13.14 ? 698 ILE A C   1 
ATOM   615 O O   . ILE A 1 78  ? -3.917  -8.853  -5.796  1.00 13.50 ? 698 ILE A O   1 
ATOM   616 C CB  . ILE A 1 78  ? -5.765  -7.511  -7.848  1.00 14.99 ? 698 ILE A CB  1 
ATOM   617 C CG1 . ILE A 1 78  ? -6.191  -6.318  -8.715  1.00 17.33 ? 698 ILE A CG1 1 
ATOM   618 C CG2 . ILE A 1 78  ? -6.942  -8.506  -7.640  1.00 16.72 ? 698 ILE A CG2 1 
ATOM   619 C CD1 . ILE A 1 78  ? -6.430  -6.662  -10.191 1.00 16.91 ? 698 ILE A CD1 1 
ATOM   620 N N   . ALA A 1 79  ? -5.780  -8.436  -4.597  1.00 12.42 ? 699 ALA A N   1 
ATOM   621 C CA  . ALA A 1 79  ? -5.593  -9.563  -3.692  1.00 13.06 ? 699 ALA A CA  1 
ATOM   622 C C   . ALA A 1 79  ? -6.737  -10.539 -3.943  1.00 14.24 ? 699 ALA A C   1 
ATOM   623 O O   . ALA A 1 79  ? -7.849  -10.132 -4.283  1.00 14.85 ? 699 ALA A O   1 
ATOM   624 C CB  . ALA A 1 79  ? -5.586  -9.110  -2.228  1.00 14.47 ? 699 ALA A CB  1 
ATOM   625 N N   . THR A 1 80  ? -6.470  -11.828 -3.784  1.00 15.37 ? 700 THR A N   1 
ATOM   626 C CA  . THR A 1 80  ? -7.501  -12.828 -4.016  1.00 15.80 ? 700 THR A CA  1 
ATOM   627 C C   . THR A 1 80  ? -8.539  -12.807 -2.906  1.00 15.59 ? 700 THR A C   1 
ATOM   628 O O   . THR A 1 80  ? -8.219  -12.571 -1.741  1.00 17.31 ? 700 THR A O   1 
ATOM   629 C CB  . THR A 1 80  ? -6.889  -14.230 -4.110  1.00 17.44 ? 700 THR A CB  1 
ATOM   630 O OG1 . THR A 1 80  ? -6.237  -14.560 -2.881  1.00 18.30 ? 700 THR A OG1 1 
ATOM   631 C CG2 . THR A 1 80  ? -5.885  -14.275 -5.268  1.00 19.42 ? 700 THR A CG2 1 
ATOM   632 N N   . GLY A 1 81  ? -9.789  -13.051 -3.283  1.00 16.31 ? 701 GLY A N   1 
ATOM   633 C CA  . GLY A 1 81  ? -10.858 -13.059 -2.304  1.00 18.38 ? 701 GLY A CA  1 
ATOM   634 C C   . GLY A 1 81  ? -11.517 -11.705 -2.125  1.00 17.84 ? 701 GLY A C   1 
ATOM   635 O O   . GLY A 1 81  ? -11.084 -10.697 -2.694  1.00 19.03 ? 701 GLY A O   1 
ATOM   636 N N   . SER A 1 82  ? -12.569 -11.692 -1.317  1.00 16.39 ? 702 SER A N   1 
ATOM   637 C CA  . SER A 1 82  ? -13.340 -10.489 -1.038  1.00 16.95 ? 702 SER A CA  1 
ATOM   638 C C   . SER A 1 82  ? -12.796 -9.724  0.166   1.00 17.62 ? 702 SER A C   1 
ATOM   639 O O   . SER A 1 82  ? -12.817 -10.221 1.294   1.00 17.85 ? 702 SER A O   1 
ATOM   640 C CB  . SER A 1 82  ? -14.791 -10.898 -0.797  1.00 21.26 ? 702 SER A CB  1 
ATOM   641 O OG  . SER A 1 82  ? -15.574 -9.775  -0.462  1.00 25.32 ? 702 SER A OG  1 
ATOM   642 N N   . GLU A 1 83  ? -12.304 -8.513  -0.092  1.00 16.31 ? 703 GLU A N   1 
ATOM   643 C CA  . GLU A 1 83  ? -11.747 -7.642  0.940   1.00 16.80 ? 703 GLU A CA  1 
ATOM   644 C C   . GLU A 1 83  ? -10.852 -8.400  1.914   1.00 16.49 ? 703 GLU A C   1 
ATOM   645 O O   . GLU A 1 83  ? -11.098 -8.425  3.121   1.00 18.84 ? 703 GLU A O   1 
ATOM   646 C CB  . GLU A 1 83  ? -12.898 -6.967  1.693   1.00 21.51 ? 703 GLU A CB  1 
ATOM   647 C CG  . GLU A 1 83  ? -13.724 -6.069  0.779   1.00 21.83 ? 703 GLU A CG  1 
ATOM   648 C CD  . GLU A 1 83  ? -14.876 -5.389  1.489   1.00 29.64 ? 703 GLU A CD  1 
ATOM   649 O OE1 . GLU A 1 83  ? -14.628 -4.644  2.461   1.00 24.57 ? 703 GLU A OE1 1 
ATOM   650 O OE2 . GLU A 1 83  ? -16.031 -5.606  1.068   1.00 31.20 ? 703 GLU A OE2 1 
ATOM   651 N N   . SER A 1 84  ? -9.790  -8.996  1.382   1.00 15.48 ? 704 SER A N   1 
ATOM   652 C CA  . SER A 1 84  ? -8.870  -9.772  2.201   1.00 16.43 ? 704 SER A CA  1 
ATOM   653 C C   . SER A 1 84  ? -7.803  -8.954  2.931   1.00 15.53 ? 704 SER A C   1 
ATOM   654 O O   . SER A 1 84  ? -7.105  -9.487  3.797   1.00 17.33 ? 704 SER A O   1 
ATOM   655 C CB  . SER A 1 84  ? -8.191  -10.843 1.366   1.00 20.21 ? 704 SER A CB  1 
ATOM   656 O OG  . SER A 1 84  ? -7.243  -10.250 0.505   1.00 23.36 ? 704 SER A OG  1 
ATOM   657 N N   . VAL A 1 85  ? -7.660  -7.675  2.591   1.00 14.30 ? 705 VAL A N   1 
ATOM   658 C CA  . VAL A 1 85  ? -6.670  -6.845  3.277   1.00 15.91 ? 705 VAL A CA  1 
ATOM   659 C C   . VAL A 1 85  ? -7.187  -6.452  4.657   1.00 16.17 ? 705 VAL A C   1 
ATOM   660 O O   . VAL A 1 85  ? -8.251  -5.841  4.784   1.00 16.32 ? 705 VAL A O   1 
ATOM   661 C CB  . VAL A 1 85  ? -6.336  -5.553  2.490   1.00 12.95 ? 705 VAL A CB  1 
ATOM   662 C CG1 . VAL A 1 85  ? -5.486  -4.613  3.359   1.00 14.97 ? 705 VAL A CG1 1 
ATOM   663 C CG2 . VAL A 1 85  ? -5.570  -5.899  1.222   1.00 15.18 ? 705 VAL A CG2 1 
ATOM   664 N N   . GLU A 1 86  ? -6.427  -6.803  5.689   1.00 16.91 ? 706 GLU A N   1 
ATOM   665 C CA  . GLU A 1 86  ? -6.818  -6.488  7.056   1.00 17.26 ? 706 GLU A CA  1 
ATOM   666 C C   . GLU A 1 86  ? -6.259  -5.149  7.515   1.00 17.10 ? 706 GLU A C   1 
ATOM   667 O O   . GLU A 1 86  ? -6.881  -4.462  8.324   1.00 18.40 ? 706 GLU A O   1 
ATOM   668 C CB  . GLU A 1 86  ? -6.325  -7.571  8.007   1.00 21.66 ? 706 GLU A CB  1 
ATOM   669 C CG  . GLU A 1 86  ? -6.808  -8.959  7.627   1.00 28.41 ? 706 GLU A CG  1 
ATOM   670 C CD  . GLU A 1 86  ? -6.394  -10.018 8.621   1.00 37.07 ? 706 GLU A CD  1 
ATOM   671 O OE1 . GLU A 1 86  ? -5.322  -9.873  9.247   1.00 33.69 ? 706 GLU A OE1 1 
ATOM   672 O OE2 . GLU A 1 86  ? -7.145  -11.005 8.765   1.00 39.21 ? 706 GLU A OE2 1 
ATOM   673 N N   . ALA A 1 87  ? -5.081  -4.787  7.011   1.00 16.06 ? 707 ALA A N   1 
ATOM   674 C CA  . ALA A 1 87  ? -4.455  -3.522  7.387   1.00 15.09 ? 707 ALA A CA  1 
ATOM   675 C C   . ALA A 1 87  ? -3.374  -3.105  6.398   1.00 13.49 ? 707 ALA A C   1 
ATOM   676 O O   . ALA A 1 87  ? -2.754  -3.946  5.749   1.00 14.23 ? 707 ALA A O   1 
ATOM   677 C CB  . ALA A 1 87  ? -3.820  -3.653  8.786   1.00 20.06 ? 707 ALA A CB  1 
ATOM   678 N N   . ILE A 1 88  ? -3.166  -1.796  6.287   1.00 13.36 ? 708 ILE A N   1 
ATOM   679 C CA  . ILE A 1 88  ? -2.144  -1.240  5.407   1.00 14.07 ? 708 ILE A CA  1 
ATOM   680 C C   . ILE A 1 88  ? -1.391  -0.198  6.229   1.00 14.06 ? 708 ILE A C   1 
ATOM   681 O O   . ILE A 1 88  ? -2.004  0.688   6.830   1.00 15.81 ? 708 ILE A O   1 
ATOM   682 C CB  . ILE A 1 88  ? -2.749  -0.571  4.144   1.00 13.75 ? 708 ILE A CB  1 
ATOM   683 C CG1 . ILE A 1 88  ? -3.549  -1.611  3.328   1.00 14.54 ? 708 ILE A CG1 1 
ATOM   684 C CG2 . ILE A 1 88  ? -1.622  0.082   3.310   1.00 13.44 ? 708 ILE A CG2 1 
ATOM   685 C CD1 . ILE A 1 88  ? -4.254  -1.032  2.088   1.00 16.44 ? 708 ILE A CD1 1 
ATOM   686 N N   . TYR A 1 89  ? -0.068  -0.318  6.262   1.00 14.79 ? 709 TYR A N   1 
ATOM   687 C CA  . TYR A 1 89  ? 0.772   0.603   7.024   1.00 13.37 ? 709 TYR A CA  1 
ATOM   688 C C   . TYR A 1 89  ? 1.734   1.353   6.113   1.00 13.54 ? 709 TYR A C   1 
ATOM   689 O O   . TYR A 1 89  ? 2.374   0.748   5.255   1.00 15.80 ? 709 TYR A O   1 
ATOM   690 C CB  . TYR A 1 89  ? 1.608   -0.176  8.056   1.00 16.72 ? 709 TYR A CB  1 
ATOM   691 C CG  . TYR A 1 89  ? 0.788   -1.027  9.007   1.00 16.41 ? 709 TYR A CG  1 
ATOM   692 C CD1 . TYR A 1 89  ? 0.262   -0.487  10.185  1.00 19.80 ? 709 TYR A CD1 1 
ATOM   693 C CD2 . TYR A 1 89  ? 0.525   -2.359  8.717   1.00 18.26 ? 709 TYR A CD2 1 
ATOM   694 C CE1 . TYR A 1 89  ? -0.506  -1.269  11.046  1.00 21.52 ? 709 TYR A CE1 1 
ATOM   695 C CE2 . TYR A 1 89  ? -0.236  -3.146  9.566   1.00 17.85 ? 709 TYR A CE2 1 
ATOM   696 C CZ  . TYR A 1 89  ? -0.741  -2.589  10.722  1.00 21.15 ? 709 TYR A CZ  1 
ATOM   697 O OH  . TYR A 1 89  ? -1.473  -3.387  11.558  1.00 24.45 ? 709 TYR A OH  1 
ATOM   698 N N   . LEU A 1 90  ? 1.839   2.664   6.307   1.00 12.97 ? 710 LEU A N   1 
ATOM   699 C CA  . LEU A 1 90  ? 2.763   3.477   5.521   1.00 12.90 ? 710 LEU A CA  1 
ATOM   700 C C   . LEU A 1 90  ? 3.935   3.898   6.399   1.00 14.26 ? 710 LEU A C   1 
ATOM   701 O O   . LEU A 1 90  ? 3.762   4.616   7.386   1.00 14.16 ? 710 LEU A O   1 
ATOM   702 C CB  . LEU A 1 90  ? 2.085   4.724   4.962   1.00 13.70 ? 710 LEU A CB  1 
ATOM   703 C CG  . LEU A 1 90  ? 3.035   5.769   4.337   1.00 13.08 ? 710 LEU A CG  1 
ATOM   704 C CD1 . LEU A 1 90  ? 3.747   5.216   3.095   1.00 15.17 ? 710 LEU A CD1 1 
ATOM   705 C CD2 . LEU A 1 90  ? 2.217   7.022   3.988   1.00 14.56 ? 710 LEU A CD2 1 
ATOM   706 N N   . TYR A 1 91  ? 5.124   3.437   6.027   1.00 13.84 ? 711 TYR A N   1 
ATOM   707 C CA  . TYR A 1 91  ? 6.345   3.762   6.746   1.00 14.07 ? 711 TYR A CA  1 
ATOM   708 C C   . TYR A 1 91  ? 7.258   4.620   5.892   1.00 14.96 ? 711 TYR A C   1 
ATOM   709 O O   . TYR A 1 91  ? 7.483   4.329   4.719   1.00 16.39 ? 711 TYR A O   1 
ATOM   710 C CB  . TYR A 1 91  ? 7.112   2.503   7.152   1.00 17.14 ? 711 TYR A CB  1 
ATOM   711 C CG  . TYR A 1 91  ? 6.502   1.773   8.323   1.00 17.11 ? 711 TYR A CG  1 
ATOM   712 C CD1 . TYR A 1 91  ? 6.796   2.158   9.635   1.00 19.04 ? 711 TYR A CD1 1 
ATOM   713 C CD2 . TYR A 1 91  ? 5.600   0.723   8.126   1.00 15.77 ? 711 TYR A CD2 1 
ATOM   714 C CE1 . TYR A 1 91  ? 6.200   1.509   10.726  1.00 20.85 ? 711 TYR A CE1 1 
ATOM   715 C CE2 . TYR A 1 91  ? 5.000   0.065   9.215   1.00 19.16 ? 711 TYR A CE2 1 
ATOM   716 C CZ  . TYR A 1 91  ? 5.309   0.471   10.503  1.00 23.34 ? 711 TYR A CZ  1 
ATOM   717 O OH  . TYR A 1 91  ? 4.738   -0.168  11.581  1.00 26.93 ? 711 TYR A OH  1 
ATOM   718 N N   . VAL A 1 92  ? 7.771   5.689   6.487   1.00 14.34 ? 712 VAL A N   1 
ATOM   719 C CA  . VAL A 1 92  ? 8.692   6.581   5.802   1.00 17.52 ? 712 VAL A CA  1 
ATOM   720 C C   . VAL A 1 92  ? 9.848   6.829   6.761   1.00 22.15 ? 712 VAL A C   1 
ATOM   721 O O   . VAL A 1 92  ? 9.652   7.308   7.881   1.00 21.93 ? 712 VAL A O   1 
ATOM   722 C CB  . VAL A 1 92  ? 8.032   7.912   5.415   1.00 17.81 ? 712 VAL A CB  1 
ATOM   723 C CG1 . VAL A 1 92  ? 9.098   8.867   4.811   1.00 21.15 ? 712 VAL A CG1 1 
ATOM   724 C CG2 . VAL A 1 92  ? 6.903   7.653   4.391   1.00 18.81 ? 712 VAL A CG2 1 
ATOM   725 N N   . ASP A 1 93  ? 11.048  6.473   6.314   1.00 23.60 ? 713 ASP A N   1 
ATOM   726 C CA  . ASP A 1 93  ? 12.256  6.628   7.110   1.00 26.55 ? 713 ASP A CA  1 
ATOM   727 C C   . ASP A 1 93  ? 12.131  5.974   8.485   1.00 27.19 ? 713 ASP A C   1 
ATOM   728 O O   . ASP A 1 93  ? 12.598  6.514   9.490   1.00 28.32 ? 713 ASP A O   1 
ATOM   729 C CB  . ASP A 1 93  ? 12.630  8.111   7.213   1.00 29.30 ? 713 ASP A CB  1 
ATOM   730 C CG  . ASP A 1 93  ? 12.976  8.716   5.848   1.00 31.91 ? 713 ASP A CG  1 
ATOM   731 O OD1 . ASP A 1 93  ? 13.411  7.953   4.961   1.00 35.31 ? 713 ASP A OD1 1 
ATOM   732 O OD2 . ASP A 1 93  ? 12.821  9.940   5.651   1.00 33.59 ? 713 ASP A OD2 1 
ATOM   733 N N   . GLY A 1 94  ? 11.488  4.809   8.516   1.00 26.63 ? 714 GLY A N   1 
ATOM   734 C CA  . GLY A 1 94  ? 11.326  4.068   9.754   1.00 26.21 ? 714 GLY A CA  1 
ATOM   735 C C   . GLY A 1 94  ? 10.185  4.472   10.670  1.00 27.01 ? 714 GLY A C   1 
ATOM   736 O O   . GLY A 1 94  ? 9.957   3.818   11.689  1.00 29.36 ? 714 GLY A O   1 
ATOM   737 N N   . GLN A 1 95  ? 9.469   5.539   10.327  1.00 22.97 ? 715 GLN A N   1 
ATOM   738 C CA  . GLN A 1 95  ? 8.357   5.996   11.155  1.00 21.33 ? 715 GLN A CA  1 
ATOM   739 C C   . GLN A 1 95  ? 7.018   5.661   10.515  1.00 20.03 ? 715 GLN A C   1 
ATOM   740 O O   . GLN A 1 95  ? 6.883   5.693   9.289   1.00 19.59 ? 715 GLN A O   1 
ATOM   741 C CB  . GLN A 1 95  ? 8.422   7.505   11.346  1.00 24.35 ? 715 GLN A CB  1 
ATOM   742 C CG  . GLN A 1 95  ? 9.673   8.005   12.042  1.00 34.68 ? 715 GLN A CG  1 
ATOM   743 C CD  . GLN A 1 95  ? 9.582   9.484   12.359  1.00 41.94 ? 715 GLN A CD  1 
ATOM   744 O OE1 . GLN A 1 95  ? 10.097  10.331  11.626  1.00 47.87 ? 715 GLN A OE1 1 
ATOM   745 N NE2 . GLN A 1 95  ? 8.903   9.805   13.454  1.00 40.33 ? 715 GLN A NE2 1 
ATOM   746 N N   . LEU A 1 96  ? 6.030   5.356   11.349  1.00 18.64 ? 716 LEU A N   1 
ATOM   747 C CA  . LEU A 1 96  ? 4.694   5.044   10.858  1.00 16.75 ? 716 LEU A CA  1 
ATOM   748 C C   . LEU A 1 96  ? 3.969   6.355   10.579  1.00 18.84 ? 716 LEU A C   1 
ATOM   749 O O   . LEU A 1 96  ? 3.525   7.044   11.500  1.00 20.22 ? 716 LEU A O   1 
ATOM   750 C CB  . LEU A 1 96  ? 3.916   4.210   11.888  1.00 16.94 ? 716 LEU A CB  1 
ATOM   751 C CG  . LEU A 1 96  ? 2.493   3.825   11.437  1.00 18.69 ? 716 LEU A CG  1 
ATOM   752 C CD1 . LEU A 1 96  ? 2.537   2.957   10.192  1.00 19.15 ? 716 LEU A CD1 1 
ATOM   753 C CD2 . LEU A 1 96  ? 1.797   3.062   12.563  1.00 22.18 ? 716 LEU A CD2 1 
ATOM   754 N N   . TRP A 1 97  ? 3.859   6.704   9.303   1.00 14.49 ? 717 TRP A N   1 
ATOM   755 C CA  . TRP A 1 97  ? 3.199   7.940   8.900   1.00 15.20 ? 717 TRP A CA  1 
ATOM   756 C C   . TRP A 1 97  ? 1.676   7.879   8.919   1.00 16.17 ? 717 TRP A C   1 
ATOM   757 O O   . TRP A 1 97  ? 1.017   8.846   9.304   1.00 17.14 ? 717 TRP A O   1 
ATOM   758 C CB  . TRP A 1 97  ? 3.663   8.365   7.501   1.00 15.46 ? 717 TRP A CB  1 
ATOM   759 C CG  . TRP A 1 97  ? 4.925   9.176   7.488   1.00 15.08 ? 717 TRP A CG  1 
ATOM   760 C CD1 . TRP A 1 97  ? 5.964   9.096   8.383   1.00 19.44 ? 717 TRP A CD1 1 
ATOM   761 C CD2 . TRP A 1 97  ? 5.278   10.177  6.539   1.00 16.87 ? 717 TRP A CD2 1 
ATOM   762 N NE1 . TRP A 1 97  ? 6.942   10.009  8.044   1.00 18.79 ? 717 TRP A NE1 1 
ATOM   763 C CE2 . TRP A 1 97  ? 6.549   10.684  6.917   1.00 16.75 ? 717 TRP A CE2 1 
ATOM   764 C CE3 . TRP A 1 97  ? 4.648   10.700  5.406   1.00 17.51 ? 717 TRP A CE3 1 
ATOM   765 C CZ2 . TRP A 1 97  ? 7.195   11.695  6.193   1.00 19.19 ? 717 TRP A CZ2 1 
ATOM   766 C CZ3 . TRP A 1 97  ? 5.288   11.706  4.686   1.00 18.88 ? 717 TRP A CZ3 1 
ATOM   767 C CH2 . TRP A 1 97  ? 6.551   12.192  5.086   1.00 22.41 ? 717 TRP A CH2 1 
ATOM   768 N N   . ASP A 1 98  ? 1.118   6.744   8.508   1.00 14.06 ? 718 ASP A N   1 
ATOM   769 C CA  . ASP A 1 98  ? -0.330  6.612   8.453   1.00 15.72 ? 718 ASP A CA  1 
ATOM   770 C C   . ASP A 1 98  ? -0.668  5.130   8.346   1.00 15.22 ? 718 ASP A C   1 
ATOM   771 O O   . ASP A 1 98  ? 0.193   4.312   8.024   1.00 14.30 ? 718 ASP A O   1 
ATOM   772 C CB  . ASP A 1 98  ? -0.853  7.386   7.223   1.00 15.03 ? 718 ASP A CB  1 
ATOM   773 C CG  . ASP A 1 98  ? -2.287  7.892   7.392   1.00 15.38 ? 718 ASP A CG  1 
ATOM   774 O OD1 . ASP A 1 98  ? -2.930  7.521   8.397   1.00 16.16 ? 718 ASP A OD1 1 
ATOM   775 O OD2 . ASP A 1 98  ? -2.754  8.661   6.519   1.00 15.57 ? 718 ASP A OD2 1 
ATOM   776 N N   . ALA A 1 99  ? -1.921  4.782   8.619   1.00 13.87 ? 719 ALA A N   1 
ATOM   777 C CA  . ALA A 1 99  ? -2.341  3.389   8.530   1.00 14.31 ? 719 ALA A CA  1 
ATOM   778 C C   . ALA A 1 99  ? -3.829  3.287   8.231   1.00 13.93 ? 719 ALA A C   1 
ATOM   779 O O   . ALA A 1 99  ? -4.602  4.193   8.550   1.00 16.87 ? 719 ALA A O   1 
ATOM   780 C CB  . ALA A 1 99  ? -1.988  2.624   9.802   1.00 17.69 ? 719 ALA A CB  1 
ATOM   781 N N   . TRP A 1 100 ? -4.210  2.172   7.614   1.00 15.51 ? 720 TRP A N   1 
ATOM   782 C CA  . TRP A 1 100 ? -5.590  1.909   7.226   1.00 15.05 ? 720 TRP A CA  1 
ATOM   783 C C   . TRP A 1 100 ? -6.047  0.603   7.872   1.00 17.61 ? 720 TRP A C   1 
ATOM   784 O O   . TRP A 1 100 ? -5.289  -0.385  7.784   1.00 16.66 ? 720 TRP A O   1 
ATOM   785 C CB  . TRP A 1 100 ? -5.655  1.811   5.697   1.00 18.70 ? 720 TRP A CB  1 
ATOM   786 C CG  . TRP A 1 100 ? -7.029  1.622   5.118   1.00 16.35 ? 720 TRP A CG  1 
ATOM   787 C CD1 . TRP A 1 100 ? -7.942  2.591   4.871   1.00 22.33 ? 720 TRP A CD1 1 
ATOM   788 C CD2 . TRP A 1 100 ? -7.625  0.387   4.691   1.00 15.41 ? 720 TRP A CD2 1 
ATOM   789 N NE1 . TRP A 1 100 ? -9.076  2.048   4.309   1.00 22.61 ? 720 TRP A NE1 1 
ATOM   790 C CE2 . TRP A 1 100 ? -8.907  0.694   4.194   1.00 18.66 ? 720 TRP A CE2 1 
ATOM   791 C CE3 . TRP A 1 100 ? -7.198  -0.943  4.679   1.00 17.05 ? 720 TRP A CE3 1 
ATOM   792 C CZ2 . TRP A 1 100 ? -9.775  -0.283  3.690   1.00 17.87 ? 720 TRP A CZ2 1 
ATOM   793 C CZ3 . TRP A 1 100 ? -8.057  -1.917  4.176   1.00 20.92 ? 720 TRP A CZ3 1 
ATOM   794 C CH2 . TRP A 1 100 ? -9.336  -1.577  3.687   1.00 18.77 ? 720 TRP A CH2 1 
ATOM   795 O OXT . TRP A 1 100 ? -7.144  0.549   8.485   1.00 19.40 ? 720 TRP A OXT 1 
HETATM 796 S S   . SO4 B 2 .   ? 5.169   -14.931 4.231   0.78 24.88 ? 801 SO4 A S   1 
HETATM 797 O O1  . SO4 B 2 .   ? 6.085   -15.903 3.619   0.78 28.20 ? 801 SO4 A O1  1 
HETATM 798 O O2  . SO4 B 2 .   ? 4.838   -15.355 5.599   0.78 22.26 ? 801 SO4 A O2  1 
HETATM 799 O O3  . SO4 B 2 .   ? 3.932   -14.854 3.431   0.78 29.54 ? 801 SO4 A O3  1 
HETATM 800 O O4  . SO4 B 2 .   ? 5.810   -13.610 4.258   0.78 24.02 ? 801 SO4 A O4  1 
HETATM 801 S S   . SO4 C 2 .   ? 7.520   -12.081 -3.969  0.68 51.43 ? 802 SO4 A S   1 
HETATM 802 O O1  . SO4 C 2 .   ? 6.494   -13.074 -3.609  0.68 48.35 ? 802 SO4 A O1  1 
HETATM 803 O O2  . SO4 C 2 .   ? 8.318   -12.589 -5.098  0.68 48.93 ? 802 SO4 A O2  1 
HETATM 804 O O3  . SO4 C 2 .   ? 8.401   -11.840 -2.815  0.68 47.00 ? 802 SO4 A O3  1 
HETATM 805 O O4  . SO4 C 2 .   ? 6.866   -10.821 -4.360  0.68 45.46 ? 802 SO4 A O4  1 
HETATM 806 C C42 A PE3 D 3 .   ? -9.853  7.666   -5.568  0.50 46.76 ? 803 PE3 A C42 1 
HETATM 807 C C42 B PE3 D 3 .   ? -12.839 1.246   -9.721  0.50 31.70 ? 803 PE3 A C42 1 
HETATM 808 C C41 A PE3 D 3 .   ? -11.347 7.872   -5.429  0.50 46.56 ? 803 PE3 A C41 1 
HETATM 809 C C41 B PE3 D 3 .   ? -11.360 1.365   -10.187 0.50 41.14 ? 803 PE3 A C41 1 
HETATM 810 O O40 A PE3 D 3 .   ? -11.979 7.378   -6.605  0.50 42.36 ? 803 PE3 A O40 1 
HETATM 811 O O40 B PE3 D 3 .   ? -10.861 2.683   -9.876  0.50 54.98 ? 803 PE3 A O40 1 
HETATM 812 C C39 A PE3 D 3 .   ? -13.377 7.583   -6.446  0.50 32.89 ? 803 PE3 A C39 1 
HETATM 813 C C39 B PE3 D 3 .   ? -9.463  2.829   -10.270 0.50 44.50 ? 803 PE3 A C39 1 
HETATM 814 C C38 A PE3 D 3 .   ? -14.134 7.069   -7.674  0.50 32.19 ? 803 PE3 A C38 1 
HETATM 815 C C38 B PE3 D 3 .   ? -8.926  4.252   -9.957  0.50 42.51 ? 803 PE3 A C38 1 
HETATM 816 O O37 A PE3 D 3 .   ? -13.921 5.678   -7.836  0.50 39.32 ? 803 PE3 A O37 1 
HETATM 817 O O37 B PE3 D 3 .   ? -8.025  4.258   -8.826  0.50 50.93 ? 803 PE3 A O37 1 
HETATM 818 C C36 A PE3 D 3 .   ? -14.634 5.218   -8.996  0.50 38.84 ? 803 PE3 A C36 1 
HETATM 819 C C36 B PE3 D 3 .   ? -7.592  5.600   -8.577  0.50 48.66 ? 803 PE3 A C36 1 
HETATM 820 C C35 A PE3 D 3 .   ? -14.406 3.692   -9.205  0.50 43.39 ? 803 PE3 A C35 1 
HETATM 821 C C35 B PE3 D 3 .   ? -6.697  5.511   -7.391  0.50 55.60 ? 803 PE3 A C35 1 
HETATM 822 O O34 A PE3 D 3 .   ? -13.006 3.430   -9.468  0.50 48.02 ? 803 PE3 A O34 1 
HETATM 823 O O34 B PE3 D 3 .   ? -7.158  6.403   -6.411  0.50 53.33 ? 803 PE3 A O34 1 
HETATM 824 C C33 A PE3 D 3 .   ? -12.798 2.011   -9.637  0.50 50.71 ? 803 PE3 A C33 1 
HETATM 825 C C33 B PE3 D 3 .   ? -6.281  6.170   -5.316  0.50 50.59 ? 803 PE3 A C33 1 
HETATM 826 C C32 A PE3 D 3 .   ? -11.302 1.725   -9.897  0.50 57.00 ? 803 PE3 A C32 1 
HETATM 827 C C32 B PE3 D 3 .   ? -6.659  7.078   -4.176  0.50 56.00 ? 803 PE3 A C32 1 
HETATM 828 O O31 A PE3 D 3 .   ? -10.533 2.931   -10.047 0.50 64.97 ? 803 PE3 A O31 1 
HETATM 829 O O31 B PE3 D 3 .   ? -8.036  7.297   -4.255  0.50 42.23 ? 803 PE3 A O31 1 
HETATM 830 C C30 A PE3 D 3 .   ? -9.186  2.558   -10.277 0.50 57.33 ? 803 PE3 A C30 1 
HETATM 831 C C30 B PE3 D 3 .   ? -8.425  8.188   -3.226  0.50 50.33 ? 803 PE3 A C30 1 
HETATM 832 C C29 A PE3 D 3 .   ? -8.305  3.790   -10.462 0.50 51.49 ? 803 PE3 A C29 1 
HETATM 833 C C29 B PE3 D 3 .   ? -9.918  8.384   -3.403  0.50 44.16 ? 803 PE3 A C29 1 
HETATM 834 O O28 A PE3 D 3 .   ? -8.272  4.552   -9.249  0.50 60.41 ? 803 PE3 A O28 1 
HETATM 835 O O28 B PE3 D 3 .   ? -10.228 8.250   -4.809  0.50 58.05 ? 803 PE3 A O28 1 
HETATM 836 C C27 A PE3 D 3 .   ? -7.407  5.666   -9.482  0.50 60.76 ? 803 PE3 A C27 1 
HETATM 837 C C27 B PE3 D 3 .   ? -11.635 8.412   -4.937  0.50 59.25 ? 803 PE3 A C27 1 
HETATM 838 C C26 A PE3 D 3 .   ? -7.282  6.515   -8.215  0.50 59.53 ? 803 PE3 A C26 1 
HETATM 839 C C26 B PE3 D 3 .   ? -12.068 8.263   -6.397  0.50 51.69 ? 803 PE3 A C26 1 
HETATM 840 O O25 A PE3 D 3 .   ? -6.893  5.720   -7.090  0.50 49.51 ? 803 PE3 A O25 1 
HETATM 841 O O25 B PE3 D 3 .   ? -13.156 7.354   -6.466  0.50 54.37 ? 803 PE3 A O25 1 
HETATM 842 C C24 A PE3 D 3 .   ? -6.761  6.636   -6.007  0.50 47.88 ? 803 PE3 A C24 1 
HETATM 843 C C24 B PE3 D 3 .   ? -13.533 7.242   -7.814  0.50 50.92 ? 803 PE3 A C24 1 
HETATM 844 C C23 A PE3 D 3 .   ? -6.333  5.919   -4.747  0.50 28.59 ? 803 PE3 A C23 1 
HETATM 845 C C23 B PE3 D 3 .   ? -14.677 6.264   -7.935  0.50 48.36 ? 803 PE3 A C23 1 
HETATM 846 O O22 A PE3 D 3 .   ? -7.060  6.349   -3.630  0.50 29.03 ? 803 PE3 A O22 1 
HETATM 847 O O22 B PE3 D 3 .   ? -14.874 5.966   -9.306  0.50 58.63 ? 803 PE3 A O22 1 
HETATM 848 C C18 A PE3 E 3 .   ? 5.848   -3.712  11.208  0.50 26.51 ? 804 PE3 A C18 1 
HETATM 849 C C18 B PE3 E 3 .   ? 9.026   -7.048  7.513   0.50 30.49 ? 804 PE3 A C18 1 
HETATM 850 C C17 A PE3 E 3 .   ? 6.908   -2.713  11.650  0.50 30.59 ? 804 PE3 A C17 1 
HETATM 851 C C17 B PE3 E 3 .   ? 7.992   -7.681  8.430   0.50 32.59 ? 804 PE3 A C17 1 
HETATM 852 O O16 A PE3 E 3 .   ? 7.374   -2.078  10.472  0.50 32.17 ? 804 PE3 A O16 1 
HETATM 853 O O16 B PE3 E 3 .   ? 7.502   -6.724  9.278   0.50 48.09 ? 804 PE3 A O16 1 
HETATM 854 C C15 A PE3 E 3 .   ? 8.370   -1.108  10.729  0.50 35.69 ? 804 PE3 A C15 1 
HETATM 855 C C15 B PE3 E 3 .   ? 6.647   -7.260  10.134  0.50 39.29 ? 804 PE3 A C15 1 
HETATM 856 C C14 A PE3 E 3 .   ? 8.778   -0.539  9.384   0.50 39.97 ? 804 PE3 A C14 1 
HETATM 857 C C14 B PE3 E 3 .   ? 6.149   -6.125  10.958  0.50 44.16 ? 804 PE3 A C14 1 
HETATM 858 O O13 A PE3 E 3 .   ? 9.510   -1.563  8.733   0.50 35.27 ? 804 PE3 A O13 1 
HETATM 859 O O13 B PE3 E 3 .   ? 5.280   -5.266  10.294  0.50 42.76 ? 804 PE3 A O13 1 
HETATM 860 C C12 A PE3 E 3 .   ? 9.873   -1.088  7.451   0.50 38.34 ? 804 PE3 A C12 1 
HETATM 861 C C12 B PE3 E 3 .   ? 4.927   -4.640  11.396  0.50 45.30 ? 804 PE3 A C12 1 
HETATM 862 C C11 A PE3 E 3 .   ? 10.680  -2.176  6.750   0.50 39.32 ? 804 PE3 A C11 1 
HETATM 863 C C11 B PE3 E 3 .   ? 3.956   -3.557  11.243  0.50 36.81 ? 804 PE3 A C11 1 
HETATM 864 O O10 A PE3 E 3 .   ? 10.007  -3.423  6.739   0.50 46.47 ? 804 PE3 A O10 1 
HETATM 865 O O10 B PE3 E 3 .   ? 3.620   -3.475  12.569  0.50 55.09 ? 804 PE3 A O10 1 
HETATM 866 C C9  A PE3 E 3 .   ? 10.882  -4.299  6.034   0.50 44.67 ? 804 PE3 A C9  1 
HETATM 867 C C9  B PE3 E 3 .   ? 2.715   -2.525  12.655  0.50 47.51 ? 804 PE3 A C9  1 
HETATM 868 C C8  A PE3 E 3 .   ? 10.345  -5.718  5.906   0.50 43.38 ? 804 PE3 A C8  1 
HETATM 869 C C8  B PE3 E 3 .   ? 2.340   -2.039  14.070  0.50 43.07 ? 804 PE3 A C8  1 
HETATM 870 O O7  A PE3 E 3 .   ? 9.645   -6.097  7.082   0.50 36.56 ? 804 PE3 A O7  1 
HETATM 871 O O7  B PE3 E 3 .   ? 1.571   -0.907  13.780  0.50 42.00 ? 804 PE3 A O7  1 
HETATM 872 C C6  A PE3 E 3 .   ? 9.167   -7.412  6.832   0.50 43.09 ? 804 PE3 A C6  1 
HETATM 873 C C6  B PE3 E 3 .   ? 1.085   -0.627  15.082  0.50 38.92 ? 804 PE3 A C6  1 
HETATM 874 C C5  A PE3 E 3 .   ? 8.399   -7.988  8.025   0.50 37.41 ? 804 PE3 A C5  1 
HETATM 875 C C5  B PE3 E 3 .   ? 0.055   0.345   14.522  0.50 35.24 ? 804 PE3 A C5  1 
HETATM 876 O O4  A PE3 E 3 .   ? 7.574   -6.991  8.611   0.50 41.88 ? 804 PE3 A O4  1 
HETATM 877 O O4  B PE3 E 3 .   ? -1.264  0.470   14.983  0.50 47.56 ? 804 PE3 A O4  1 
HETATM 878 C C30 . PE3 F 3 .   ? -5.736  1.962   11.973  1.00 34.15 ? 805 PE3 A C30 1 
HETATM 879 C C29 . PE3 F 3 .   ? -4.806  0.871   11.443  1.00 29.36 ? 805 PE3 A C29 1 
HETATM 880 O O28 . PE3 F 3 .   ? -5.015  -0.314  12.192  1.00 50.47 ? 805 PE3 A O28 1 
HETATM 881 C C27 . PE3 F 3 .   ? -4.134  -1.315  11.675  1.00 45.88 ? 805 PE3 A C27 1 
HETATM 882 C C26 . PE3 F 3 .   ? -4.309  -2.615  12.464  1.00 45.74 ? 805 PE3 A C26 1 
HETATM 883 O O25 . PE3 F 3 .   ? -5.516  -3.276  12.068  1.00 40.88 ? 805 PE3 A O25 1 
HETATM 884 O O31 . PE3 G 3 .   ? 1.699   14.993  3.880   1.00 50.40 ? 806 PE3 A O31 1 
HETATM 885 C C30 . PE3 G 3 .   ? 0.348   15.238  4.275   1.00 57.62 ? 806 PE3 A C30 1 
HETATM 886 C C29 . PE3 G 3 .   ? 0.012   14.385  5.499   1.00 54.33 ? 806 PE3 A C29 1 
HETATM 887 O O13 . PE3 H 3 .   ? -11.153 -1.354  10.488  1.00 59.47 ? 807 PE3 A O13 1 
HETATM 888 C C12 . PE3 H 3 .   ? -10.343 -0.935  9.338   1.00 70.00 ? 807 PE3 A C12 1 
HETATM 889 C C11 . PE3 H 3 .   ? -9.656  -2.096  8.686   1.00 70.00 ? 807 PE3 A C11 1 
HETATM 890 O O10 . PE3 H 3 .   ? -10.526 -2.776  7.733   1.00 70.00 ? 807 PE3 A O10 1 
HETATM 891 C C9  . PE3 H 3 .   ? -9.855  -3.974  7.215   1.00 60.73 ? 807 PE3 A C9  1 
HETATM 892 C C8  . PE3 H 3 .   ? -10.752 -4.800  6.240   1.00 47.28 ? 807 PE3 A C8  1 
HETATM 893 O O7  . PE3 H 3 .   ? -12.048 -5.157  6.898   1.00 47.96 ? 807 PE3 A O7  1 
HETATM 894 C C6  . PE3 H 3 .   ? -12.867 -5.931  5.960   1.00 41.01 ? 807 PE3 A C6  1 
HETATM 895 C C17 . PE3 I 3 .   ? -5.280  14.549  3.335   1.00 58.63 ? 808 PE3 A C17 1 
HETATM 896 O O16 . PE3 I 3 .   ? -6.027  13.968  2.235   1.00 54.73 ? 808 PE3 A O16 1 
HETATM 897 C C15 . PE3 I 3 .   ? -5.421  12.746  1.916   1.00 45.35 ? 808 PE3 A C15 1 
HETATM 898 C C14 . PE3 I 3 .   ? -6.169  12.137  0.772   1.00 57.04 ? 808 PE3 A C14 1 
HETATM 899 O O13 . PE3 I 3 .   ? -5.367  12.276  -0.419  1.00 62.42 ? 808 PE3 A O13 1 
HETATM 900 O O   . HOH J 4 .   ? 0.242   4.100   -10.851 1.00 28.96 ? 901 HOH A O   1 
HETATM 901 O O   . HOH J 4 .   ? -8.890  -9.202  -1.273  1.00 20.30 ? 902 HOH A O   1 
HETATM 902 O O   . HOH J 4 .   ? -10.413 3.937   2.367   1.00 16.15 ? 903 HOH A O   1 
HETATM 903 O O   . HOH J 4 .   ? -9.503  7.392   -0.018  1.00 29.58 ? 904 HOH A O   1 
HETATM 904 O O   . HOH J 4 .   ? 2.055   15.285  -1.820  1.00 29.15 ? 905 HOH A O   1 
HETATM 905 O O   . HOH J 4 .   ? -10.072 -4.935  2.838   1.00 17.01 ? 906 HOH A O   1 
HETATM 906 O O   . HOH J 4 .   ? -10.170 -0.028  -5.967  1.00 15.77 ? 907 HOH A O   1 
HETATM 907 O O   . HOH J 4 .   ? 12.508  -1.232  -9.092  1.00 23.51 ? 908 HOH A O   1 
HETATM 908 O O   . HOH J 4 .   ? -0.109  -10.762 4.578   1.00 23.04 ? 909 HOH A O   1 
HETATM 909 O O   . HOH J 4 .   ? -12.387 -3.788  3.754   1.00 22.10 ? 910 HOH A O   1 
HETATM 910 O O   . HOH J 4 .   ? 0.801   -12.230 -1.596  1.00 25.46 ? 911 HOH A O   1 
HETATM 911 O O   . HOH J 4 .   ? 7.377   15.918  3.011   1.00 34.42 ? 912 HOH A O   1 
HETATM 912 O O   . HOH J 4 .   ? 3.863   -11.387 10.835  1.00 38.02 ? 913 HOH A O   1 
HETATM 913 O O   . HOH J 4 .   ? -1.649  -6.025  10.791  1.00 32.41 ? 914 HOH A O   1 
HETATM 914 O O   . HOH J 4 .   ? -3.864  2.284   -8.746  1.00 24.43 ? 915 HOH A O   1 
HETATM 915 O O   . HOH J 4 .   ? 11.224  11.654  7.132   1.00 34.30 ? 916 HOH A O   1 
HETATM 916 O O   . HOH J 4 .   ? 2.034   8.141   -9.142  1.00 30.57 ? 917 HOH A O   1 
HETATM 917 O O   . HOH J 4 .   ? 0.550   -12.970 7.831   1.00 38.51 ? 918 HOH A O   1 
HETATM 918 O O   . HOH J 4 .   ? -1.635  -13.709 6.289   1.00 43.72 ? 919 HOH A O   1 
HETATM 919 O O   . HOH J 4 .   ? -7.028  4.961   9.658   1.00 24.68 ? 920 HOH A O   1 
HETATM 920 O O   . HOH J 4 .   ? 5.660   0.824   14.025  1.00 42.16 ? 921 HOH A O   1 
HETATM 921 O O   . HOH J 4 .   ? 3.707   13.289  -7.733  1.00 38.85 ? 922 HOH A O   1 
HETATM 922 O O   . HOH J 4 .   ? 9.054   -4.132  -2.119  1.00 18.66 ? 923 HOH A O   1 
HETATM 923 O O   . HOH J 4 .   ? 11.480  2.038   -0.089  1.00 24.59 ? 924 HOH A O   1 
HETATM 924 O O   . HOH J 4 .   ? 14.107  13.845  -5.400  1.00 33.15 ? 925 HOH A O   1 
HETATM 925 O O   . HOH J 4 .   ? 9.738   9.973   8.790   1.00 25.80 ? 926 HOH A O   1 
HETATM 926 O O   . HOH J 4 .   ? 10.857  14.258  6.165   1.00 35.57 ? 927 HOH A O   1 
HETATM 927 O O   . HOH J 4 .   ? 10.644  3.047   6.461   1.00 31.70 ? 928 HOH A O   1 
HETATM 928 O O   . HOH J 4 .   ? -4.761  -16.989 -2.727  1.00 33.39 ? 929 HOH A O   1 
HETATM 929 O O   . HOH J 4 .   ? -2.196  -14.734 3.433   1.00 50.91 ? 930 HOH A O   1 
HETATM 930 O O   . HOH J 4 .   ? 10.560  9.251   -7.876  1.00 27.75 ? 931 HOH A O   1 
HETATM 931 O O   . HOH J 4 .   ? -6.477  5.693   4.641   1.00 18.11 ? 932 HOH A O   1 
HETATM 932 O O   . HOH J 4 .   ? 3.481   -12.114 2.678   1.00 29.00 ? 933 HOH A O   1 
HETATM 933 O O   . HOH J 4 .   ? -5.764  6.389   7.092   1.00 23.04 ? 934 HOH A O   1 
HETATM 934 O O   . HOH J 4 .   ? -8.466  5.980   2.624   1.00 16.10 ? 935 HOH A O   1 
HETATM 935 O O   . HOH J 4 .   ? 12.919  2.859   -2.331  1.00 36.61 ? 936 HOH A O   1 
HETATM 936 O O   . HOH J 4 .   ? 2.090   6.321   14.946  1.00 45.99 ? 937 HOH A O   1 
HETATM 937 O O   . HOH J 4 .   ? 1.655   -15.637 5.062   1.00 44.85 ? 938 HOH A O   1 
HETATM 938 O O   . HOH J 4 .   ? -6.624  -14.191 8.620   1.00 47.48 ? 939 HOH A O   1 
HETATM 939 O O   . HOH J 4 .   ? -7.177  -2.055  9.947   1.00 32.19 ? 940 HOH A O   1 
HETATM 940 O O   . HOH J 4 .   ? 13.474  8.413   1.982   1.00 25.73 ? 941 HOH A O   1 
HETATM 941 O O   . HOH J 4 .   ? 8.530   -6.925  -7.446  1.00 21.42 ? 942 HOH A O   1 
HETATM 942 O O   . HOH J 4 .   ? 6.391   5.513   14.247  1.00 34.97 ? 943 HOH A O   1 
HETATM 943 O O   . HOH J 4 .   ? -13.574 -14.236 -0.160  1.00 31.06 ? 944 HOH A O   1 
HETATM 944 O O   . HOH J 4 .   ? 8.629   -14.381 4.794   1.00 26.40 ? 945 HOH A O   1 
HETATM 945 O O   . HOH J 4 .   ? -9.629  -11.240 -10.993 1.00 39.62 ? 946 HOH A O   1 
HETATM 946 O O   . HOH J 4 .   ? 5.541   9.679   -7.462  1.00 24.14 ? 947 HOH A O   1 
HETATM 947 O O   . HOH J 4 .   ? 12.924  10.631  -6.772  1.00 31.64 ? 948 HOH A O   1 
HETATM 948 O O   . HOH J 4 .   ? 0.225   -14.005 0.452   1.00 43.00 ? 949 HOH A O   1 
HETATM 949 O O   . HOH J 4 .   ? -5.410  -10.426 -10.821 1.00 27.58 ? 950 HOH A O   1 
HETATM 950 O O   . HOH J 4 .   ? -0.282  15.352  8.740   1.00 41.65 ? 951 HOH A O   1 
HETATM 951 O O   . HOH J 4 .   ? -8.457  -16.138 -0.767  1.00 48.58 ? 952 HOH A O   1 
HETATM 952 O O   . HOH J 4 .   ? -14.597 -1.111  9.883   1.00 30.08 ? 953 HOH A O   1 
HETATM 953 O O   . HOH J 4 .   ? 14.533  2.610   -8.329  1.00 35.24 ? 954 HOH A O   1 
HETATM 954 O O   . HOH J 4 .   ? 13.365  1.658   2.318   1.00 47.85 ? 955 HOH A O   1 
HETATM 955 O O   . HOH J 4 .   ? -13.331 -14.617 -8.702  1.00 49.77 ? 956 HOH A O   1 
HETATM 956 O O   . HOH J 4 .   ? 0.734   -12.503 2.692   1.00 33.89 ? 957 HOH A O   1 
HETATM 957 O O   . HOH J 4 .   ? -10.467 -16.969 -2.540  1.00 59.96 ? 958 HOH A O   1 
HETATM 958 O O   . HOH J 4 .   ? 2.528   17.913  -2.644  1.00 45.07 ? 959 HOH A O   1 
HETATM 959 O O   . HOH J 4 .   ? 11.853  -2.585  2.282   1.00 42.74 ? 960 HOH A O   1 
# 
loop_
_pdbx_poly_seq_scheme.asym_id 
_pdbx_poly_seq_scheme.entity_id 
_pdbx_poly_seq_scheme.seq_id 
_pdbx_poly_seq_scheme.mon_id 
_pdbx_poly_seq_scheme.ndb_seq_num 
_pdbx_poly_seq_scheme.pdb_seq_num 
_pdbx_poly_seq_scheme.auth_seq_num 
_pdbx_poly_seq_scheme.pdb_mon_id 
_pdbx_poly_seq_scheme.auth_mon_id 
_pdbx_poly_seq_scheme.pdb_strand_id 
_pdbx_poly_seq_scheme.pdb_ins_code 
_pdbx_poly_seq_scheme.hetero 
A 1 1   GLY 1   621 ?   ?   ?   A . n 
A 1 2   ASP 2   622 ?   ?   ?   A . n 
A 1 3   PHE 3   623 623 PHE PHE A . n 
A 1 4   VAL 4   624 624 VAL VAL A . n 
A 1 5   LYS 5   625 625 LYS LYS A . n 
A 1 6   PRO 6   626 626 PRO PRO A . n 
A 1 7   GLY 7   627 627 GLY GLY A . n 
A 1 8   SER 8   628 628 SER SER A . n 
A 1 9   LEU 9   629 629 LEU LEU A . n 
A 1 10  SER 10  630 630 SER SER A . n 
A 1 11  VAL 11  631 631 VAL VAL A . n 
A 1 12  LYS 12  632 632 LYS LYS A . n 
A 1 13  VAL 13  633 633 VAL VAL A . n 
A 1 14  THR 14  634 634 THR THR A . n 
A 1 15  ASP 15  635 635 ASP ASP A . n 
A 1 16  TRP 16  636 636 TRP TRP A . n 
A 1 17  GLY 17  637 637 GLY GLY A . n 
A 1 18  ASN 18  638 638 ASN ASN A . n 
A 1 19  THR 19  639 639 THR THR A . n 
A 1 20  GLU 20  640 640 GLU GLU A . n 
A 1 21  TYR 21  641 641 TYR TYR A . n 
A 1 22  ASP 22  642 642 ASP ASP A . n 
A 1 23  VAL 23  643 643 VAL VAL A . n 
A 1 24  THR 24  644 644 THR THR A . n 
A 1 25  LEU 25  645 645 LEU LEU A . n 
A 1 26  ASN 26  646 646 ASN ASN A . n 
A 1 27  LEU 27  647 647 LEU LEU A . n 
A 1 28  GLY 28  648 648 GLY GLY A . n 
A 1 29  GLY 29  649 649 GLY GLY A . n 
A 1 30  THR 30  650 650 THR THR A . n 
A 1 31  TYR 31  651 651 TYR TYR A . n 
A 1 32  ASP 32  652 652 ASP ASP A . n 
A 1 33  TRP 33  653 653 TRP TRP A . n 
A 1 34  VAL 34  654 654 VAL VAL A . n 
A 1 35  VAL 35  655 655 VAL VAL A . n 
A 1 36  LYS 36  656 656 LYS LYS A . n 
A 1 37  VAL 37  657 657 VAL VAL A . n 
A 1 38  LYS 38  658 658 LYS LYS A . n 
A 1 39  LEU 39  659 659 LEU LEU A . n 
A 1 40  LYS 40  660 660 LYS LYS A . n 
A 1 41  ASP 41  661 661 ASP ASP A . n 
A 1 42  GLY 42  662 662 GLY GLY A . n 
A 1 43  SER 43  663 663 SER SER A . n 
A 1 44  SER 44  664 664 SER SER A . n 
A 1 45  VAL 45  665 665 VAL VAL A . n 
A 1 46  SER 46  666 666 SER SER A . n 
A 1 47  SER 47  667 667 SER SER A . n 
A 1 48  PHE 48  668 668 PHE PHE A . n 
A 1 49  TRP 49  669 669 TRP TRP A . n 
A 1 50  SER 50  670 670 SER SER A . n 
A 1 51  ALA 51  671 671 ALA ALA A . n 
A 1 52  ASN 52  672 672 ASN ASN A . n 
A 1 53  LYS 53  673 673 LYS LYS A . n 
A 1 54  ALA 54  674 674 ALA ALA A . n 
A 1 55  GLU 55  675 675 GLU GLU A . n 
A 1 56  GLU 56  676 676 GLU GLU A . n 
A 1 57  GLY 57  677 677 GLY GLY A . n 
A 1 58  GLY 58  678 678 GLY GLY A . n 
A 1 59  TYR 59  679 679 TYR TYR A . n 
A 1 60  VAL 60  680 680 VAL VAL A . n 
A 1 61  VAL 61  681 681 VAL VAL A . n 
A 1 62  PHE 62  682 682 PHE PHE A . n 
A 1 63  THR 63  683 683 THR THR A . n 
A 1 64  PRO 64  684 684 PRO PRO A . n 
A 1 65  VAL 65  685 685 VAL VAL A . n 
A 1 66  SER 66  686 686 SER SER A . n 
A 1 67  TRP 67  687 687 TRP TRP A . n 
A 1 68  ASN 68  688 688 ASN ASN A . n 
A 1 69  ARG 69  689 689 ARG ARG A . n 
A 1 70  GLY 70  690 690 GLY GLY A . n 
A 1 71  PRO 71  691 691 PRO PRO A . n 
A 1 72  THR 72  692 692 THR THR A . n 
A 1 73  ALA 73  693 693 ALA ALA A . n 
A 1 74  THR 74  694 694 THR THR A . n 
A 1 75  PHE 75  695 695 PHE PHE A . n 
A 1 76  GLY 76  696 696 GLY GLY A . n 
A 1 77  PHE 77  697 697 PHE PHE A . n 
A 1 78  ILE 78  698 698 ILE ILE A . n 
A 1 79  ALA 79  699 699 ALA ALA A . n 
A 1 80  THR 80  700 700 THR THR A . n 
A 1 81  GLY 81  701 701 GLY GLY A . n 
A 1 82  SER 82  702 702 SER SER A . n 
A 1 83  GLU 83  703 703 GLU GLU A . n 
A 1 84  SER 84  704 704 SER SER A . n 
A 1 85  VAL 85  705 705 VAL VAL A . n 
A 1 86  GLU 86  706 706 GLU GLU A . n 
A 1 87  ALA 87  707 707 ALA ALA A . n 
A 1 88  ILE 88  708 708 ILE ILE A . n 
A 1 89  TYR 89  709 709 TYR TYR A . n 
A 1 90  LEU 90  710 710 LEU LEU A . n 
A 1 91  TYR 91  711 711 TYR TYR A . n 
A 1 92  VAL 92  712 712 VAL VAL A . n 
A 1 93  ASP 93  713 713 ASP ASP A . n 
A 1 94  GLY 94  714 714 GLY GLY A . n 
A 1 95  GLN 95  715 715 GLN GLN A . n 
A 1 96  LEU 96  716 716 LEU LEU A . n 
A 1 97  TRP 97  717 717 TRP TRP A . n 
A 1 98  ASP 98  718 718 ASP ASP A . n 
A 1 99  ALA 99  719 719 ALA ALA A . n 
A 1 100 TRP 100 720 720 TRP TRP A . n 
# 
loop_
_pdbx_nonpoly_scheme.asym_id 
_pdbx_nonpoly_scheme.entity_id 
_pdbx_nonpoly_scheme.mon_id 
_pdbx_nonpoly_scheme.ndb_seq_num 
_pdbx_nonpoly_scheme.pdb_seq_num 
_pdbx_nonpoly_scheme.auth_seq_num 
_pdbx_nonpoly_scheme.pdb_mon_id 
_pdbx_nonpoly_scheme.auth_mon_id 
_pdbx_nonpoly_scheme.pdb_strand_id 
_pdbx_nonpoly_scheme.pdb_ins_code 
B 2 SO4 1  801 1  SO4 SO4 A . 
C 2 SO4 1  802 2  SO4 SO4 A . 
D 3 PE3 1  803 11 PE3 PE3 A . 
E 3 PE3 1  804 12 PE3 PE3 A . 
F 3 PE3 1  805 13 PE3 PE3 A . 
G 3 PE3 1  806 14 PE3 PE3 A . 
H 3 PE3 1  807 15 PE3 PE3 A . 
I 3 PE3 1  808 16 PE3 PE3 A . 
J 4 HOH 1  901 34 HOH HOH A . 
J 4 HOH 2  902 6  HOH HOH A . 
J 4 HOH 3  903 2  HOH HOH A . 
J 4 HOH 4  904 39 HOH HOH A . 
J 4 HOH 5  905 20 HOH HOH A . 
J 4 HOH 6  906 5  HOH HOH A . 
J 4 HOH 7  907 1  HOH HOH A . 
J 4 HOH 8  908 17 HOH HOH A . 
J 4 HOH 9  909 9  HOH HOH A . 
J 4 HOH 10 910 8  HOH HOH A . 
J 4 HOH 11 911 22 HOH HOH A . 
J 4 HOH 12 912 31 HOH HOH A . 
J 4 HOH 13 913 47 HOH HOH A . 
J 4 HOH 14 914 23 HOH HOH A . 
J 4 HOH 15 915 11 HOH HOH A . 
J 4 HOH 16 916 30 HOH HOH A . 
J 4 HOH 17 917 35 HOH HOH A . 
J 4 HOH 18 918 54 HOH HOH A . 
J 4 HOH 19 919 43 HOH HOH A . 
J 4 HOH 20 920 13 HOH HOH A . 
J 4 HOH 21 921 56 HOH HOH A . 
J 4 HOH 22 922 36 HOH HOH A . 
J 4 HOH 23 923 3  HOH HOH A . 
J 4 HOH 24 924 25 HOH HOH A . 
J 4 HOH 25 925 46 HOH HOH A . 
J 4 HOH 26 926 18 HOH HOH A . 
J 4 HOH 27 927 44 HOH HOH A . 
J 4 HOH 28 928 24 HOH HOH A . 
J 4 HOH 29 929 26 HOH HOH A . 
J 4 HOH 30 930 51 HOH HOH A . 
J 4 HOH 31 931 27 HOH HOH A . 
J 4 HOH 32 932 7  HOH HOH A . 
J 4 HOH 33 933 28 HOH HOH A . 
J 4 HOH 34 934 12 HOH HOH A . 
J 4 HOH 35 935 4  HOH HOH A . 
J 4 HOH 36 936 58 HOH HOH A . 
J 4 HOH 37 937 55 HOH HOH A . 
J 4 HOH 38 938 48 HOH HOH A . 
J 4 HOH 39 939 57 HOH HOH A . 
J 4 HOH 40 940 32 HOH HOH A . 
J 4 HOH 41 941 10 HOH HOH A . 
J 4 HOH 42 942 15 HOH HOH A . 
J 4 HOH 43 943 45 HOH HOH A . 
J 4 HOH 44 944 16 HOH HOH A . 
J 4 HOH 45 945 21 HOH HOH A . 
J 4 HOH 46 946 37 HOH HOH A . 
J 4 HOH 47 947 14 HOH HOH A . 
J 4 HOH 48 948 19 HOH HOH A . 
J 4 HOH 49 949 53 HOH HOH A . 
J 4 HOH 50 950 29 HOH HOH A . 
J 4 HOH 51 951 41 HOH HOH A . 
J 4 HOH 52 952 33 HOH HOH A . 
J 4 HOH 53 953 38 HOH HOH A . 
J 4 HOH 54 954 49 HOH HOH A . 
J 4 HOH 55 955 52 HOH HOH A . 
J 4 HOH 56 956 59 HOH HOH A . 
J 4 HOH 57 957 40 HOH HOH A . 
J 4 HOH 58 958 60 HOH HOH A . 
J 4 HOH 59 959 50 HOH HOH A . 
J 4 HOH 60 960 42 HOH HOH A . 
# 
_pdbx_struct_assembly.id                   1 
_pdbx_struct_assembly.details              author_and_software_defined_assembly 
_pdbx_struct_assembly.method_details       PISA 
_pdbx_struct_assembly.oligomeric_details   monomeric 
_pdbx_struct_assembly.oligomeric_count     1 
# 
_pdbx_struct_assembly_gen.assembly_id       1 
_pdbx_struct_assembly_gen.oper_expression   1 
_pdbx_struct_assembly_gen.asym_id_list      A,B,C,D,E,F,G,H,I,J 
# 
loop_
_pdbx_struct_assembly_prop.biol_id 
_pdbx_struct_assembly_prop.type 
_pdbx_struct_assembly_prop.value 
_pdbx_struct_assembly_prop.details 
1 'ABSA (A^2)' 150  ? 
1 MORE         -11  ? 
1 'SSA (A^2)'  5080 ? 
# 
_pdbx_struct_oper_list.id                   1 
_pdbx_struct_oper_list.type                 'identity operation' 
_pdbx_struct_oper_list.name                 1_555 
_pdbx_struct_oper_list.symmetry_operation   x,y,z 
_pdbx_struct_oper_list.matrix[1][1]         1.0000000000 
_pdbx_struct_oper_list.matrix[1][2]         0.0000000000 
_pdbx_struct_oper_list.matrix[1][3]         0.0000000000 
_pdbx_struct_oper_list.vector[1]            0.0000000000 
_pdbx_struct_oper_list.matrix[2][1]         0.0000000000 
_pdbx_struct_oper_list.matrix[2][2]         1.0000000000 
_pdbx_struct_oper_list.matrix[2][3]         0.0000000000 
_pdbx_struct_oper_list.vector[2]            0.0000000000 
_pdbx_struct_oper_list.matrix[3][1]         0.0000000000 
_pdbx_struct_oper_list.matrix[3][2]         0.0000000000 
_pdbx_struct_oper_list.matrix[3][3]         1.0000000000 
_pdbx_struct_oper_list.vector[3]            0.0000000000 
# 
loop_
_pdbx_audit_revision_history.ordinal 
_pdbx_audit_revision_history.data_content_type 
_pdbx_audit_revision_history.major_revision 
_pdbx_audit_revision_history.minor_revision 
_pdbx_audit_revision_history.revision_date 
1 'Structure model' 1 0 2016-02-10 
2 'Structure model' 1 1 2020-02-19 
3 'Structure model' 1 2 2023-11-08 
# 
_pdbx_audit_revision_details.ordinal             1 
_pdbx_audit_revision_details.revision_ordinal    1 
_pdbx_audit_revision_details.data_content_type   'Structure model' 
_pdbx_audit_revision_details.provider            repository 
_pdbx_audit_revision_details.type                'Initial release' 
_pdbx_audit_revision_details.description         ? 
_pdbx_audit_revision_details.details             ? 
# 
loop_
_pdbx_audit_revision_group.ordinal 
_pdbx_audit_revision_group.revision_ordinal 
_pdbx_audit_revision_group.data_content_type 
_pdbx_audit_revision_group.group 
1 2 'Structure model' 'Data collection'        
2 2 'Structure model' 'Database references'    
3 2 'Structure model' 'Derived calculations'   
4 3 'Structure model' 'Data collection'        
5 3 'Structure model' 'Database references'    
6 3 'Structure model' 'Refinement description' 
# 
loop_
_pdbx_audit_revision_category.ordinal 
_pdbx_audit_revision_category.revision_ordinal 
_pdbx_audit_revision_category.data_content_type 
_pdbx_audit_revision_category.category 
1 2 'Structure model' citation                      
2 2 'Structure model' diffrn_source                 
3 2 'Structure model' pdbx_struct_oper_list         
4 3 'Structure model' chem_comp_atom                
5 3 'Structure model' chem_comp_bond                
6 3 'Structure model' database_2                    
7 3 'Structure model' pdbx_initial_refinement_model 
# 
loop_
_pdbx_audit_revision_item.ordinal 
_pdbx_audit_revision_item.revision_ordinal 
_pdbx_audit_revision_item.data_content_type 
_pdbx_audit_revision_item.item 
1 2 'Structure model' '_citation.journal_id_CSD'                  
2 2 'Structure model' '_diffrn_source.pdbx_synchrotron_site'      
3 2 'Structure model' '_pdbx_struct_oper_list.symmetry_operation' 
4 3 'Structure model' '_database_2.pdbx_DOI'                      
5 3 'Structure model' '_database_2.pdbx_database_accession'       
# 
_phasing.method   MR 
# 
loop_
_software.citation_id 
_software.classification 
_software.compiler_name 
_software.compiler_version 
_software.contact_author 
_software.contact_author_email 
_software.date 
_software.description 
_software.dependencies 
_software.hardware 
_software.language 
_software.location 
_software.mods 
_software.name 
_software.os 
_software.os_version 
_software.type 
_software.version 
_software.pdbx_ordinal 
? refinement        ? ? ? ? ? ? ? ? ? ? ? CNS         ? ? ? 1.3     1 
? 'data collection' ? ? ? ? ? ? ? ? ? ? ? DENZO       ? ? ? .       2 
? 'data scaling'    ? ? ? ? ? ? ? ? ? ? ? SCALEPACK   ? ? ? .       3 
? phasing           ? ? ? ? ? ? ? ? ? ? ? MOLREP      ? ? ? 11.0.05 4 
? 'data extraction' ? ? ? ? ? ? ? ? ? ? ? PDB_EXTRACT ? ? ? 3.15    5 
# 
loop_
_pdbx_unobs_or_zero_occ_atoms.id 
_pdbx_unobs_or_zero_occ_atoms.PDB_model_num 
_pdbx_unobs_or_zero_occ_atoms.polymer_flag 
_pdbx_unobs_or_zero_occ_atoms.occupancy_flag 
_pdbx_unobs_or_zero_occ_atoms.auth_asym_id 
_pdbx_unobs_or_zero_occ_atoms.auth_comp_id 
_pdbx_unobs_or_zero_occ_atoms.auth_seq_id 
_pdbx_unobs_or_zero_occ_atoms.PDB_ins_code 
_pdbx_unobs_or_zero_occ_atoms.auth_atom_id 
_pdbx_unobs_or_zero_occ_atoms.label_alt_id 
_pdbx_unobs_or_zero_occ_atoms.label_asym_id 
_pdbx_unobs_or_zero_occ_atoms.label_comp_id 
_pdbx_unobs_or_zero_occ_atoms.label_seq_id 
_pdbx_unobs_or_zero_occ_atoms.label_atom_id 
1   1 N 1 A PE3 803 ? O43 ? D PE3 1 O43 
2   1 N 1 A PE3 803 ? C21 ? D PE3 1 C21 
3   1 N 1 A PE3 803 ? C20 ? D PE3 1 C20 
4   1 N 1 A PE3 803 ? O19 ? D PE3 1 O19 
5   1 N 1 A PE3 803 ? C18 ? D PE3 1 C18 
6   1 N 1 A PE3 803 ? C17 ? D PE3 1 C17 
7   1 N 1 A PE3 803 ? O16 ? D PE3 1 O16 
8   1 N 1 A PE3 803 ? C15 ? D PE3 1 C15 
9   1 N 1 A PE3 803 ? C14 ? D PE3 1 C14 
10  1 N 1 A PE3 803 ? O13 ? D PE3 1 O13 
11  1 N 1 A PE3 803 ? C12 ? D PE3 1 C12 
12  1 N 1 A PE3 803 ? C11 ? D PE3 1 C11 
13  1 N 1 A PE3 803 ? O10 ? D PE3 1 O10 
14  1 N 1 A PE3 803 ? C9  ? D PE3 1 C9  
15  1 N 1 A PE3 803 ? C8  ? D PE3 1 C8  
16  1 N 1 A PE3 803 ? O7  ? D PE3 1 O7  
17  1 N 1 A PE3 803 ? C6  ? D PE3 1 C6  
18  1 N 1 A PE3 803 ? C5  ? D PE3 1 C5  
19  1 N 1 A PE3 803 ? O4  ? D PE3 1 O4  
20  1 N 1 A PE3 803 ? C3  ? D PE3 1 C3  
21  1 N 1 A PE3 803 ? C2  ? D PE3 1 C2  
22  1 N 1 A PE3 803 ? O1  ? D PE3 1 O1  
23  1 N 1 A PE3 804 ? O43 ? E PE3 1 O43 
24  1 N 1 A PE3 804 ? C42 ? E PE3 1 C42 
25  1 N 1 A PE3 804 ? C41 ? E PE3 1 C41 
26  1 N 1 A PE3 804 ? O40 ? E PE3 1 O40 
27  1 N 1 A PE3 804 ? C39 ? E PE3 1 C39 
28  1 N 1 A PE3 804 ? C38 ? E PE3 1 C38 
29  1 N 1 A PE3 804 ? O37 ? E PE3 1 O37 
30  1 N 1 A PE3 804 ? C36 ? E PE3 1 C36 
31  1 N 1 A PE3 804 ? C35 ? E PE3 1 C35 
32  1 N 1 A PE3 804 ? O34 ? E PE3 1 O34 
33  1 N 1 A PE3 804 ? C33 ? E PE3 1 C33 
34  1 N 1 A PE3 804 ? C32 ? E PE3 1 C32 
35  1 N 1 A PE3 804 ? O31 ? E PE3 1 O31 
36  1 N 1 A PE3 804 ? C30 ? E PE3 1 C30 
37  1 N 1 A PE3 804 ? C29 ? E PE3 1 C29 
38  1 N 1 A PE3 804 ? O28 ? E PE3 1 O28 
39  1 N 1 A PE3 804 ? C27 ? E PE3 1 C27 
40  1 N 1 A PE3 804 ? C26 ? E PE3 1 C26 
41  1 N 1 A PE3 804 ? O25 ? E PE3 1 O25 
42  1 N 1 A PE3 804 ? C24 ? E PE3 1 C24 
43  1 N 1 A PE3 804 ? C23 ? E PE3 1 C23 
44  1 N 1 A PE3 804 ? O22 ? E PE3 1 O22 
45  1 N 1 A PE3 804 ? C21 ? E PE3 1 C21 
46  1 N 1 A PE3 804 ? C20 ? E PE3 1 C20 
47  1 N 1 A PE3 804 ? O19 ? E PE3 1 O19 
48  1 N 1 A PE3 804 ? C3  ? E PE3 1 C3  
49  1 N 1 A PE3 804 ? C2  ? E PE3 1 C2  
50  1 N 1 A PE3 804 ? O1  ? E PE3 1 O1  
51  1 N 1 A PE3 805 ? O43 ? F PE3 1 O43 
52  1 N 1 A PE3 805 ? C42 ? F PE3 1 C42 
53  1 N 1 A PE3 805 ? C41 ? F PE3 1 C41 
54  1 N 1 A PE3 805 ? O40 ? F PE3 1 O40 
55  1 N 1 A PE3 805 ? C39 ? F PE3 1 C39 
56  1 N 1 A PE3 805 ? C38 ? F PE3 1 C38 
57  1 N 1 A PE3 805 ? O37 ? F PE3 1 O37 
58  1 N 1 A PE3 805 ? C36 ? F PE3 1 C36 
59  1 N 1 A PE3 805 ? C35 ? F PE3 1 C35 
60  1 N 1 A PE3 805 ? O34 ? F PE3 1 O34 
61  1 N 1 A PE3 805 ? C33 ? F PE3 1 C33 
62  1 N 1 A PE3 805 ? C32 ? F PE3 1 C32 
63  1 N 1 A PE3 805 ? O31 ? F PE3 1 O31 
64  1 N 1 A PE3 805 ? C24 ? F PE3 1 C24 
65  1 N 1 A PE3 805 ? C23 ? F PE3 1 C23 
66  1 N 1 A PE3 805 ? O22 ? F PE3 1 O22 
67  1 N 1 A PE3 805 ? C21 ? F PE3 1 C21 
68  1 N 1 A PE3 805 ? C20 ? F PE3 1 C20 
69  1 N 1 A PE3 805 ? O19 ? F PE3 1 O19 
70  1 N 1 A PE3 805 ? C18 ? F PE3 1 C18 
71  1 N 1 A PE3 805 ? C17 ? F PE3 1 C17 
72  1 N 1 A PE3 805 ? O16 ? F PE3 1 O16 
73  1 N 1 A PE3 805 ? C15 ? F PE3 1 C15 
74  1 N 1 A PE3 805 ? C14 ? F PE3 1 C14 
75  1 N 1 A PE3 805 ? O13 ? F PE3 1 O13 
76  1 N 1 A PE3 805 ? C12 ? F PE3 1 C12 
77  1 N 1 A PE3 805 ? C11 ? F PE3 1 C11 
78  1 N 1 A PE3 805 ? O10 ? F PE3 1 O10 
79  1 N 1 A PE3 805 ? C9  ? F PE3 1 C9  
80  1 N 1 A PE3 805 ? C8  ? F PE3 1 C8  
81  1 N 1 A PE3 805 ? O7  ? F PE3 1 O7  
82  1 N 1 A PE3 805 ? C6  ? F PE3 1 C6  
83  1 N 1 A PE3 805 ? C5  ? F PE3 1 C5  
84  1 N 1 A PE3 805 ? O4  ? F PE3 1 O4  
85  1 N 1 A PE3 805 ? C3  ? F PE3 1 C3  
86  1 N 1 A PE3 805 ? C2  ? F PE3 1 C2  
87  1 N 1 A PE3 805 ? O1  ? F PE3 1 O1  
88  1 N 1 A PE3 806 ? O43 ? G PE3 1 O43 
89  1 N 1 A PE3 806 ? C42 ? G PE3 1 C42 
90  1 N 1 A PE3 806 ? C41 ? G PE3 1 C41 
91  1 N 1 A PE3 806 ? O40 ? G PE3 1 O40 
92  1 N 1 A PE3 806 ? C39 ? G PE3 1 C39 
93  1 N 1 A PE3 806 ? C38 ? G PE3 1 C38 
94  1 N 1 A PE3 806 ? O37 ? G PE3 1 O37 
95  1 N 1 A PE3 806 ? C36 ? G PE3 1 C36 
96  1 N 1 A PE3 806 ? C35 ? G PE3 1 C35 
97  1 N 1 A PE3 806 ? O34 ? G PE3 1 O34 
98  1 N 1 A PE3 806 ? C33 ? G PE3 1 C33 
99  1 N 1 A PE3 806 ? C32 ? G PE3 1 C32 
100 1 N 1 A PE3 806 ? O28 ? G PE3 1 O28 
101 1 N 1 A PE3 806 ? C27 ? G PE3 1 C27 
102 1 N 1 A PE3 806 ? C26 ? G PE3 1 C26 
103 1 N 1 A PE3 806 ? O25 ? G PE3 1 O25 
104 1 N 1 A PE3 806 ? C24 ? G PE3 1 C24 
105 1 N 1 A PE3 806 ? C23 ? G PE3 1 C23 
106 1 N 1 A PE3 806 ? O22 ? G PE3 1 O22 
107 1 N 1 A PE3 806 ? C21 ? G PE3 1 C21 
108 1 N 1 A PE3 806 ? C20 ? G PE3 1 C20 
109 1 N 1 A PE3 806 ? O19 ? G PE3 1 O19 
110 1 N 1 A PE3 806 ? C18 ? G PE3 1 C18 
111 1 N 1 A PE3 806 ? C17 ? G PE3 1 C17 
112 1 N 1 A PE3 806 ? O16 ? G PE3 1 O16 
113 1 N 1 A PE3 806 ? C15 ? G PE3 1 C15 
114 1 N 1 A PE3 806 ? C14 ? G PE3 1 C14 
115 1 N 1 A PE3 806 ? O13 ? G PE3 1 O13 
116 1 N 1 A PE3 806 ? C12 ? G PE3 1 C12 
117 1 N 1 A PE3 806 ? C11 ? G PE3 1 C11 
118 1 N 1 A PE3 806 ? O10 ? G PE3 1 O10 
119 1 N 1 A PE3 806 ? C9  ? G PE3 1 C9  
120 1 N 1 A PE3 806 ? C8  ? G PE3 1 C8  
121 1 N 1 A PE3 806 ? O7  ? G PE3 1 O7  
122 1 N 1 A PE3 806 ? C6  ? G PE3 1 C6  
123 1 N 1 A PE3 806 ? C5  ? G PE3 1 C5  
124 1 N 1 A PE3 806 ? O4  ? G PE3 1 O4  
125 1 N 1 A PE3 806 ? C3  ? G PE3 1 C3  
126 1 N 1 A PE3 806 ? C2  ? G PE3 1 C2  
127 1 N 1 A PE3 806 ? O1  ? G PE3 1 O1  
128 1 N 1 A PE3 807 ? O43 ? H PE3 1 O43 
129 1 N 1 A PE3 807 ? C42 ? H PE3 1 C42 
130 1 N 1 A PE3 807 ? C41 ? H PE3 1 C41 
131 1 N 1 A PE3 807 ? O40 ? H PE3 1 O40 
132 1 N 1 A PE3 807 ? C39 ? H PE3 1 C39 
133 1 N 1 A PE3 807 ? C38 ? H PE3 1 C38 
134 1 N 1 A PE3 807 ? O37 ? H PE3 1 O37 
135 1 N 1 A PE3 807 ? C36 ? H PE3 1 C36 
136 1 N 1 A PE3 807 ? C35 ? H PE3 1 C35 
137 1 N 1 A PE3 807 ? O34 ? H PE3 1 O34 
138 1 N 1 A PE3 807 ? C33 ? H PE3 1 C33 
139 1 N 1 A PE3 807 ? C32 ? H PE3 1 C32 
140 1 N 1 A PE3 807 ? O31 ? H PE3 1 O31 
141 1 N 1 A PE3 807 ? C30 ? H PE3 1 C30 
142 1 N 1 A PE3 807 ? C29 ? H PE3 1 C29 
143 1 N 1 A PE3 807 ? O28 ? H PE3 1 O28 
144 1 N 1 A PE3 807 ? C27 ? H PE3 1 C27 
145 1 N 1 A PE3 807 ? C26 ? H PE3 1 C26 
146 1 N 1 A PE3 807 ? O25 ? H PE3 1 O25 
147 1 N 1 A PE3 807 ? C24 ? H PE3 1 C24 
148 1 N 1 A PE3 807 ? C23 ? H PE3 1 C23 
149 1 N 1 A PE3 807 ? O22 ? H PE3 1 O22 
150 1 N 1 A PE3 807 ? C21 ? H PE3 1 C21 
151 1 N 1 A PE3 807 ? C20 ? H PE3 1 C20 
152 1 N 1 A PE3 807 ? O19 ? H PE3 1 O19 
153 1 N 1 A PE3 807 ? C18 ? H PE3 1 C18 
154 1 N 1 A PE3 807 ? C17 ? H PE3 1 C17 
155 1 N 1 A PE3 807 ? O16 ? H PE3 1 O16 
156 1 N 1 A PE3 807 ? C15 ? H PE3 1 C15 
157 1 N 1 A PE3 807 ? C14 ? H PE3 1 C14 
158 1 N 1 A PE3 807 ? C5  ? H PE3 1 C5  
159 1 N 1 A PE3 807 ? O4  ? H PE3 1 O4  
160 1 N 1 A PE3 807 ? C3  ? H PE3 1 C3  
161 1 N 1 A PE3 807 ? C2  ? H PE3 1 C2  
162 1 N 1 A PE3 807 ? O1  ? H PE3 1 O1  
163 1 N 1 A PE3 808 ? O43 ? I PE3 1 O43 
164 1 N 1 A PE3 808 ? C42 ? I PE3 1 C42 
165 1 N 1 A PE3 808 ? C41 ? I PE3 1 C41 
166 1 N 1 A PE3 808 ? O40 ? I PE3 1 O40 
167 1 N 1 A PE3 808 ? C39 ? I PE3 1 C39 
168 1 N 1 A PE3 808 ? C38 ? I PE3 1 C38 
169 1 N 1 A PE3 808 ? O37 ? I PE3 1 O37 
170 1 N 1 A PE3 808 ? C36 ? I PE3 1 C36 
171 1 N 1 A PE3 808 ? C35 ? I PE3 1 C35 
172 1 N 1 A PE3 808 ? O34 ? I PE3 1 O34 
173 1 N 1 A PE3 808 ? C33 ? I PE3 1 C33 
174 1 N 1 A PE3 808 ? C32 ? I PE3 1 C32 
175 1 N 1 A PE3 808 ? O31 ? I PE3 1 O31 
176 1 N 1 A PE3 808 ? C30 ? I PE3 1 C30 
177 1 N 1 A PE3 808 ? C29 ? I PE3 1 C29 
178 1 N 1 A PE3 808 ? O28 ? I PE3 1 O28 
179 1 N 1 A PE3 808 ? C27 ? I PE3 1 C27 
180 1 N 1 A PE3 808 ? C26 ? I PE3 1 C26 
181 1 N 1 A PE3 808 ? O25 ? I PE3 1 O25 
182 1 N 1 A PE3 808 ? C24 ? I PE3 1 C24 
183 1 N 1 A PE3 808 ? C23 ? I PE3 1 C23 
184 1 N 1 A PE3 808 ? O22 ? I PE3 1 O22 
185 1 N 1 A PE3 808 ? C21 ? I PE3 1 C21 
186 1 N 1 A PE3 808 ? C20 ? I PE3 1 C20 
187 1 N 1 A PE3 808 ? O19 ? I PE3 1 O19 
188 1 N 1 A PE3 808 ? C18 ? I PE3 1 C18 
189 1 N 1 A PE3 808 ? C12 ? I PE3 1 C12 
190 1 N 1 A PE3 808 ? C11 ? I PE3 1 C11 
191 1 N 1 A PE3 808 ? O10 ? I PE3 1 O10 
192 1 N 1 A PE3 808 ? C9  ? I PE3 1 C9  
193 1 N 1 A PE3 808 ? C8  ? I PE3 1 C8  
194 1 N 1 A PE3 808 ? O7  ? I PE3 1 O7  
195 1 N 1 A PE3 808 ? C6  ? I PE3 1 C6  
196 1 N 1 A PE3 808 ? C5  ? I PE3 1 C5  
197 1 N 1 A PE3 808 ? O4  ? I PE3 1 O4  
198 1 N 1 A PE3 808 ? C3  ? I PE3 1 C3  
199 1 N 1 A PE3 808 ? C2  ? I PE3 1 C2  
200 1 N 1 A PE3 808 ? O1  ? I PE3 1 O1  
# 
loop_
_pdbx_unobs_or_zero_occ_residues.id 
_pdbx_unobs_or_zero_occ_residues.PDB_model_num 
_pdbx_unobs_or_zero_occ_residues.polymer_flag 
_pdbx_unobs_or_zero_occ_residues.occupancy_flag 
_pdbx_unobs_or_zero_occ_residues.auth_asym_id 
_pdbx_unobs_or_zero_occ_residues.auth_comp_id 
_pdbx_unobs_or_zero_occ_residues.auth_seq_id 
_pdbx_unobs_or_zero_occ_residues.PDB_ins_code 
_pdbx_unobs_or_zero_occ_residues.label_asym_id 
_pdbx_unobs_or_zero_occ_residues.label_comp_id 
_pdbx_unobs_or_zero_occ_residues.label_seq_id 
1 1 Y 1 A GLY 621 ? A GLY 1 
2 1 Y 1 A ASP 622 ? A ASP 2 
# 
loop_
_chem_comp_atom.comp_id 
_chem_comp_atom.atom_id 
_chem_comp_atom.type_symbol 
_chem_comp_atom.pdbx_aromatic_flag 
_chem_comp_atom.pdbx_stereo_config 
_chem_comp_atom.pdbx_ordinal 
ALA N    N N N 1   
ALA CA   C N S 2   
ALA C    C N N 3   
ALA O    O N N 4   
ALA CB   C N N 5   
ALA OXT  O N N 6   
ALA H    H N N 7   
ALA H2   H N N 8   
ALA HA   H N N 9   
ALA HB1  H N N 10  
ALA HB2  H N N 11  
ALA HB3  H N N 12  
ALA HXT  H N N 13  
ARG N    N N N 14  
ARG CA   C N S 15  
ARG C    C N N 16  
ARG O    O N N 17  
ARG CB   C N N 18  
ARG CG   C N N 19  
ARG CD   C N N 20  
ARG NE   N N N 21  
ARG CZ   C N N 22  
ARG NH1  N N N 23  
ARG NH2  N N N 24  
ARG OXT  O N N 25  
ARG H    H N N 26  
ARG H2   H N N 27  
ARG HA   H N N 28  
ARG HB2  H N N 29  
ARG HB3  H N N 30  
ARG HG2  H N N 31  
ARG HG3  H N N 32  
ARG HD2  H N N 33  
ARG HD3  H N N 34  
ARG HE   H N N 35  
ARG HH11 H N N 36  
ARG HH12 H N N 37  
ARG HH21 H N N 38  
ARG HH22 H N N 39  
ARG HXT  H N N 40  
ASN N    N N N 41  
ASN CA   C N S 42  
ASN C    C N N 43  
ASN O    O N N 44  
ASN CB   C N N 45  
ASN CG   C N N 46  
ASN OD1  O N N 47  
ASN ND2  N N N 48  
ASN OXT  O N N 49  
ASN H    H N N 50  
ASN H2   H N N 51  
ASN HA   H N N 52  
ASN HB2  H N N 53  
ASN HB3  H N N 54  
ASN HD21 H N N 55  
ASN HD22 H N N 56  
ASN HXT  H N N 57  
ASP N    N N N 58  
ASP CA   C N S 59  
ASP C    C N N 60  
ASP O    O N N 61  
ASP CB   C N N 62  
ASP CG   C N N 63  
ASP OD1  O N N 64  
ASP OD2  O N N 65  
ASP OXT  O N N 66  
ASP H    H N N 67  
ASP H2   H N N 68  
ASP HA   H N N 69  
ASP HB2  H N N 70  
ASP HB3  H N N 71  
ASP HD2  H N N 72  
ASP HXT  H N N 73  
GLN N    N N N 74  
GLN CA   C N S 75  
GLN C    C N N 76  
GLN O    O N N 77  
GLN CB   C N N 78  
GLN CG   C N N 79  
GLN CD   C N N 80  
GLN OE1  O N N 81  
GLN NE2  N N N 82  
GLN OXT  O N N 83  
GLN H    H N N 84  
GLN H2   H N N 85  
GLN HA   H N N 86  
GLN HB2  H N N 87  
GLN HB3  H N N 88  
GLN HG2  H N N 89  
GLN HG3  H N N 90  
GLN HE21 H N N 91  
GLN HE22 H N N 92  
GLN HXT  H N N 93  
GLU N    N N N 94  
GLU CA   C N S 95  
GLU C    C N N 96  
GLU O    O N N 97  
GLU CB   C N N 98  
GLU CG   C N N 99  
GLU CD   C N N 100 
GLU OE1  O N N 101 
GLU OE2  O N N 102 
GLU OXT  O N N 103 
GLU H    H N N 104 
GLU H2   H N N 105 
GLU HA   H N N 106 
GLU HB2  H N N 107 
GLU HB3  H N N 108 
GLU HG2  H N N 109 
GLU HG3  H N N 110 
GLU HE2  H N N 111 
GLU HXT  H N N 112 
GLY N    N N N 113 
GLY CA   C N N 114 
GLY C    C N N 115 
GLY O    O N N 116 
GLY OXT  O N N 117 
GLY H    H N N 118 
GLY H2   H N N 119 
GLY HA2  H N N 120 
GLY HA3  H N N 121 
GLY HXT  H N N 122 
HOH O    O N N 123 
HOH H1   H N N 124 
HOH H2   H N N 125 
ILE N    N N N 126 
ILE CA   C N S 127 
ILE C    C N N 128 
ILE O    O N N 129 
ILE CB   C N S 130 
ILE CG1  C N N 131 
ILE CG2  C N N 132 
ILE CD1  C N N 133 
ILE OXT  O N N 134 
ILE H    H N N 135 
ILE H2   H N N 136 
ILE HA   H N N 137 
ILE HB   H N N 138 
ILE HG12 H N N 139 
ILE HG13 H N N 140 
ILE HG21 H N N 141 
ILE HG22 H N N 142 
ILE HG23 H N N 143 
ILE HD11 H N N 144 
ILE HD12 H N N 145 
ILE HD13 H N N 146 
ILE HXT  H N N 147 
LEU N    N N N 148 
LEU CA   C N S 149 
LEU C    C N N 150 
LEU O    O N N 151 
LEU CB   C N N 152 
LEU CG   C N N 153 
LEU CD1  C N N 154 
LEU CD2  C N N 155 
LEU OXT  O N N 156 
LEU H    H N N 157 
LEU H2   H N N 158 
LEU HA   H N N 159 
LEU HB2  H N N 160 
LEU HB3  H N N 161 
LEU HG   H N N 162 
LEU HD11 H N N 163 
LEU HD12 H N N 164 
LEU HD13 H N N 165 
LEU HD21 H N N 166 
LEU HD22 H N N 167 
LEU HD23 H N N 168 
LEU HXT  H N N 169 
LYS N    N N N 170 
LYS CA   C N S 171 
LYS C    C N N 172 
LYS O    O N N 173 
LYS CB   C N N 174 
LYS CG   C N N 175 
LYS CD   C N N 176 
LYS CE   C N N 177 
LYS NZ   N N N 178 
LYS OXT  O N N 179 
LYS H    H N N 180 
LYS H2   H N N 181 
LYS HA   H N N 182 
LYS HB2  H N N 183 
LYS HB3  H N N 184 
LYS HG2  H N N 185 
LYS HG3  H N N 186 
LYS HD2  H N N 187 
LYS HD3  H N N 188 
LYS HE2  H N N 189 
LYS HE3  H N N 190 
LYS HZ1  H N N 191 
LYS HZ2  H N N 192 
LYS HZ3  H N N 193 
LYS HXT  H N N 194 
PE3 O43  O N N 195 
PE3 C42  C N N 196 
PE3 C41  C N N 197 
PE3 O40  O N N 198 
PE3 C39  C N N 199 
PE3 C38  C N N 200 
PE3 O37  O N N 201 
PE3 C36  C N N 202 
PE3 C35  C N N 203 
PE3 O34  O N N 204 
PE3 C33  C N N 205 
PE3 C32  C N N 206 
PE3 O31  O N N 207 
PE3 C30  C N N 208 
PE3 C29  C N N 209 
PE3 O28  O N N 210 
PE3 C27  C N N 211 
PE3 C26  C N N 212 
PE3 O25  O N N 213 
PE3 C24  C N N 214 
PE3 C23  C N N 215 
PE3 O22  O N N 216 
PE3 C21  C N N 217 
PE3 C20  C N N 218 
PE3 O19  O N N 219 
PE3 C18  C N N 220 
PE3 C17  C N N 221 
PE3 O16  O N N 222 
PE3 C15  C N N 223 
PE3 C14  C N N 224 
PE3 O13  O N N 225 
PE3 C12  C N N 226 
PE3 C11  C N N 227 
PE3 O10  O N N 228 
PE3 C9   C N N 229 
PE3 C8   C N N 230 
PE3 O7   O N N 231 
PE3 C6   C N N 232 
PE3 C5   C N N 233 
PE3 O4   O N N 234 
PE3 C3   C N N 235 
PE3 C2   C N N 236 
PE3 O1   O N N 237 
PE3 H43  H N N 238 
PE3 H421 H N N 239 
PE3 H422 H N N 240 
PE3 H411 H N N 241 
PE3 H412 H N N 242 
PE3 H391 H N N 243 
PE3 H392 H N N 244 
PE3 H381 H N N 245 
PE3 H382 H N N 246 
PE3 H361 H N N 247 
PE3 H362 H N N 248 
PE3 H351 H N N 249 
PE3 H352 H N N 250 
PE3 H331 H N N 251 
PE3 H332 H N N 252 
PE3 H321 H N N 253 
PE3 H322 H N N 254 
PE3 H301 H N N 255 
PE3 H302 H N N 256 
PE3 H291 H N N 257 
PE3 H292 H N N 258 
PE3 H271 H N N 259 
PE3 H272 H N N 260 
PE3 H261 H N N 261 
PE3 H262 H N N 262 
PE3 H241 H N N 263 
PE3 H242 H N N 264 
PE3 H231 H N N 265 
PE3 H232 H N N 266 
PE3 H211 H N N 267 
PE3 H212 H N N 268 
PE3 H201 H N N 269 
PE3 H202 H N N 270 
PE3 H181 H N N 271 
PE3 H182 H N N 272 
PE3 H171 H N N 273 
PE3 H172 H N N 274 
PE3 H151 H N N 275 
PE3 H152 H N N 276 
PE3 H141 H N N 277 
PE3 H142 H N N 278 
PE3 H121 H N N 279 
PE3 H122 H N N 280 
PE3 H111 H N N 281 
PE3 H112 H N N 282 
PE3 H91  H N N 283 
PE3 H92  H N N 284 
PE3 H81  H N N 285 
PE3 H82  H N N 286 
PE3 H61  H N N 287 
PE3 H62  H N N 288 
PE3 H51  H N N 289 
PE3 H52  H N N 290 
PE3 H31  H N N 291 
PE3 H32  H N N 292 
PE3 H21  H N N 293 
PE3 H22  H N N 294 
PE3 HO1  H N N 295 
PHE N    N N N 296 
PHE CA   C N S 297 
PHE C    C N N 298 
PHE O    O N N 299 
PHE CB   C N N 300 
PHE CG   C Y N 301 
PHE CD1  C Y N 302 
PHE CD2  C Y N 303 
PHE CE1  C Y N 304 
PHE CE2  C Y N 305 
PHE CZ   C Y N 306 
PHE OXT  O N N 307 
PHE H    H N N 308 
PHE H2   H N N 309 
PHE HA   H N N 310 
PHE HB2  H N N 311 
PHE HB3  H N N 312 
PHE HD1  H N N 313 
PHE HD2  H N N 314 
PHE HE1  H N N 315 
PHE HE2  H N N 316 
PHE HZ   H N N 317 
PHE HXT  H N N 318 
PRO N    N N N 319 
PRO CA   C N S 320 
PRO C    C N N 321 
PRO O    O N N 322 
PRO CB   C N N 323 
PRO CG   C N N 324 
PRO CD   C N N 325 
PRO OXT  O N N 326 
PRO H    H N N 327 
PRO HA   H N N 328 
PRO HB2  H N N 329 
PRO HB3  H N N 330 
PRO HG2  H N N 331 
PRO HG3  H N N 332 
PRO HD2  H N N 333 
PRO HD3  H N N 334 
PRO HXT  H N N 335 
SER N    N N N 336 
SER CA   C N S 337 
SER C    C N N 338 
SER O    O N N 339 
SER CB   C N N 340 
SER OG   O N N 341 
SER OXT  O N N 342 
SER H    H N N 343 
SER H2   H N N 344 
SER HA   H N N 345 
SER HB2  H N N 346 
SER HB3  H N N 347 
SER HG   H N N 348 
SER HXT  H N N 349 
SO4 S    S N N 350 
SO4 O1   O N N 351 
SO4 O2   O N N 352 
SO4 O3   O N N 353 
SO4 O4   O N N 354 
THR N    N N N 355 
THR CA   C N S 356 
THR C    C N N 357 
THR O    O N N 358 
THR CB   C N R 359 
THR OG1  O N N 360 
THR CG2  C N N 361 
THR OXT  O N N 362 
THR H    H N N 363 
THR H2   H N N 364 
THR HA   H N N 365 
THR HB   H N N 366 
THR HG1  H N N 367 
THR HG21 H N N 368 
THR HG22 H N N 369 
THR HG23 H N N 370 
THR HXT  H N N 371 
TRP N    N N N 372 
TRP CA   C N S 373 
TRP C    C N N 374 
TRP O    O N N 375 
TRP CB   C N N 376 
TRP CG   C Y N 377 
TRP CD1  C Y N 378 
TRP CD2  C Y N 379 
TRP NE1  N Y N 380 
TRP CE2  C Y N 381 
TRP CE3  C Y N 382 
TRP CZ2  C Y N 383 
TRP CZ3  C Y N 384 
TRP CH2  C Y N 385 
TRP OXT  O N N 386 
TRP H    H N N 387 
TRP H2   H N N 388 
TRP HA   H N N 389 
TRP HB2  H N N 390 
TRP HB3  H N N 391 
TRP HD1  H N N 392 
TRP HE1  H N N 393 
TRP HE3  H N N 394 
TRP HZ2  H N N 395 
TRP HZ3  H N N 396 
TRP HH2  H N N 397 
TRP HXT  H N N 398 
TYR N    N N N 399 
TYR CA   C N S 400 
TYR C    C N N 401 
TYR O    O N N 402 
TYR CB   C N N 403 
TYR CG   C Y N 404 
TYR CD1  C Y N 405 
TYR CD2  C Y N 406 
TYR CE1  C Y N 407 
TYR CE2  C Y N 408 
TYR CZ   C Y N 409 
TYR OH   O N N 410 
TYR OXT  O N N 411 
TYR H    H N N 412 
TYR H2   H N N 413 
TYR HA   H N N 414 
TYR HB2  H N N 415 
TYR HB3  H N N 416 
TYR HD1  H N N 417 
TYR HD2  H N N 418 
TYR HE1  H N N 419 
TYR HE2  H N N 420 
TYR HH   H N N 421 
TYR HXT  H N N 422 
VAL N    N N N 423 
VAL CA   C N S 424 
VAL C    C N N 425 
VAL O    O N N 426 
VAL CB   C N N 427 
VAL CG1  C N N 428 
VAL CG2  C N N 429 
VAL OXT  O N N 430 
VAL H    H N N 431 
VAL H2   H N N 432 
VAL HA   H N N 433 
VAL HB   H N N 434 
VAL HG11 H N N 435 
VAL HG12 H N N 436 
VAL HG13 H N N 437 
VAL HG21 H N N 438 
VAL HG22 H N N 439 
VAL HG23 H N N 440 
VAL HXT  H N N 441 
# 
loop_
_chem_comp_bond.comp_id 
_chem_comp_bond.atom_id_1 
_chem_comp_bond.atom_id_2 
_chem_comp_bond.value_order 
_chem_comp_bond.pdbx_aromatic_flag 
_chem_comp_bond.pdbx_stereo_config 
_chem_comp_bond.pdbx_ordinal 
ALA N   CA   sing N N 1   
ALA N   H    sing N N 2   
ALA N   H2   sing N N 3   
ALA CA  C    sing N N 4   
ALA CA  CB   sing N N 5   
ALA CA  HA   sing N N 6   
ALA C   O    doub N N 7   
ALA C   OXT  sing N N 8   
ALA CB  HB1  sing N N 9   
ALA CB  HB2  sing N N 10  
ALA CB  HB3  sing N N 11  
ALA OXT HXT  sing N N 12  
ARG N   CA   sing N N 13  
ARG N   H    sing N N 14  
ARG N   H2   sing N N 15  
ARG CA  C    sing N N 16  
ARG CA  CB   sing N N 17  
ARG CA  HA   sing N N 18  
ARG C   O    doub N N 19  
ARG C   OXT  sing N N 20  
ARG CB  CG   sing N N 21  
ARG CB  HB2  sing N N 22  
ARG CB  HB3  sing N N 23  
ARG CG  CD   sing N N 24  
ARG CG  HG2  sing N N 25  
ARG CG  HG3  sing N N 26  
ARG CD  NE   sing N N 27  
ARG CD  HD2  sing N N 28  
ARG CD  HD3  sing N N 29  
ARG NE  CZ   sing N N 30  
ARG NE  HE   sing N N 31  
ARG CZ  NH1  sing N N 32  
ARG CZ  NH2  doub N N 33  
ARG NH1 HH11 sing N N 34  
ARG NH1 HH12 sing N N 35  
ARG NH2 HH21 sing N N 36  
ARG NH2 HH22 sing N N 37  
ARG OXT HXT  sing N N 38  
ASN N   CA   sing N N 39  
ASN N   H    sing N N 40  
ASN N   H2   sing N N 41  
ASN CA  C    sing N N 42  
ASN CA  CB   sing N N 43  
ASN CA  HA   sing N N 44  
ASN C   O    doub N N 45  
ASN C   OXT  sing N N 46  
ASN CB  CG   sing N N 47  
ASN CB  HB2  sing N N 48  
ASN CB  HB3  sing N N 49  
ASN CG  OD1  doub N N 50  
ASN CG  ND2  sing N N 51  
ASN ND2 HD21 sing N N 52  
ASN ND2 HD22 sing N N 53  
ASN OXT HXT  sing N N 54  
ASP N   CA   sing N N 55  
ASP N   H    sing N N 56  
ASP N   H2   sing N N 57  
ASP CA  C    sing N N 58  
ASP CA  CB   sing N N 59  
ASP CA  HA   sing N N 60  
ASP C   O    doub N N 61  
ASP C   OXT  sing N N 62  
ASP CB  CG   sing N N 63  
ASP CB  HB2  sing N N 64  
ASP CB  HB3  sing N N 65  
ASP CG  OD1  doub N N 66  
ASP CG  OD2  sing N N 67  
ASP OD2 HD2  sing N N 68  
ASP OXT HXT  sing N N 69  
GLN N   CA   sing N N 70  
GLN N   H    sing N N 71  
GLN N   H2   sing N N 72  
GLN CA  C    sing N N 73  
GLN CA  CB   sing N N 74  
GLN CA  HA   sing N N 75  
GLN C   O    doub N N 76  
GLN C   OXT  sing N N 77  
GLN CB  CG   sing N N 78  
GLN CB  HB2  sing N N 79  
GLN CB  HB3  sing N N 80  
GLN CG  CD   sing N N 81  
GLN CG  HG2  sing N N 82  
GLN CG  HG3  sing N N 83  
GLN CD  OE1  doub N N 84  
GLN CD  NE2  sing N N 85  
GLN NE2 HE21 sing N N 86  
GLN NE2 HE22 sing N N 87  
GLN OXT HXT  sing N N 88  
GLU N   CA   sing N N 89  
GLU N   H    sing N N 90  
GLU N   H2   sing N N 91  
GLU CA  C    sing N N 92  
GLU CA  CB   sing N N 93  
GLU CA  HA   sing N N 94  
GLU C   O    doub N N 95  
GLU C   OXT  sing N N 96  
GLU CB  CG   sing N N 97  
GLU CB  HB2  sing N N 98  
GLU CB  HB3  sing N N 99  
GLU CG  CD   sing N N 100 
GLU CG  HG2  sing N N 101 
GLU CG  HG3  sing N N 102 
GLU CD  OE1  doub N N 103 
GLU CD  OE2  sing N N 104 
GLU OE2 HE2  sing N N 105 
GLU OXT HXT  sing N N 106 
GLY N   CA   sing N N 107 
GLY N   H    sing N N 108 
GLY N   H2   sing N N 109 
GLY CA  C    sing N N 110 
GLY CA  HA2  sing N N 111 
GLY CA  HA3  sing N N 112 
GLY C   O    doub N N 113 
GLY C   OXT  sing N N 114 
GLY OXT HXT  sing N N 115 
HOH O   H1   sing N N 116 
HOH O   H2   sing N N 117 
ILE N   CA   sing N N 118 
ILE N   H    sing N N 119 
ILE N   H2   sing N N 120 
ILE CA  C    sing N N 121 
ILE CA  CB   sing N N 122 
ILE CA  HA   sing N N 123 
ILE C   O    doub N N 124 
ILE C   OXT  sing N N 125 
ILE CB  CG1  sing N N 126 
ILE CB  CG2  sing N N 127 
ILE CB  HB   sing N N 128 
ILE CG1 CD1  sing N N 129 
ILE CG1 HG12 sing N N 130 
ILE CG1 HG13 sing N N 131 
ILE CG2 HG21 sing N N 132 
ILE CG2 HG22 sing N N 133 
ILE CG2 HG23 sing N N 134 
ILE CD1 HD11 sing N N 135 
ILE CD1 HD12 sing N N 136 
ILE CD1 HD13 sing N N 137 
ILE OXT HXT  sing N N 138 
LEU N   CA   sing N N 139 
LEU N   H    sing N N 140 
LEU N   H2   sing N N 141 
LEU CA  C    sing N N 142 
LEU CA  CB   sing N N 143 
LEU CA  HA   sing N N 144 
LEU C   O    doub N N 145 
LEU C   OXT  sing N N 146 
LEU CB  CG   sing N N 147 
LEU CB  HB2  sing N N 148 
LEU CB  HB3  sing N N 149 
LEU CG  CD1  sing N N 150 
LEU CG  CD2  sing N N 151 
LEU CG  HG   sing N N 152 
LEU CD1 HD11 sing N N 153 
LEU CD1 HD12 sing N N 154 
LEU CD1 HD13 sing N N 155 
LEU CD2 HD21 sing N N 156 
LEU CD2 HD22 sing N N 157 
LEU CD2 HD23 sing N N 158 
LEU OXT HXT  sing N N 159 
LYS N   CA   sing N N 160 
LYS N   H    sing N N 161 
LYS N   H2   sing N N 162 
LYS CA  C    sing N N 163 
LYS CA  CB   sing N N 164 
LYS CA  HA   sing N N 165 
LYS C   O    doub N N 166 
LYS C   OXT  sing N N 167 
LYS CB  CG   sing N N 168 
LYS CB  HB2  sing N N 169 
LYS CB  HB3  sing N N 170 
LYS CG  CD   sing N N 171 
LYS CG  HG2  sing N N 172 
LYS CG  HG3  sing N N 173 
LYS CD  CE   sing N N 174 
LYS CD  HD2  sing N N 175 
LYS CD  HD3  sing N N 176 
LYS CE  NZ   sing N N 177 
LYS CE  HE2  sing N N 178 
LYS CE  HE3  sing N N 179 
LYS NZ  HZ1  sing N N 180 
LYS NZ  HZ2  sing N N 181 
LYS NZ  HZ3  sing N N 182 
LYS OXT HXT  sing N N 183 
PE3 O43 C42  sing N N 184 
PE3 O43 H43  sing N N 185 
PE3 C42 C41  sing N N 186 
PE3 C42 H421 sing N N 187 
PE3 C42 H422 sing N N 188 
PE3 C41 O40  sing N N 189 
PE3 C41 H411 sing N N 190 
PE3 C41 H412 sing N N 191 
PE3 O40 C39  sing N N 192 
PE3 C39 C38  sing N N 193 
PE3 C39 H391 sing N N 194 
PE3 C39 H392 sing N N 195 
PE3 C38 O37  sing N N 196 
PE3 C38 H381 sing N N 197 
PE3 C38 H382 sing N N 198 
PE3 O37 C36  sing N N 199 
PE3 C36 C35  sing N N 200 
PE3 C36 H361 sing N N 201 
PE3 C36 H362 sing N N 202 
PE3 C35 O34  sing N N 203 
PE3 C35 H351 sing N N 204 
PE3 C35 H352 sing N N 205 
PE3 O34 C33  sing N N 206 
PE3 C33 C32  sing N N 207 
PE3 C33 H331 sing N N 208 
PE3 C33 H332 sing N N 209 
PE3 C32 O31  sing N N 210 
PE3 C32 H321 sing N N 211 
PE3 C32 H322 sing N N 212 
PE3 O31 C30  sing N N 213 
PE3 C30 C29  sing N N 214 
PE3 C30 H301 sing N N 215 
PE3 C30 H302 sing N N 216 
PE3 C29 O28  sing N N 217 
PE3 C29 H291 sing N N 218 
PE3 C29 H292 sing N N 219 
PE3 O28 C27  sing N N 220 
PE3 C27 C26  sing N N 221 
PE3 C27 H271 sing N N 222 
PE3 C27 H272 sing N N 223 
PE3 C26 O25  sing N N 224 
PE3 C26 H261 sing N N 225 
PE3 C26 H262 sing N N 226 
PE3 O25 C24  sing N N 227 
PE3 C24 C23  sing N N 228 
PE3 C24 H241 sing N N 229 
PE3 C24 H242 sing N N 230 
PE3 C23 O22  sing N N 231 
PE3 C23 H231 sing N N 232 
PE3 C23 H232 sing N N 233 
PE3 O22 C21  sing N N 234 
PE3 C21 C20  sing N N 235 
PE3 C21 H211 sing N N 236 
PE3 C21 H212 sing N N 237 
PE3 C20 O19  sing N N 238 
PE3 C20 H201 sing N N 239 
PE3 C20 H202 sing N N 240 
PE3 O19 C18  sing N N 241 
PE3 C18 C17  sing N N 242 
PE3 C18 H181 sing N N 243 
PE3 C18 H182 sing N N 244 
PE3 C17 O16  sing N N 245 
PE3 C17 H171 sing N N 246 
PE3 C17 H172 sing N N 247 
PE3 O16 C15  sing N N 248 
PE3 C15 C14  sing N N 249 
PE3 C15 H151 sing N N 250 
PE3 C15 H152 sing N N 251 
PE3 C14 O13  sing N N 252 
PE3 C14 H141 sing N N 253 
PE3 C14 H142 sing N N 254 
PE3 O13 C12  sing N N 255 
PE3 C12 C11  sing N N 256 
PE3 C12 H121 sing N N 257 
PE3 C12 H122 sing N N 258 
PE3 C11 O10  sing N N 259 
PE3 C11 H111 sing N N 260 
PE3 C11 H112 sing N N 261 
PE3 O10 C9   sing N N 262 
PE3 C9  C8   sing N N 263 
PE3 C9  H91  sing N N 264 
PE3 C9  H92  sing N N 265 
PE3 C8  O7   sing N N 266 
PE3 C8  H81  sing N N 267 
PE3 C8  H82  sing N N 268 
PE3 O7  C6   sing N N 269 
PE3 C6  C5   sing N N 270 
PE3 C6  H61  sing N N 271 
PE3 C6  H62  sing N N 272 
PE3 C5  O4   sing N N 273 
PE3 C5  H51  sing N N 274 
PE3 C5  H52  sing N N 275 
PE3 O4  C3   sing N N 276 
PE3 C3  C2   sing N N 277 
PE3 C3  H31  sing N N 278 
PE3 C3  H32  sing N N 279 
PE3 C2  O1   sing N N 280 
PE3 C2  H21  sing N N 281 
PE3 C2  H22  sing N N 282 
PE3 O1  HO1  sing N N 283 
PHE N   CA   sing N N 284 
PHE N   H    sing N N 285 
PHE N   H2   sing N N 286 
PHE CA  C    sing N N 287 
PHE CA  CB   sing N N 288 
PHE CA  HA   sing N N 289 
PHE C   O    doub N N 290 
PHE C   OXT  sing N N 291 
PHE CB  CG   sing N N 292 
PHE CB  HB2  sing N N 293 
PHE CB  HB3  sing N N 294 
PHE CG  CD1  doub Y N 295 
PHE CG  CD2  sing Y N 296 
PHE CD1 CE1  sing Y N 297 
PHE CD1 HD1  sing N N 298 
PHE CD2 CE2  doub Y N 299 
PHE CD2 HD2  sing N N 300 
PHE CE1 CZ   doub Y N 301 
PHE CE1 HE1  sing N N 302 
PHE CE2 CZ   sing Y N 303 
PHE CE2 HE2  sing N N 304 
PHE CZ  HZ   sing N N 305 
PHE OXT HXT  sing N N 306 
PRO N   CA   sing N N 307 
PRO N   CD   sing N N 308 
PRO N   H    sing N N 309 
PRO CA  C    sing N N 310 
PRO CA  CB   sing N N 311 
PRO CA  HA   sing N N 312 
PRO C   O    doub N N 313 
PRO C   OXT  sing N N 314 
PRO CB  CG   sing N N 315 
PRO CB  HB2  sing N N 316 
PRO CB  HB3  sing N N 317 
PRO CG  CD   sing N N 318 
PRO CG  HG2  sing N N 319 
PRO CG  HG3  sing N N 320 
PRO CD  HD2  sing N N 321 
PRO CD  HD3  sing N N 322 
PRO OXT HXT  sing N N 323 
SER N   CA   sing N N 324 
SER N   H    sing N N 325 
SER N   H2   sing N N 326 
SER CA  C    sing N N 327 
SER CA  CB   sing N N 328 
SER CA  HA   sing N N 329 
SER C   O    doub N N 330 
SER C   OXT  sing N N 331 
SER CB  OG   sing N N 332 
SER CB  HB2  sing N N 333 
SER CB  HB3  sing N N 334 
SER OG  HG   sing N N 335 
SER OXT HXT  sing N N 336 
SO4 S   O1   doub N N 337 
SO4 S   O2   doub N N 338 
SO4 S   O3   sing N N 339 
SO4 S   O4   sing N N 340 
THR N   CA   sing N N 341 
THR N   H    sing N N 342 
THR N   H2   sing N N 343 
THR CA  C    sing N N 344 
THR CA  CB   sing N N 345 
THR CA  HA   sing N N 346 
THR C   O    doub N N 347 
THR C   OXT  sing N N 348 
THR CB  OG1  sing N N 349 
THR CB  CG2  sing N N 350 
THR CB  HB   sing N N 351 
THR OG1 HG1  sing N N 352 
THR CG2 HG21 sing N N 353 
THR CG2 HG22 sing N N 354 
THR CG2 HG23 sing N N 355 
THR OXT HXT  sing N N 356 
TRP N   CA   sing N N 357 
TRP N   H    sing N N 358 
TRP N   H2   sing N N 359 
TRP CA  C    sing N N 360 
TRP CA  CB   sing N N 361 
TRP CA  HA   sing N N 362 
TRP C   O    doub N N 363 
TRP C   OXT  sing N N 364 
TRP CB  CG   sing N N 365 
TRP CB  HB2  sing N N 366 
TRP CB  HB3  sing N N 367 
TRP CG  CD1  doub Y N 368 
TRP CG  CD2  sing Y N 369 
TRP CD1 NE1  sing Y N 370 
TRP CD1 HD1  sing N N 371 
TRP CD2 CE2  doub Y N 372 
TRP CD2 CE3  sing Y N 373 
TRP NE1 CE2  sing Y N 374 
TRP NE1 HE1  sing N N 375 
TRP CE2 CZ2  sing Y N 376 
TRP CE3 CZ3  doub Y N 377 
TRP CE3 HE3  sing N N 378 
TRP CZ2 CH2  doub Y N 379 
TRP CZ2 HZ2  sing N N 380 
TRP CZ3 CH2  sing Y N 381 
TRP CZ3 HZ3  sing N N 382 
TRP CH2 HH2  sing N N 383 
TRP OXT HXT  sing N N 384 
TYR N   CA   sing N N 385 
TYR N   H    sing N N 386 
TYR N   H2   sing N N 387 
TYR CA  C    sing N N 388 
TYR CA  CB   sing N N 389 
TYR CA  HA   sing N N 390 
TYR C   O    doub N N 391 
TYR C   OXT  sing N N 392 
TYR CB  CG   sing N N 393 
TYR CB  HB2  sing N N 394 
TYR CB  HB3  sing N N 395 
TYR CG  CD1  doub Y N 396 
TYR CG  CD2  sing Y N 397 
TYR CD1 CE1  sing Y N 398 
TYR CD1 HD1  sing N N 399 
TYR CD2 CE2  doub Y N 400 
TYR CD2 HD2  sing N N 401 
TYR CE1 CZ   doub Y N 402 
TYR CE1 HE1  sing N N 403 
TYR CE2 CZ   sing Y N 404 
TYR CE2 HE2  sing N N 405 
TYR CZ  OH   sing N N 406 
TYR OH  HH   sing N N 407 
TYR OXT HXT  sing N N 408 
VAL N   CA   sing N N 409 
VAL N   H    sing N N 410 
VAL N   H2   sing N N 411 
VAL CA  C    sing N N 412 
VAL CA  CB   sing N N 413 
VAL CA  HA   sing N N 414 
VAL C   O    doub N N 415 
VAL C   OXT  sing N N 416 
VAL CB  CG1  sing N N 417 
VAL CB  CG2  sing N N 418 
VAL CB  HB   sing N N 419 
VAL CG1 HG11 sing N N 420 
VAL CG1 HG12 sing N N 421 
VAL CG1 HG13 sing N N 422 
VAL CG2 HG21 sing N N 423 
VAL CG2 HG22 sing N N 424 
VAL CG2 HG23 sing N N 425 
VAL OXT HXT  sing N N 426 
# 
_pdbx_audit_support.funding_organization   'CREST, JST' 
_pdbx_audit_support.country                Japan 
_pdbx_audit_support.grant_number           ? 
_pdbx_audit_support.ordinal                1 
# 
loop_
_pdbx_entity_nonpoly.entity_id 
_pdbx_entity_nonpoly.name 
_pdbx_entity_nonpoly.comp_id 
2 'SULFATE ION'                                                           SO4 
3 3,6,9,12,15,18,21,24,27,30,33,36,39-TRIDECAOXAHENTETRACONTANE-1,41-DIOL PE3 
4 water                                                                   HOH 
# 
_pdbx_initial_refinement_model.id               1 
_pdbx_initial_refinement_model.entity_id_list   ? 
_pdbx_initial_refinement_model.type             'experimental model' 
_pdbx_initial_refinement_model.source_name      PDB 
_pdbx_initial_refinement_model.accession_code   5DHE 
_pdbx_initial_refinement_model.details          ? 
# 
